data_7B2P
#
_entry.id   7B2P
#
_cell.length_a   1.00
_cell.length_b   1.00
_cell.length_c   1.00
_cell.angle_alpha   90.00
_cell.angle_beta   90.00
_cell.angle_gamma   90.00
#
_symmetry.space_group_name_H-M   'P 1'
#
loop_
_entity.id
_entity.type
_entity.pdbx_description
1 polymer 'Complement C4 beta chain'
2 polymer 'Complement C4 alpha chain'
3 polymer 'Complement C4 gamma chain'
4 polymer 'Nanobody B5'
5 branched 2-acetamido-2-deoxy-beta-D-glucopyranose-(1-4)-2-acetamido-2-deoxy-beta-D-glucopyranose
6 non-polymer 2-acetamido-2-deoxy-beta-D-glucopyranose
#
loop_
_entity_poly.entity_id
_entity_poly.type
_entity_poly.pdbx_seq_one_letter_code
_entity_poly.pdbx_strand_id
1 'polypeptide(L)'
;KPRLLLFSPSVVHLGVPLSVGVQLQDVPRGQVVKGSVFLRNPSRNNVPCSPKVDFTLSSERDFALLSLQVPLKDAKSCGL
HQLLRGPEVQLVAHSPWLKDSLSRTTNIQGINLLFSSRRGHLFLQTDQPIYNPGQRVRYRVFALDQKMRPSTDTITVMVE
NSHGLRVRKKEVYMPSSIFQDDFVIPDISEPGTWKISARFSDGLESNSSTQFEVKKYVLPNFEVKITPGKPYILTVPGHL
DEMQLDIQARYIYGKPVQGVAYVRFGLLDEDGKKTFFRGLESQTKLVNGQSHISLSKAEFQDALEKLNMGITDLQGLRLY
VAAAIIESPGGEMEEAELTSWYFVSSPFSLDLSKTKRHLVPGAPFLLQALVREMSGSPASGIPVKVSATVSSPGSVPEVQ
DIQQNTDGSGQVSIPIIIPQTISELQLSVSAGSPHPAIARLTVAAPPSGGPGFLSIERPDSRPPRVGDTLNLNLRAVGSG
ATFSHYYYMILSRGQIVFMNREPKRTLTSVSVFVDHHLAPSFYFVAFYYHGDHPVANSLRVDVQAGACEGKLELSVDGAK
QYRNGESVKLHLETDSLALVALGALDTALYAAGSKSHKPLNMGKVFEAMNSYDLGCGPGGGDSALQVFQAAGLAFSDGDQ
WTLSRKRLSCPKEKTT
;
A
2 'polypeptide(L)'
;NVNFQKAINEKLGQYASPTAKRCCQDGVTRLPMMRSCEQRAARVQQPDCREPFLSCCQFAESLRKKSRDKGQAGLQRALE
ILQEEDLIDEDDIPVRSFFPENWLWRVETVDRFQILTLWLPDSLTTWEIHGLSLSKTKGLCVATPVQLRVFREFHLHLRL
PMSVRRFEQLELRPVLYNYLDKNLTVSVHVSPVEGLCLAGGGGLAQQVLVPAGSARPVAFSVVPTAAAAVSLKVVARGSF
EFPVGDAVSKVLQIEKEGAIHREELVYELNPLDHRGRTLEIPGNSDPNMIPDGDFNSYVRVTASDPLDTLGSEGALSPGG
VASLLRLPRGCGEQTMIYLAPTLAASRYLDKTEQWSTLPPETKDHAVDLIQKGYMRIQQFRKADGSYAAWLSRDSSTWLT
AFVLKVLSLAQEQVGGSPEKLQETSNWLLSQQQADGSFQDPCPVLDRSMQGGLVGNDETVALTAFVTIALHHGLAVFQDE
GAEPLKQRVEASISKANSFLGEKASAGLLGAHAAAITAYALSLTKAPVDLLGVAHNNLMAMAQETGDNLYWGSVTGSQSN
AVSPTPAPRNPSDPMPQAPALWIETTAYALLHLLLHEGKAEMADQASAWLTRQGSFQGGFRSTQDTVIALDALSAYWIAS
HTTEERGLNVTLSSTGRNGFKSHALQLNNRQIRGLEEELQFSLGSKINVKVGGNSKGTLKVLRTYNVLDMKNTTCQDLQI
EVTVKGHVEYTMEANEDYEDYEYDELPAKDDPDAPLQPVTPLQLFEG
;
B
3 'polypeptide(L)'
;EAPKVVEEQESRVHYTVCIWRNGKVGLSGMAIADVTLLSGFHALRADLEKLTSLSDRYVSHFETEGPHVLLYFDSVPTSR
ECVGFEAVQEVPVGLVQPASATLYDYYNPERRCSVFYGAPSKSRLLATLCSAEVCQCAEGKCPRQRRALERGLQDEDGYR
MKFACYYPRVEYGFQVKVLREDSRAAFRLFETKITQVLHFTKDVKAAANQMRNFLVRASCRLRLEPGKEYLIMGLDGATY
DLEGHPQYLLDSNSWIEEMPSERLCRSTRQRAACAQLNDFLQEYGTQGCQV
;
C
4 'polypeptide(L)'
;EVQLVESGGGLVQPGGSLRLSCAASGFTFSSYHMSWVRQAPGKGLEWISVINDSGDLTRYADSVKGRFTISRDNAKNTLY
LQMNSLQPEDTAVYSCLKSSDFYSYSNADSRGQGTQVTVSSHGSGLVPRGSGGGHHHHHH
;
D
#
loop_
_chem_comp.id
_chem_comp.type
_chem_comp.name
_chem_comp.formula
NAG D-saccharide, beta linking 2-acetamido-2-deoxy-beta-D-glucopyranose 'C8 H15 N O6'
#
# COMPACT_ATOMS: atom_id res chain seq x y z
N LYS A 1 -13.85 47.30 17.38
CA LYS A 1 -12.79 46.30 17.50
C LYS A 1 -12.70 45.46 16.24
N PRO A 2 -12.23 46.07 15.15
CA PRO A 2 -12.11 45.31 13.90
C PRO A 2 -11.17 44.13 14.06
N ARG A 3 -11.48 43.06 13.34
CA ARG A 3 -10.71 41.83 13.44
C ARG A 3 -10.53 41.23 12.06
N LEU A 4 -9.44 40.49 11.89
CA LEU A 4 -9.15 39.79 10.64
C LEU A 4 -9.05 38.32 10.92
N LEU A 5 -9.75 37.51 10.12
CA LEU A 5 -9.77 36.07 10.29
C LEU A 5 -8.95 35.42 9.19
N LEU A 6 -8.26 34.34 9.54
CA LEU A 6 -7.34 33.65 8.64
C LEU A 6 -7.69 32.16 8.66
N PHE A 7 -8.12 31.63 7.52
CA PHE A 7 -8.57 30.26 7.41
C PHE A 7 -7.73 29.51 6.39
N SER A 8 -7.39 28.27 6.71
CA SER A 8 -6.70 27.37 5.80
C SER A 8 -6.74 25.97 6.39
N PRO A 9 -6.67 24.94 5.54
CA PRO A 9 -6.69 23.57 6.08
C PRO A 9 -5.52 23.34 7.02
N SER A 10 -5.75 22.47 8.01
CA SER A 10 -4.76 22.24 9.04
C SER A 10 -3.48 21.61 8.52
N VAL A 11 -3.48 21.09 7.29
CA VAL A 11 -2.31 20.47 6.70
C VAL A 11 -2.09 21.07 5.32
N VAL A 12 -0.87 21.50 5.03
CA VAL A 12 -0.48 22.02 3.73
C VAL A 12 0.37 20.98 3.03
N HIS A 13 -0.04 20.59 1.83
CA HIS A 13 0.66 19.56 1.07
C HIS A 13 1.60 20.22 0.07
N LEU A 14 2.86 19.84 0.12
CA LEU A 14 3.87 20.46 -0.73
C LEU A 14 3.60 20.18 -2.20
N GLY A 15 3.82 21.20 -3.03
CA GLY A 15 3.68 21.06 -4.46
C GLY A 15 2.29 21.36 -5.00
N VAL A 16 1.31 21.61 -4.15
CA VAL A 16 -0.05 21.89 -4.60
C VAL A 16 -0.57 23.16 -3.91
N PRO A 17 -1.41 23.94 -4.57
CA PRO A 17 -1.87 25.20 -3.96
C PRO A 17 -2.62 24.95 -2.65
N LEU A 18 -2.48 25.90 -1.74
CA LEU A 18 -3.14 25.86 -0.45
C LEU A 18 -4.24 26.91 -0.44
N SER A 19 -5.48 26.49 -0.22
CA SER A 19 -6.62 27.40 -0.23
C SER A 19 -6.70 28.11 1.10
N VAL A 20 -6.53 29.43 1.08
CA VAL A 20 -6.54 30.25 2.27
C VAL A 20 -7.69 31.24 2.16
N GLY A 21 -8.50 31.34 3.21
CA GLY A 21 -9.64 32.23 3.24
C GLY A 21 -9.45 33.30 4.31
N VAL A 22 -9.79 34.54 3.95
CA VAL A 22 -9.68 35.67 4.87
C VAL A 22 -10.91 36.53 4.69
N GLN A 23 -11.45 37.03 5.79
CA GLN A 23 -12.61 37.91 5.75
C GLN A 23 -12.57 38.87 6.91
N LEU A 24 -12.86 40.13 6.62
CA LEU A 24 -12.84 41.18 7.64
C LEU A 24 -14.02 41.03 8.59
N GLN A 25 -13.82 41.44 9.84
CA GLN A 25 -14.84 41.34 10.86
C GLN A 25 -14.99 42.68 11.57
N ASP A 26 -16.22 43.20 11.61
CA ASP A 26 -16.54 44.41 12.36
C ASP A 26 -15.66 45.58 11.92
N VAL A 27 -15.78 45.96 10.65
CA VAL A 27 -15.02 47.07 10.10
C VAL A 27 -15.85 48.34 10.23
N PRO A 28 -15.24 49.52 10.35
CA PRO A 28 -16.04 50.75 10.39
C PRO A 28 -16.64 51.14 9.06
N ARG A 29 -16.51 50.27 8.05
CA ARG A 29 -17.15 50.47 6.75
C ARG A 29 -16.40 51.52 5.92
N GLY A 30 -15.42 52.20 6.52
CA GLY A 30 -14.79 53.33 5.87
C GLY A 30 -13.33 53.13 5.50
N GLN A 31 -12.79 51.93 5.72
CA GLN A 31 -11.39 51.68 5.44
C GLN A 31 -11.22 50.31 4.82
N VAL A 32 -10.16 50.19 4.01
CA VAL A 32 -9.82 48.94 3.33
C VAL A 32 -8.52 48.42 3.94
N VAL A 33 -8.36 47.09 3.90
CA VAL A 33 -7.20 46.42 4.44
C VAL A 33 -6.46 45.72 3.31
N LYS A 34 -5.17 45.98 3.21
CA LYS A 34 -4.31 45.37 2.20
C LYS A 34 -3.16 44.64 2.89
N GLY A 35 -2.61 43.65 2.20
CA GLY A 35 -1.53 42.86 2.75
C GLY A 35 -1.16 41.69 1.87
N SER A 36 -0.65 40.62 2.46
CA SER A 36 -0.34 39.42 1.70
C SER A 36 -0.17 38.25 2.67
N VAL A 37 -0.28 37.04 2.11
CA VAL A 37 -0.17 35.80 2.88
C VAL A 37 0.96 34.97 2.29
N PHE A 38 1.78 34.39 3.17
CA PHE A 38 2.89 33.55 2.73
C PHE A 38 3.20 32.55 3.83
N LEU A 39 3.89 31.49 3.45
CA LEU A 39 4.27 30.41 4.35
C LEU A 39 5.74 30.58 4.71
N ARG A 40 6.04 30.64 6.01
CA ARG A 40 7.40 30.80 6.47
C ARG A 40 7.66 29.85 7.63
N ASN A 41 8.87 29.29 7.68
CA ASN A 41 9.27 28.42 8.77
C ASN A 41 10.18 29.20 9.70
N PRO A 42 9.81 29.43 10.96
CA PRO A 42 10.64 30.27 11.82
C PRO A 42 11.98 29.66 12.17
N SER A 43 12.16 28.35 12.00
CA SER A 43 13.42 27.73 12.34
C SER A 43 14.56 28.21 11.44
N ARG A 44 14.25 28.85 10.32
CA ARG A 44 15.27 29.34 9.40
C ARG A 44 15.17 30.85 9.24
N ASN A 45 15.02 31.56 10.36
CA ASN A 45 14.99 33.02 10.35
C ASN A 45 13.86 33.55 9.49
N ASN A 46 12.69 32.92 9.58
CA ASN A 46 11.48 33.41 8.93
C ASN A 46 11.67 33.57 7.42
N VAL A 47 12.42 32.67 6.81
CA VAL A 47 12.63 32.71 5.36
C VAL A 47 11.33 32.26 4.70
N PRO A 48 10.73 33.08 3.83
CA PRO A 48 9.46 32.68 3.22
C PRO A 48 9.61 31.42 2.38
N CYS A 49 8.57 30.57 2.42
CA CYS A 49 8.55 29.32 1.70
C CYS A 49 7.52 29.31 0.57
N SER A 50 6.89 30.47 0.28
CA SER A 50 5.88 30.52 -0.77
C SER A 50 5.72 31.96 -1.22
N PRO A 51 5.50 32.21 -2.50
CA PRO A 51 5.30 33.59 -2.94
C PRO A 51 4.07 34.21 -2.30
N LYS A 52 4.15 35.52 -2.06
CA LYS A 52 3.05 36.24 -1.44
C LYS A 52 1.89 36.37 -2.43
N VAL A 53 0.71 36.72 -1.89
CA VAL A 53 -0.51 36.79 -2.68
C VAL A 53 -1.21 38.12 -2.41
N ASP A 54 -2.04 38.52 -3.38
CA ASP A 54 -2.76 39.79 -3.32
C ASP A 54 -3.91 39.67 -2.33
N PHE A 55 -3.69 40.17 -1.12
CA PHE A 55 -4.66 40.12 -0.02
C PHE A 55 -5.91 40.94 -0.36
N THR A 56 -5.76 42.27 -0.42
CA THR A 56 -6.72 43.18 -1.04
C THR A 56 -8.20 42.81 -0.84
N LEU A 57 -8.67 42.74 0.40
CA LEU A 57 -10.09 42.50 0.68
C LEU A 57 -10.72 43.82 1.09
N SER A 58 -11.81 44.19 0.42
CA SER A 58 -12.50 45.44 0.70
C SER A 58 -13.54 45.26 1.79
N SER A 59 -13.91 46.38 2.42
CA SER A 59 -14.92 46.33 3.48
C SER A 59 -16.27 45.91 2.92
N GLU A 60 -16.62 46.39 1.72
CA GLU A 60 -17.90 46.02 1.12
C GLU A 60 -17.98 44.53 0.86
N ARG A 61 -16.87 43.93 0.40
CA ARG A 61 -16.77 42.48 0.22
C ARG A 61 -15.68 41.98 1.16
N ASP A 62 -16.08 41.67 2.40
CA ASP A 62 -15.11 41.22 3.39
C ASP A 62 -14.52 39.87 3.04
N PHE A 63 -15.38 38.90 2.69
CA PHE A 63 -14.89 37.56 2.42
C PHE A 63 -14.08 37.53 1.13
N ALA A 64 -12.98 36.77 1.16
CA ALA A 64 -12.11 36.61 0.00
C ALA A 64 -11.38 35.30 0.12
N LEU A 65 -11.19 34.63 -1.03
CA LEU A 65 -10.54 33.33 -1.09
C LEU A 65 -9.21 33.47 -1.80
N LEU A 66 -8.14 32.96 -1.18
CA LEU A 66 -6.78 33.09 -1.67
C LEU A 66 -6.19 31.71 -1.92
N SER A 67 -5.45 31.58 -3.01
CA SER A 67 -4.80 30.32 -3.38
C SER A 67 -3.30 30.52 -3.27
N LEU A 68 -2.69 29.90 -2.27
CA LEU A 68 -1.26 30.00 -2.03
C LEU A 68 -0.54 28.90 -2.81
N GLN A 69 0.14 29.29 -3.89
CA GLN A 69 1.04 28.34 -4.55
C GLN A 69 2.16 27.96 -3.60
N VAL A 70 2.49 26.68 -3.56
CA VAL A 70 3.56 26.19 -2.68
C VAL A 70 4.52 25.35 -3.51
N PRO A 71 5.38 25.96 -4.31
CA PRO A 71 6.30 25.16 -5.15
C PRO A 71 7.27 24.36 -4.31
N LEU A 72 7.69 23.22 -4.86
CA LEU A 72 8.64 22.37 -4.16
C LEU A 72 9.97 23.08 -3.96
N LYS A 73 10.44 23.82 -4.96
CA LYS A 73 11.74 24.45 -4.88
C LYS A 73 11.81 25.43 -3.71
N ASP A 74 10.75 26.21 -3.51
CA ASP A 74 10.74 27.15 -2.39
C ASP A 74 10.80 26.41 -1.06
N ALA A 75 10.12 25.27 -0.95
CA ALA A 75 10.18 24.50 0.28
C ALA A 75 11.60 24.04 0.59
N LYS A 76 12.32 23.56 -0.42
CA LYS A 76 13.70 23.14 -0.22
C LYS A 76 14.59 24.34 0.12
N SER A 77 14.39 25.46 -0.58
CA SER A 77 15.26 26.61 -0.38
C SER A 77 15.20 27.10 1.07
N CYS A 78 14.00 27.17 1.65
CA CYS A 78 13.86 27.56 3.04
C CYS A 78 14.11 26.40 4.00
N GLY A 79 14.36 25.20 3.48
CA GLY A 79 14.81 24.10 4.30
C GLY A 79 13.79 23.56 5.27
N LEU A 80 12.70 22.99 4.75
CA LEU A 80 11.79 22.24 5.61
C LEU A 80 12.35 20.87 5.93
N HIS A 81 13.03 20.24 4.97
CA HIS A 81 13.57 18.90 5.19
C HIS A 81 14.58 18.88 6.32
N GLN A 82 15.28 19.99 6.55
CA GLN A 82 16.24 20.06 7.64
C GLN A 82 15.56 20.01 9.01
N LEU A 83 14.23 20.15 9.06
CA LEU A 83 13.53 20.12 10.33
C LEU A 83 13.71 18.76 11.00
N LEU A 84 13.81 18.78 12.32
CA LEU A 84 13.98 17.56 13.12
C LEU A 84 12.73 17.22 13.92
N ARG A 85 12.13 18.20 14.60
CA ARG A 85 10.96 17.96 15.44
C ARG A 85 9.71 17.97 14.57
N GLY A 86 9.57 16.94 13.75
CA GLY A 86 8.41 16.75 12.92
C GLY A 86 8.22 17.87 11.92
N PRO A 87 7.20 17.75 11.07
CA PRO A 87 6.95 18.79 10.07
C PRO A 87 6.11 19.94 10.60
N GLU A 88 6.61 21.16 10.52
CA GLU A 88 5.91 22.33 11.02
C GLU A 88 6.21 23.52 10.11
N VAL A 89 5.16 24.17 9.62
CA VAL A 89 5.28 25.38 8.83
C VAL A 89 4.22 26.36 9.27
N GLN A 90 4.59 27.63 9.32
CA GLN A 90 3.69 28.70 9.77
C GLN A 90 3.15 29.45 8.56
N LEU A 91 1.84 29.68 8.55
CA LEU A 91 1.19 30.49 7.53
C LEU A 91 0.78 31.80 8.18
N VAL A 92 1.28 32.91 7.63
CA VAL A 92 1.06 34.24 8.22
C VAL A 92 0.50 35.16 7.15
N ALA A 93 -0.26 36.14 7.60
CA ALA A 93 -0.79 37.20 6.74
C ALA A 93 -0.12 38.51 7.13
N HIS A 94 0.55 39.14 6.18
CA HIS A 94 1.29 40.37 6.41
C HIS A 94 0.45 41.56 5.95
N SER A 95 0.09 42.42 6.89
CA SER A 95 -0.70 43.60 6.57
C SER A 95 -0.44 44.69 7.61
N PRO A 96 0.09 45.85 7.21
CA PRO A 96 0.38 46.88 8.21
C PRO A 96 -0.85 47.38 8.94
N TRP A 97 -2.04 47.11 8.41
CA TRP A 97 -3.27 47.56 9.05
C TRP A 97 -3.38 47.04 10.48
N LEU A 98 -2.78 45.88 10.77
CA LEU A 98 -2.87 45.33 12.11
C LEU A 98 -2.17 46.21 13.13
N LYS A 99 -1.01 46.77 12.76
CA LYS A 99 -0.21 47.51 13.72
C LYS A 99 -0.67 48.97 13.83
N ASP A 100 -0.95 49.62 12.70
CA ASP A 100 -1.26 51.04 12.73
C ASP A 100 -2.63 51.31 13.34
N SER A 101 -3.64 50.52 12.98
CA SER A 101 -5.02 50.77 13.39
C SER A 101 -5.41 49.96 14.62
N LEU A 102 -5.30 48.62 14.54
CA LEU A 102 -5.67 47.79 15.66
C LEU A 102 -4.70 47.93 16.84
N SER A 103 -3.56 48.58 16.64
CA SER A 103 -2.58 48.75 17.71
C SER A 103 -2.14 47.40 18.28
N ARG A 104 -1.95 46.43 17.39
CA ARG A 104 -1.44 45.14 17.80
C ARG A 104 0.06 45.21 18.04
N THR A 105 0.58 44.18 18.70
CA THR A 105 2.00 44.14 19.01
C THR A 105 2.86 44.12 17.75
N THR A 106 2.34 43.54 16.67
CA THR A 106 3.09 43.46 15.42
C THR A 106 2.11 43.31 14.26
N ASN A 107 2.59 43.68 13.07
CA ASN A 107 1.76 43.64 11.86
C ASN A 107 1.85 42.28 11.18
N ILE A 108 1.61 41.21 11.94
CA ILE A 108 1.63 39.86 11.40
C ILE A 108 0.63 39.02 12.17
N GLN A 109 -0.15 38.22 11.43
CA GLN A 109 -1.10 37.29 12.02
C GLN A 109 -1.03 35.99 11.24
N GLY A 110 -0.97 34.87 11.95
CA GLY A 110 -0.77 33.60 11.29
C GLY A 110 -1.30 32.44 12.09
N ILE A 111 -1.10 31.24 11.53
CA ILE A 111 -1.60 30.00 12.09
C ILE A 111 -0.50 28.95 11.94
N ASN A 112 -0.35 28.10 12.96
CA ASN A 112 0.59 27.00 12.91
C ASN A 112 -0.01 25.87 12.07
N LEU A 113 0.72 25.44 11.05
CA LEU A 113 0.24 24.41 10.14
C LEU A 113 1.22 23.25 10.13
N LEU A 114 0.68 22.05 9.99
CA LEU A 114 1.49 20.88 9.65
C LEU A 114 1.57 20.76 8.14
N PHE A 115 2.51 19.94 7.67
CA PHE A 115 2.70 19.78 6.24
C PHE A 115 3.22 18.40 5.95
N SER A 116 3.07 17.98 4.69
CA SER A 116 3.59 16.70 4.24
C SER A 116 3.78 16.79 2.74
N SER A 117 4.61 15.90 2.21
CA SER A 117 4.86 15.86 0.78
C SER A 117 3.88 14.97 0.04
N ARG A 118 2.94 14.34 0.73
CA ARG A 118 1.94 13.50 0.09
C ARG A 118 1.08 14.34 -0.85
N ARG A 119 1.19 14.09 -2.15
CA ARG A 119 0.48 14.88 -3.13
C ARG A 119 0.08 13.99 -4.30
N GLY A 120 -1.07 14.29 -4.91
CA GLY A 120 -1.52 13.56 -6.08
C GLY A 120 -2.05 12.19 -5.74
N HIS A 121 -2.64 11.52 -6.72
CA HIS A 121 -3.18 10.18 -6.55
C HIS A 121 -2.46 9.24 -7.52
N LEU A 122 -2.01 8.11 -7.00
CA LEU A 122 -1.36 7.08 -7.80
C LEU A 122 -2.13 5.78 -7.67
N PHE A 123 -2.48 5.18 -8.80
CA PHE A 123 -3.22 3.93 -8.83
C PHE A 123 -2.46 2.94 -9.70
N LEU A 124 -2.22 1.74 -9.16
CA LEU A 124 -1.50 0.70 -9.86
C LEU A 124 -2.47 -0.41 -10.26
N GLN A 125 -2.12 -1.11 -11.35
CA GLN A 125 -3.00 -2.12 -11.93
C GLN A 125 -2.13 -3.28 -12.40
N THR A 126 -2.07 -4.34 -11.60
CA THR A 126 -1.30 -5.52 -11.98
C THR A 126 -2.03 -6.29 -13.08
N ASP A 127 -1.27 -7.14 -13.78
CA ASP A 127 -1.82 -7.86 -14.92
C ASP A 127 -2.94 -8.79 -14.49
N GLN A 128 -2.74 -9.51 -13.38
CA GLN A 128 -3.73 -10.44 -12.86
C GLN A 128 -3.50 -10.57 -11.36
N PRO A 129 -4.54 -10.91 -10.59
CA PRO A 129 -4.41 -10.87 -9.13
C PRO A 129 -3.44 -11.90 -8.56
N ILE A 130 -3.06 -12.92 -9.31
CA ILE A 130 -2.22 -13.99 -8.78
C ILE A 130 -1.31 -14.51 -9.87
N TYR A 131 -0.05 -14.72 -9.53
CA TYR A 131 0.95 -15.27 -10.45
C TYR A 131 1.59 -16.51 -9.85
N ASN A 132 2.05 -17.40 -10.73
CA ASN A 132 2.89 -18.50 -10.29
C ASN A 132 4.33 -18.23 -10.69
N PRO A 133 5.30 -18.67 -9.89
CA PRO A 133 6.69 -18.24 -10.11
C PRO A 133 7.16 -18.58 -11.53
N GLY A 134 7.92 -17.65 -12.11
CA GLY A 134 8.46 -17.80 -13.44
C GLY A 134 7.73 -17.01 -14.50
N GLN A 135 6.50 -16.57 -14.24
CA GLN A 135 5.72 -15.83 -15.22
C GLN A 135 6.15 -14.37 -15.25
N ARG A 136 5.79 -13.68 -16.33
CA ARG A 136 6.11 -12.27 -16.52
C ARG A 136 4.98 -11.42 -15.94
N VAL A 137 5.33 -10.55 -15.01
CA VAL A 137 4.38 -9.65 -14.36
C VAL A 137 4.32 -8.35 -15.13
N ARG A 138 3.12 -7.88 -15.43
CA ARG A 138 2.89 -6.61 -16.10
C ARG A 138 2.10 -5.71 -15.17
N TYR A 139 2.45 -4.43 -15.13
CA TYR A 139 1.74 -3.49 -14.28
C TYR A 139 1.91 -2.09 -14.84
N ARG A 140 0.98 -1.21 -14.48
CA ARG A 140 1.05 0.19 -14.87
C ARG A 140 0.52 1.06 -13.74
N VAL A 141 0.96 2.31 -13.70
CA VAL A 141 0.63 3.24 -12.64
C VAL A 141 0.11 4.52 -13.26
N PHE A 142 -1.00 5.03 -12.71
CA PHE A 142 -1.63 6.25 -13.19
C PHE A 142 -1.28 7.37 -12.23
N ALA A 143 -0.65 8.42 -12.74
CA ALA A 143 -0.30 9.59 -11.96
C ALA A 143 -1.39 10.64 -12.13
N LEU A 144 -2.03 11.01 -11.03
CA LEU A 144 -3.10 12.00 -11.03
C LEU A 144 -2.77 13.10 -10.03
N ASP A 145 -3.04 14.33 -10.41
CA ASP A 145 -2.81 15.46 -9.53
C ASP A 145 -3.92 15.56 -8.48
N GLN A 146 -3.84 16.57 -7.62
CA GLN A 146 -4.81 16.70 -6.56
C GLN A 146 -6.23 16.84 -7.09
N LYS A 147 -6.39 17.46 -8.27
CA LYS A 147 -7.70 17.64 -8.87
C LYS A 147 -8.14 16.43 -9.69
N MET A 148 -7.51 15.27 -9.47
CA MET A 148 -7.79 14.05 -10.21
C MET A 148 -7.65 14.24 -11.72
N ARG A 149 -6.82 15.17 -12.13
CA ARG A 149 -6.48 15.28 -13.54
C ARG A 149 -5.11 14.64 -13.78
N PRO A 150 -4.87 14.11 -14.97
CA PRO A 150 -3.60 13.42 -15.22
C PRO A 150 -2.42 14.35 -14.97
N SER A 151 -1.38 13.81 -14.32
CA SER A 151 -0.17 14.53 -14.00
C SER A 151 0.98 14.01 -14.83
N THR A 152 2.11 14.72 -14.75
CA THR A 152 3.29 14.39 -15.55
C THR A 152 4.58 14.42 -14.73
N ASP A 153 4.48 14.26 -13.41
CA ASP A 153 5.65 14.32 -12.56
C ASP A 153 6.40 12.98 -12.58
N THR A 154 7.70 13.06 -12.32
CA THR A 154 8.52 11.86 -12.25
C THR A 154 8.15 11.02 -11.05
N ILE A 155 8.13 9.70 -11.24
CA ILE A 155 7.72 8.75 -10.22
C ILE A 155 8.80 7.68 -10.06
N THR A 156 8.78 7.02 -8.91
CA THR A 156 9.70 5.93 -8.62
C THR A 156 8.89 4.71 -8.20
N VAL A 157 8.92 3.66 -9.02
CA VAL A 157 8.13 2.45 -8.79
C VAL A 157 9.07 1.35 -8.33
N MET A 158 8.74 0.72 -7.21
CA MET A 158 9.58 -0.31 -6.60
C MET A 158 8.74 -1.51 -6.22
N VAL A 159 9.26 -2.70 -6.54
CA VAL A 159 8.59 -3.96 -6.22
C VAL A 159 9.25 -4.55 -4.97
N GLU A 160 8.44 -4.97 -4.02
CA GLU A 160 8.93 -5.57 -2.78
C GLU A 160 8.67 -7.07 -2.81
N ASN A 161 9.67 -7.85 -2.42
CA ASN A 161 9.54 -9.30 -2.39
C ASN A 161 8.60 -9.72 -1.27
N SER A 162 8.25 -11.00 -1.28
CA SER A 162 7.37 -11.52 -0.23
C SER A 162 7.94 -11.29 1.15
N HIS A 163 9.27 -11.23 1.27
CA HIS A 163 9.92 -11.01 2.55
C HIS A 163 10.09 -9.53 2.87
N GLY A 164 9.63 -8.64 2.01
CA GLY A 164 9.82 -7.21 2.21
C GLY A 164 11.09 -6.65 1.63
N LEU A 165 11.72 -7.35 0.69
CA LEU A 165 12.97 -6.92 0.10
C LEU A 165 12.72 -6.35 -1.29
N ARG A 166 13.18 -5.13 -1.51
CA ARG A 166 13.01 -4.49 -2.80
C ARG A 166 13.74 -5.28 -3.88
N VAL A 167 13.06 -5.52 -5.00
CA VAL A 167 13.64 -6.23 -6.13
C VAL A 167 13.58 -5.43 -7.42
N ARG A 168 13.30 -4.13 -7.31
CA ARG A 168 13.21 -3.25 -8.46
C ARG A 168 13.04 -1.83 -7.98
N LYS A 169 13.60 -0.88 -8.72
CA LYS A 169 13.39 0.53 -8.44
C LYS A 169 13.64 1.29 -9.74
N LYS A 170 12.58 1.67 -10.42
CA LYS A 170 12.66 2.41 -11.67
C LYS A 170 12.15 3.82 -11.45
N GLU A 171 13.01 4.80 -11.71
CA GLU A 171 12.63 6.21 -11.69
C GLU A 171 12.45 6.65 -13.12
N VAL A 172 11.21 7.01 -13.48
CA VAL A 172 10.85 7.20 -14.88
C VAL A 172 10.07 8.50 -15.04
N TYR A 173 10.44 9.26 -16.06
CA TYR A 173 9.60 10.37 -16.50
C TYR A 173 8.37 9.79 -17.21
N MET A 174 7.19 10.30 -16.85
CA MET A 174 5.93 9.78 -17.38
C MET A 174 5.09 10.95 -17.90
N PRO A 175 5.54 11.57 -18.99
CA PRO A 175 4.74 12.67 -19.57
C PRO A 175 3.36 12.24 -20.00
N SER A 176 3.20 11.01 -20.49
CA SER A 176 1.90 10.53 -20.93
C SER A 176 0.92 10.33 -19.78
N SER A 177 1.40 10.38 -18.53
CA SER A 177 0.62 10.18 -17.32
C SER A 177 0.33 8.69 -17.08
N ILE A 178 0.78 7.80 -17.97
CA ILE A 178 0.64 6.36 -17.78
C ILE A 178 1.99 5.72 -18.04
N PHE A 179 2.39 4.81 -17.16
CA PHE A 179 3.68 4.12 -17.24
C PHE A 179 3.44 2.63 -17.24
N GLN A 180 3.93 1.95 -18.27
CA GLN A 180 3.74 0.50 -18.43
C GLN A 180 5.09 -0.19 -18.32
N ASP A 181 5.19 -1.14 -17.40
CA ASP A 181 6.43 -1.87 -17.15
C ASP A 181 6.07 -3.34 -16.98
N ASP A 182 7.11 -4.19 -16.95
CA ASP A 182 6.88 -5.63 -16.82
C ASP A 182 8.19 -6.30 -16.45
N PHE A 183 8.18 -7.08 -15.37
CA PHE A 183 9.34 -7.83 -14.91
C PHE A 183 8.96 -9.30 -14.78
N VAL A 184 9.90 -10.10 -14.26
CA VAL A 184 9.74 -11.55 -14.19
C VAL A 184 9.98 -12.01 -12.76
N ILE A 185 9.13 -12.91 -12.28
CA ILE A 185 9.25 -13.47 -10.94
C ILE A 185 10.34 -14.54 -10.96
N PRO A 186 11.22 -14.59 -9.96
CA PRO A 186 12.20 -15.68 -9.91
C PRO A 186 11.50 -17.04 -9.82
N ASP A 187 12.05 -18.02 -10.54
CA ASP A 187 11.46 -19.35 -10.51
C ASP A 187 11.50 -19.96 -9.12
N ILE A 188 12.49 -19.60 -8.32
CA ILE A 188 12.69 -20.19 -7.01
C ILE A 188 11.88 -19.44 -5.96
N SER A 189 11.03 -18.52 -6.41
CA SER A 189 10.27 -17.70 -5.47
C SER A 189 9.40 -18.57 -4.59
N GLU A 190 9.43 -18.30 -3.30
CA GLU A 190 8.57 -19.01 -2.36
C GLU A 190 7.18 -18.38 -2.36
N PRO A 191 6.13 -19.17 -2.12
CA PRO A 191 4.78 -18.62 -2.15
C PRO A 191 4.59 -17.51 -1.11
N GLY A 192 3.87 -16.47 -1.50
CA GLY A 192 3.66 -15.34 -0.63
C GLY A 192 2.98 -14.21 -1.39
N THR A 193 2.92 -13.06 -0.73
CA THR A 193 2.29 -11.86 -1.28
C THR A 193 3.36 -10.80 -1.50
N TRP A 194 3.47 -10.33 -2.74
CA TRP A 194 4.43 -9.30 -3.10
C TRP A 194 3.79 -7.93 -2.89
N LYS A 195 4.41 -6.88 -3.41
CA LYS A 195 3.84 -5.54 -3.33
C LYS A 195 4.54 -4.63 -4.32
N ILE A 196 3.77 -3.86 -5.08
CA ILE A 196 4.30 -2.87 -6.00
C ILE A 196 3.95 -1.50 -5.43
N SER A 197 4.97 -0.68 -5.18
CA SER A 197 4.81 0.63 -4.59
C SER A 197 5.32 1.69 -5.55
N ALA A 198 4.59 2.79 -5.65
CA ALA A 198 4.99 3.91 -6.49
C ALA A 198 4.75 5.21 -5.74
N ARG A 199 5.53 6.23 -6.08
CA ARG A 199 5.38 7.54 -5.47
C ARG A 199 6.02 8.57 -6.39
N PHE A 200 5.51 9.80 -6.32
CA PHE A 200 6.12 10.88 -7.08
C PHE A 200 7.54 11.12 -6.58
N SER A 201 8.47 11.27 -7.52
CA SER A 201 9.88 11.38 -7.14
C SER A 201 10.11 12.57 -6.23
N ASP A 202 9.50 13.71 -6.55
CA ASP A 202 9.68 14.90 -5.73
C ASP A 202 9.17 14.68 -4.32
N GLY A 203 8.00 14.06 -4.17
CA GLY A 203 7.48 13.73 -2.87
C GLY A 203 8.16 12.51 -2.30
N LEU A 204 7.91 12.27 -1.01
CA LEU A 204 8.52 11.15 -0.29
C LEU A 204 7.50 10.23 0.34
N GLU A 205 6.43 10.78 0.92
CA GLU A 205 5.35 9.97 1.50
C GLU A 205 4.07 10.09 0.70
N SER A 206 4.19 10.22 -0.63
CA SER A 206 3.04 10.24 -1.53
C SER A 206 2.83 8.89 -2.21
N ASN A 207 3.11 7.80 -1.49
CA ASN A 207 3.15 6.48 -2.11
C ASN A 207 1.79 5.83 -2.11
N SER A 208 1.50 5.07 -3.17
CA SER A 208 0.33 4.22 -3.26
C SER A 208 0.77 2.87 -3.83
N SER A 209 0.32 1.78 -3.20
CA SER A 209 0.88 0.47 -3.50
C SER A 209 -0.24 -0.53 -3.77
N THR A 210 0.02 -1.44 -4.71
CA THR A 210 -0.85 -2.56 -5.00
C THR A 210 -0.11 -3.86 -4.73
N GLN A 211 -0.84 -4.89 -4.32
CA GLN A 211 -0.26 -6.17 -3.96
C GLN A 211 -0.78 -7.25 -4.90
N PHE A 212 0.10 -8.15 -5.30
CA PHE A 212 -0.26 -9.33 -6.06
C PHE A 212 0.34 -10.56 -5.38
N GLU A 213 -0.47 -11.59 -5.22
CA GLU A 213 -0.04 -12.82 -4.57
C GLU A 213 0.65 -13.72 -5.57
N VAL A 214 1.70 -14.40 -5.12
CA VAL A 214 2.43 -15.36 -5.93
C VAL A 214 2.41 -16.70 -5.20
N LYS A 215 1.97 -17.74 -5.90
CA LYS A 215 1.98 -19.09 -5.34
C LYS A 215 1.91 -20.08 -6.50
N LYS A 216 2.28 -21.32 -6.20
CA LYS A 216 2.36 -22.37 -7.20
C LYS A 216 0.97 -22.95 -7.42
N TYR A 217 0.24 -22.36 -8.36
CA TYR A 217 -1.14 -22.74 -8.64
C TYR A 217 -1.28 -23.26 -10.06
N VAL A 218 -2.40 -23.93 -10.31
CA VAL A 218 -2.79 -24.35 -11.64
C VAL A 218 -4.25 -23.93 -11.83
N LEU A 219 -4.54 -23.32 -12.98
CA LEU A 219 -5.81 -22.64 -13.19
C LEU A 219 -6.98 -23.58 -12.93
N PRO A 220 -7.83 -23.30 -11.94
CA PRO A 220 -8.98 -24.18 -11.70
C PRO A 220 -9.99 -24.13 -12.84
N ASN A 221 -10.71 -25.23 -13.01
CA ASN A 221 -11.72 -25.33 -14.05
C ASN A 221 -13.10 -24.88 -13.58
N PHE A 222 -13.43 -25.14 -12.32
CA PHE A 222 -14.70 -24.70 -11.76
C PHE A 222 -14.46 -24.13 -10.37
N GLU A 223 -15.35 -23.22 -9.97
CA GLU A 223 -15.25 -22.51 -8.71
C GLU A 223 -16.46 -22.83 -7.86
N VAL A 224 -16.22 -23.22 -6.61
CA VAL A 224 -17.27 -23.64 -5.69
C VAL A 224 -17.39 -22.60 -4.59
N LYS A 225 -18.61 -22.13 -4.34
CA LYS A 225 -18.86 -21.12 -3.34
C LYS A 225 -19.94 -21.59 -2.39
N ILE A 226 -19.68 -21.50 -1.09
CA ILE A 226 -20.61 -21.92 -0.06
C ILE A 226 -21.43 -20.70 0.33
N THR A 227 -22.68 -20.65 -0.13
CA THR A 227 -23.57 -19.54 0.16
C THR A 227 -24.54 -19.94 1.25
N PRO A 228 -24.44 -19.38 2.46
CA PRO A 228 -25.35 -19.78 3.53
C PRO A 228 -26.74 -19.20 3.35
N GLY A 229 -27.71 -19.81 4.04
CA GLY A 229 -29.06 -19.29 4.02
C GLY A 229 -29.17 -17.91 4.65
N LYS A 230 -28.52 -17.74 5.80
CA LYS A 230 -28.49 -16.45 6.48
C LYS A 230 -27.05 -16.14 6.89
N PRO A 231 -26.61 -14.89 6.75
CA PRO A 231 -25.22 -14.56 7.13
C PRO A 231 -24.94 -14.72 8.60
N TYR A 232 -25.97 -14.76 9.45
CA TYR A 232 -25.80 -14.76 10.89
C TYR A 232 -26.51 -15.96 11.49
N ILE A 233 -25.99 -16.43 12.62
CA ILE A 233 -26.56 -17.54 13.37
C ILE A 233 -26.86 -17.06 14.77
N LEU A 234 -28.14 -17.02 15.12
CA LEU A 234 -28.54 -16.58 16.45
C LEU A 234 -28.07 -17.58 17.50
N THR A 235 -27.50 -17.07 18.59
CA THR A 235 -26.99 -17.91 19.67
C THR A 235 -27.56 -17.51 21.03
N VAL A 236 -28.72 -16.85 21.04
CA VAL A 236 -29.35 -16.42 22.28
C VAL A 236 -29.74 -17.64 23.10
N PRO A 237 -29.75 -17.58 24.43
CA PRO A 237 -30.16 -18.74 25.21
C PRO A 237 -31.59 -19.14 24.91
N GLY A 238 -31.82 -20.44 24.89
CA GLY A 238 -33.15 -20.98 24.59
C GLY A 238 -33.42 -21.20 23.11
N HIS A 239 -33.13 -20.19 22.29
CA HIS A 239 -33.39 -20.24 20.86
C HIS A 239 -32.06 -20.30 20.11
N LEU A 240 -31.94 -21.26 19.20
CA LEU A 240 -30.76 -21.41 18.34
C LEU A 240 -31.26 -21.77 16.94
N ASP A 241 -31.24 -20.80 16.05
CA ASP A 241 -31.74 -21.02 14.69
C ASP A 241 -30.94 -22.12 14.00
N GLU A 242 -31.63 -22.92 13.20
CA GLU A 242 -30.96 -23.97 12.46
C GLU A 242 -29.89 -23.39 11.55
N MET A 243 -28.77 -24.11 11.44
CA MET A 243 -27.67 -23.69 10.58
C MET A 243 -27.78 -24.43 9.25
N GLN A 244 -28.54 -23.86 8.33
CA GLN A 244 -28.70 -24.40 6.99
C GLN A 244 -27.83 -23.59 6.03
N LEU A 245 -27.11 -24.29 5.17
CA LEU A 245 -26.25 -23.63 4.19
C LEU A 245 -26.41 -24.31 2.84
N ASP A 246 -26.11 -23.57 1.79
CA ASP A 246 -26.21 -24.03 0.42
C ASP A 246 -24.82 -24.06 -0.20
N ILE A 247 -24.53 -25.12 -0.95
CA ILE A 247 -23.26 -25.28 -1.66
C ILE A 247 -23.55 -25.24 -3.15
N GLN A 248 -22.81 -24.42 -3.87
CA GLN A 248 -22.97 -24.29 -5.31
C GLN A 248 -21.61 -24.49 -5.97
N ALA A 249 -21.56 -25.42 -6.91
CA ALA A 249 -20.39 -25.64 -7.75
C ALA A 249 -20.79 -25.37 -9.19
N ARG A 250 -20.03 -24.50 -9.86
CA ARG A 250 -20.37 -24.10 -11.22
C ARG A 250 -19.09 -24.03 -12.06
N TYR A 251 -19.12 -24.63 -13.23
CA TYR A 251 -18.03 -24.46 -14.18
C TYR A 251 -17.93 -22.98 -14.55
N ILE A 252 -16.70 -22.54 -14.78
CA ILE A 252 -16.48 -21.11 -15.05
C ILE A 252 -17.37 -20.66 -16.20
N TYR A 253 -17.43 -21.45 -17.27
CA TYR A 253 -18.31 -21.10 -18.37
C TYR A 253 -19.78 -21.11 -17.98
N GLY A 254 -20.12 -21.47 -16.74
CA GLY A 254 -21.44 -21.27 -16.19
C GLY A 254 -22.25 -22.55 -15.99
N LYS A 255 -21.94 -23.61 -16.70
CA LYS A 255 -22.74 -24.82 -16.60
C LYS A 255 -22.57 -25.46 -15.22
N PRO A 256 -23.58 -26.17 -14.73
CA PRO A 256 -23.50 -26.73 -13.38
C PRO A 256 -22.48 -27.85 -13.29
N VAL A 257 -21.91 -28.03 -12.10
CA VAL A 257 -20.92 -29.06 -11.83
C VAL A 257 -21.63 -30.24 -11.18
N GLN A 258 -21.48 -31.42 -11.78
CA GLN A 258 -22.08 -32.65 -11.27
C GLN A 258 -20.97 -33.43 -10.57
N GLY A 259 -20.96 -33.36 -9.25
CA GLY A 259 -19.94 -34.05 -8.47
C GLY A 259 -20.41 -34.45 -7.09
N VAL A 260 -19.48 -34.53 -6.15
CA VAL A 260 -19.79 -34.87 -4.77
C VAL A 260 -19.08 -33.87 -3.88
N ALA A 261 -19.79 -33.32 -2.90
CA ALA A 261 -19.26 -32.31 -2.00
C ALA A 261 -19.02 -32.93 -0.64
N TYR A 262 -17.76 -32.94 -0.21
CA TYR A 262 -17.37 -33.48 1.10
C TYR A 262 -17.10 -32.31 2.02
N VAL A 263 -17.94 -32.14 3.03
CA VAL A 263 -17.96 -30.95 3.87
C VAL A 263 -17.51 -31.32 5.27
N ARG A 264 -16.66 -30.48 5.86
CA ARG A 264 -16.20 -30.65 7.23
C ARG A 264 -16.43 -29.36 7.99
N PHE A 265 -17.04 -29.46 9.17
CA PHE A 265 -17.37 -28.31 9.99
C PHE A 265 -16.39 -28.18 11.15
N GLY A 266 -16.28 -26.96 11.67
CA GLY A 266 -15.42 -26.71 12.82
C GLY A 266 -15.59 -25.30 13.31
N LEU A 267 -15.10 -25.06 14.52
CA LEU A 267 -15.15 -23.75 15.16
C LEU A 267 -13.80 -23.07 15.00
N LEU A 268 -13.82 -21.83 14.52
CA LEU A 268 -12.62 -21.05 14.26
C LEU A 268 -12.67 -19.78 15.09
N ASP A 269 -11.78 -19.66 16.07
CA ASP A 269 -11.78 -18.54 16.99
C ASP A 269 -10.94 -17.39 16.44
N GLU A 270 -10.76 -16.34 17.23
CA GLU A 270 -10.10 -15.15 16.73
C GLU A 270 -8.67 -15.43 16.30
N ASP A 271 -7.92 -16.19 17.11
CA ASP A 271 -6.53 -16.43 16.80
C ASP A 271 -6.38 -17.23 15.50
N GLY A 272 -7.23 -18.24 15.30
CA GLY A 272 -7.21 -19.00 14.07
C GLY A 272 -7.33 -20.50 14.26
N LYS A 273 -7.16 -20.98 15.48
CA LYS A 273 -7.19 -22.42 15.73
C LYS A 273 -8.58 -22.98 15.41
N LYS A 274 -8.59 -24.15 14.78
CA LYS A 274 -9.83 -24.80 14.35
C LYS A 274 -10.08 -26.01 15.24
N THR A 275 -11.31 -26.17 15.70
CA THR A 275 -11.74 -27.31 16.51
C THR A 275 -12.78 -28.08 15.70
N PHE A 276 -12.30 -29.00 14.86
CA PHE A 276 -13.17 -29.70 13.94
C PHE A 276 -14.10 -30.65 14.67
N PHE A 277 -15.24 -30.94 14.04
CA PHE A 277 -16.18 -31.93 14.52
C PHE A 277 -15.79 -33.31 14.00
N ARG A 278 -16.13 -34.33 14.79
CA ARG A 278 -15.88 -35.72 14.43
C ARG A 278 -17.20 -36.41 14.15
N GLY A 279 -17.32 -37.02 12.97
CA GLY A 279 -18.55 -37.66 12.57
C GLY A 279 -19.60 -36.73 12.02
N LEU A 280 -19.31 -35.43 11.93
CA LEU A 280 -20.25 -34.44 11.45
C LEU A 280 -20.10 -34.15 9.96
N GLU A 281 -19.20 -34.84 9.28
CA GLU A 281 -18.94 -34.55 7.88
C GLU A 281 -20.06 -35.11 7.01
N SER A 282 -20.73 -34.22 6.29
CA SER A 282 -21.87 -34.59 5.45
C SER A 282 -21.48 -34.43 3.99
N GLN A 283 -21.60 -35.52 3.23
CA GLN A 283 -21.27 -35.54 1.81
C GLN A 283 -22.51 -35.90 1.02
N THR A 284 -22.81 -35.10 0.00
CA THR A 284 -24.00 -35.29 -0.81
C THR A 284 -23.66 -35.06 -2.28
N LYS A 285 -24.41 -35.73 -3.15
CA LYS A 285 -24.23 -35.57 -4.58
C LYS A 285 -24.80 -34.23 -5.02
N LEU A 286 -24.01 -33.46 -5.76
CA LEU A 286 -24.44 -32.15 -6.22
C LEU A 286 -25.48 -32.33 -7.31
N VAL A 287 -26.72 -31.97 -7.02
CA VAL A 287 -27.81 -32.05 -7.98
C VAL A 287 -28.00 -30.68 -8.60
N ASN A 288 -27.81 -30.59 -9.91
CA ASN A 288 -27.88 -29.32 -10.62
C ASN A 288 -26.94 -28.30 -9.98
N GLY A 289 -25.79 -28.77 -9.52
CA GLY A 289 -24.83 -27.90 -8.87
C GLY A 289 -25.35 -27.26 -7.60
N GLN A 290 -26.20 -27.96 -6.85
CA GLN A 290 -26.73 -27.46 -5.60
C GLN A 290 -26.75 -28.60 -4.59
N SER A 291 -26.36 -28.31 -3.35
CA SER A 291 -26.35 -29.32 -2.30
C SER A 291 -26.66 -28.64 -0.97
N HIS A 292 -27.93 -28.66 -0.61
CA HIS A 292 -28.34 -28.10 0.68
C HIS A 292 -28.03 -29.08 1.80
N ILE A 293 -27.36 -28.59 2.84
CA ILE A 293 -27.05 -29.40 4.02
C ILE A 293 -27.28 -28.54 5.25
N SER A 294 -27.83 -29.14 6.30
CA SER A 294 -28.15 -28.44 7.52
C SER A 294 -27.79 -29.31 8.73
N LEU A 295 -27.57 -28.65 9.86
CA LEU A 295 -27.27 -29.31 11.12
C LEU A 295 -28.47 -29.16 12.04
N SER A 296 -29.03 -30.30 12.47
CA SER A 296 -30.18 -30.25 13.36
C SER A 296 -29.75 -29.82 14.76
N LYS A 297 -30.70 -29.28 15.50
CA LYS A 297 -30.40 -28.75 16.83
C LYS A 297 -29.86 -29.85 17.74
N ALA A 298 -30.49 -31.01 17.74
CA ALA A 298 -30.10 -32.07 18.66
C ALA A 298 -28.69 -32.57 18.36
N GLU A 299 -28.43 -32.94 17.11
CA GLU A 299 -27.14 -33.51 16.77
C GLU A 299 -26.02 -32.49 16.95
N PHE A 300 -26.27 -31.23 16.60
CA PHE A 300 -25.27 -30.19 16.83
C PHE A 300 -24.95 -30.06 18.31
N GLN A 301 -25.97 -30.13 19.15
CA GLN A 301 -25.74 -30.08 20.60
C GLN A 301 -24.84 -31.24 21.04
N ASP A 302 -25.09 -32.44 20.51
CA ASP A 302 -24.26 -33.58 20.86
C ASP A 302 -22.82 -33.36 20.43
N ALA A 303 -22.62 -32.82 19.23
CA ALA A 303 -21.26 -32.56 18.77
C ALA A 303 -20.55 -31.57 19.68
N LEU A 304 -21.24 -30.50 20.07
CA LEU A 304 -20.66 -29.56 21.03
C LEU A 304 -20.41 -30.24 22.37
N GLU A 305 -21.34 -31.09 22.80
CA GLU A 305 -21.15 -31.82 24.05
C GLU A 305 -19.91 -32.70 23.97
N LYS A 306 -19.70 -33.34 22.82
CA LYS A 306 -18.50 -34.16 22.65
C LYS A 306 -17.24 -33.33 22.85
N LEU A 307 -17.22 -32.11 22.35
CA LEU A 307 -16.13 -31.18 22.58
C LEU A 307 -16.29 -30.40 23.88
N ASN A 308 -17.38 -30.64 24.62
CA ASN A 308 -17.64 -29.99 25.91
C ASN A 308 -17.46 -28.48 25.84
N MET A 309 -17.66 -27.91 24.65
CA MET A 309 -17.57 -26.45 24.51
C MET A 309 -18.79 -25.77 25.13
N GLY A 310 -19.98 -26.29 24.85
CA GLY A 310 -21.19 -25.71 25.39
C GLY A 310 -21.70 -24.52 24.59
N ILE A 311 -23.02 -24.32 24.56
CA ILE A 311 -23.59 -23.22 23.80
C ILE A 311 -23.14 -21.88 24.37
N THR A 312 -23.09 -21.77 25.70
CA THR A 312 -22.75 -20.49 26.32
C THR A 312 -21.38 -20.00 25.89
N ASP A 313 -20.49 -20.91 25.48
CA ASP A 313 -19.15 -20.53 25.06
C ASP A 313 -19.10 -19.98 23.64
N LEU A 314 -20.21 -20.03 22.89
CA LEU A 314 -20.24 -19.56 21.51
C LEU A 314 -20.46 -18.05 21.51
N GLN A 315 -19.46 -17.34 22.05
CA GLN A 315 -19.55 -15.88 22.15
C GLN A 315 -19.36 -15.23 20.79
N GLY A 316 -18.20 -15.44 20.17
CA GLY A 316 -17.92 -14.86 18.88
C GLY A 316 -17.17 -15.82 17.97
N LEU A 317 -17.18 -17.10 18.31
CA LEU A 317 -16.51 -18.09 17.49
C LEU A 317 -17.14 -18.16 16.11
N ARG A 318 -16.30 -18.35 15.10
CA ARG A 318 -16.73 -18.37 13.71
C ARG A 318 -16.79 -19.80 13.22
N LEU A 319 -17.99 -20.25 12.84
CA LEU A 319 -18.16 -21.62 12.36
C LEU A 319 -17.47 -21.79 11.02
N TYR A 320 -16.42 -22.61 10.99
CA TYR A 320 -15.63 -22.81 9.79
C TYR A 320 -16.17 -24.00 9.01
N VAL A 321 -16.51 -23.77 7.75
CA VAL A 321 -17.02 -24.82 6.88
C VAL A 321 -16.16 -24.88 5.64
N ALA A 322 -15.56 -26.05 5.39
CA ALA A 322 -14.74 -26.26 4.20
C ALA A 322 -15.37 -27.40 3.39
N ALA A 323 -15.51 -27.16 2.09
CA ALA A 323 -16.07 -28.15 1.18
C ALA A 323 -15.00 -28.55 0.16
N ALA A 324 -14.93 -29.84 -0.13
CA ALA A 324 -14.00 -30.39 -1.11
C ALA A 324 -14.83 -31.08 -2.18
N ILE A 325 -15.27 -30.31 -3.16
CA ILE A 325 -16.14 -30.83 -4.22
C ILE A 325 -15.28 -31.55 -5.24
N ILE A 326 -15.55 -32.83 -5.45
CA ILE A 326 -14.87 -33.64 -6.46
C ILE A 326 -15.87 -33.86 -7.59
N GLU A 327 -15.59 -33.28 -8.76
CA GLU A 327 -16.46 -33.49 -9.90
C GLU A 327 -16.27 -34.90 -10.42
N SER A 328 -17.38 -35.61 -10.61
CA SER A 328 -17.31 -36.96 -11.15
C SER A 328 -17.98 -37.01 -12.53
N PRO A 329 -17.40 -37.70 -13.51
CA PRO A 329 -16.15 -38.49 -13.43
C PRO A 329 -14.89 -37.68 -13.72
N GLY A 330 -14.99 -36.35 -13.62
CA GLY A 330 -13.84 -35.53 -13.95
C GLY A 330 -12.64 -35.82 -13.08
N GLY A 331 -12.85 -35.85 -11.76
CA GLY A 331 -11.78 -36.19 -10.83
C GLY A 331 -11.21 -35.03 -10.06
N GLU A 332 -11.05 -33.88 -10.70
CA GLU A 332 -10.44 -32.73 -10.04
C GLU A 332 -11.32 -32.21 -8.92
N MET A 333 -10.69 -31.62 -7.91
CA MET A 333 -11.37 -31.07 -6.75
C MET A 333 -10.96 -29.63 -6.53
N GLU A 334 -11.89 -28.84 -6.01
CA GLU A 334 -11.62 -27.47 -5.62
C GLU A 334 -12.20 -27.22 -4.24
N GLU A 335 -11.43 -26.58 -3.38
CA GLU A 335 -11.79 -26.39 -1.98
C GLU A 335 -12.29 -24.96 -1.78
N ALA A 336 -13.35 -24.83 -0.99
CA ALA A 336 -13.88 -23.52 -0.62
C ALA A 336 -14.17 -23.51 0.87
N GLU A 337 -13.72 -22.46 1.54
CA GLU A 337 -13.86 -22.33 2.98
C GLU A 337 -14.77 -21.15 3.29
N LEU A 338 -15.72 -21.35 4.20
CA LEU A 338 -16.64 -20.31 4.62
C LEU A 338 -16.15 -19.73 5.93
N THR A 339 -15.89 -18.42 5.94
CA THR A 339 -15.35 -17.73 7.10
C THR A 339 -16.12 -16.44 7.35
N SER A 340 -17.46 -16.53 7.34
CA SER A 340 -18.30 -15.38 7.60
C SER A 340 -19.47 -15.68 8.55
N TRP A 341 -19.55 -16.87 9.12
CA TRP A 341 -20.60 -17.22 10.09
C TRP A 341 -20.14 -16.85 11.48
N TYR A 342 -20.68 -15.75 11.99
CA TYR A 342 -20.43 -15.30 13.35
C TYR A 342 -21.66 -15.63 14.19
N PHE A 343 -21.44 -16.30 15.32
CA PHE A 343 -22.51 -16.60 16.25
C PHE A 343 -22.82 -15.35 17.06
N VAL A 344 -23.87 -14.65 16.68
CA VAL A 344 -24.19 -13.33 17.23
C VAL A 344 -25.58 -13.37 17.82
N SER A 345 -25.72 -12.83 19.04
CA SER A 345 -27.04 -12.74 19.66
C SER A 345 -27.95 -11.80 18.88
N SER A 346 -27.41 -10.68 18.40
CA SER A 346 -28.22 -9.66 17.76
C SER A 346 -28.30 -9.91 16.26
N PRO A 347 -29.49 -10.13 15.69
CA PRO A 347 -29.57 -10.28 14.23
C PRO A 347 -29.14 -9.04 13.48
N PHE A 348 -29.40 -7.85 14.02
CA PHE A 348 -29.10 -6.59 13.35
C PHE A 348 -27.87 -5.94 13.97
N SER A 349 -27.35 -4.94 13.27
CA SER A 349 -26.18 -4.19 13.72
C SER A 349 -26.46 -2.71 13.55
N LEU A 350 -26.32 -1.96 14.63
CA LEU A 350 -26.54 -0.52 14.61
C LEU A 350 -25.22 0.20 14.48
N ASP A 351 -25.09 1.02 13.45
CA ASP A 351 -23.88 1.80 13.17
C ASP A 351 -24.20 3.26 13.49
N LEU A 352 -23.75 3.71 14.66
CA LEU A 352 -24.00 5.08 15.13
C LEU A 352 -22.78 5.97 14.94
N SER A 353 -22.05 5.79 13.84
CA SER A 353 -20.91 6.64 13.54
C SER A 353 -21.30 7.94 12.87
N LYS A 354 -22.56 8.08 12.46
CA LYS A 354 -23.02 9.26 11.74
C LYS A 354 -23.76 10.26 12.61
N THR A 355 -23.90 9.98 13.91
CA THR A 355 -24.57 10.90 14.82
C THR A 355 -23.52 11.84 15.41
N LYS A 356 -23.73 13.14 15.22
CA LYS A 356 -22.76 14.11 15.72
C LYS A 356 -22.86 14.23 17.24
N ARG A 357 -21.72 14.20 17.89
CA ARG A 357 -21.66 14.44 19.32
C ARG A 357 -21.82 15.94 19.55
N HIS A 358 -21.61 16.39 20.79
CA HIS A 358 -21.66 17.82 21.11
C HIS A 358 -23.03 18.41 20.77
N LEU A 359 -24.04 17.91 21.47
CA LEU A 359 -25.40 18.39 21.26
C LEU A 359 -25.50 19.88 21.59
N VAL A 360 -26.36 20.58 20.85
CA VAL A 360 -26.55 22.02 21.00
C VAL A 360 -27.83 22.24 21.79
N PRO A 361 -27.76 22.73 23.03
CA PRO A 361 -28.99 22.98 23.79
C PRO A 361 -29.87 24.01 23.09
N GLY A 362 -31.18 23.80 23.19
CA GLY A 362 -32.15 24.68 22.58
C GLY A 362 -32.48 24.38 21.14
N ALA A 363 -31.84 23.38 20.53
CA ALA A 363 -32.12 23.00 19.15
C ALA A 363 -32.26 21.49 19.07
N PRO A 364 -33.04 20.98 18.11
CA PRO A 364 -33.27 19.53 18.05
C PRO A 364 -31.99 18.77 17.80
N PHE A 365 -31.80 17.69 18.54
CA PHE A 365 -30.63 16.83 18.40
C PHE A 365 -30.96 15.73 17.40
N LEU A 366 -30.54 15.92 16.15
CA LEU A 366 -30.80 14.92 15.13
C LEU A 366 -29.93 13.70 15.37
N LEU A 367 -30.58 12.54 15.56
CA LEU A 367 -29.88 11.27 15.80
C LEU A 367 -29.90 10.45 14.52
N GLN A 368 -28.71 10.16 14.01
CA GLN A 368 -28.55 9.37 12.79
C GLN A 368 -28.06 7.98 13.16
N ALA A 369 -28.73 6.97 12.59
CA ALA A 369 -28.35 5.57 12.82
C ALA A 369 -28.52 4.80 11.52
N LEU A 370 -27.53 3.98 11.21
CA LEU A 370 -27.55 3.12 10.03
C LEU A 370 -27.84 1.69 10.50
N VAL A 371 -29.01 1.18 10.11
CA VAL A 371 -29.44 -0.17 10.54
C VAL A 371 -28.97 -1.13 9.45
N ARG A 372 -27.75 -1.63 9.60
CA ARG A 372 -27.19 -2.59 8.66
C ARG A 372 -27.37 -3.99 9.23
N GLU A 373 -28.04 -4.85 8.46
CA GLU A 373 -28.21 -6.24 8.87
C GLU A 373 -26.84 -6.88 9.06
N MET A 374 -26.72 -7.68 10.13
CA MET A 374 -25.42 -8.23 10.50
C MET A 374 -24.79 -8.97 9.32
N SER A 375 -23.54 -8.64 9.03
CA SER A 375 -22.80 -9.27 7.95
C SER A 375 -23.60 -9.24 6.64
N GLY A 376 -24.12 -8.06 6.32
CA GLY A 376 -24.91 -7.92 5.11
C GLY A 376 -25.16 -6.47 4.79
N SER A 377 -25.82 -6.26 3.66
CA SER A 377 -26.12 -4.92 3.19
C SER A 377 -27.21 -4.29 4.06
N PRO A 378 -27.33 -2.95 4.02
CA PRO A 378 -28.36 -2.30 4.85
C PRO A 378 -29.75 -2.78 4.51
N ALA A 379 -30.58 -2.89 5.54
CA ALA A 379 -31.96 -3.36 5.42
C ALA A 379 -32.93 -2.21 5.63
N SER A 380 -34.21 -2.48 5.39
CA SER A 380 -35.26 -1.48 5.47
C SER A 380 -36.39 -2.00 6.35
N GLY A 381 -37.13 -1.06 6.93
CA GLY A 381 -38.27 -1.40 7.76
C GLY A 381 -37.92 -2.13 9.04
N ILE A 382 -36.89 -1.69 9.75
CA ILE A 382 -36.51 -2.25 11.04
C ILE A 382 -36.82 -1.19 12.11
N PRO A 383 -37.89 -1.34 12.88
CA PRO A 383 -38.18 -0.32 13.90
C PRO A 383 -37.01 -0.12 14.84
N VAL A 384 -36.77 1.14 15.20
CA VAL A 384 -35.71 1.52 16.11
C VAL A 384 -36.32 2.33 17.25
N LYS A 385 -35.97 1.97 18.47
CA LYS A 385 -36.48 2.65 19.66
C LYS A 385 -35.34 3.46 20.29
N VAL A 386 -35.61 4.75 20.52
CA VAL A 386 -34.63 5.65 21.11
C VAL A 386 -35.23 6.18 22.40
N SER A 387 -34.51 5.98 23.51
CA SER A 387 -34.95 6.41 24.83
C SER A 387 -33.94 7.43 25.37
N ALA A 388 -34.14 8.69 25.01
CA ALA A 388 -33.26 9.75 25.47
C ALA A 388 -33.66 10.20 26.87
N THR A 389 -32.68 10.32 27.75
CA THR A 389 -32.89 10.76 29.13
C THR A 389 -32.09 12.04 29.34
N VAL A 390 -32.71 13.17 29.02
CA VAL A 390 -32.03 14.45 29.17
C VAL A 390 -31.79 14.72 30.64
N SER A 391 -30.56 15.10 30.97
CA SER A 391 -30.17 15.36 32.35
C SER A 391 -30.54 16.79 32.73
N SER A 392 -31.34 16.94 33.79
CA SER A 392 -31.73 18.25 34.28
C SER A 392 -30.85 18.63 35.46
N PRO A 393 -30.03 19.67 35.36
CA PRO A 393 -29.18 20.03 36.51
C PRO A 393 -29.96 20.42 37.75
N GLY A 394 -31.21 20.84 37.60
CA GLY A 394 -32.01 21.28 38.74
C GLY A 394 -33.41 20.71 38.75
N SER A 395 -33.57 19.48 38.26
CA SER A 395 -34.87 18.83 38.25
C SER A 395 -34.65 17.36 37.90
N VAL A 396 -35.74 16.60 37.93
CA VAL A 396 -35.65 15.17 37.61
C VAL A 396 -35.26 15.01 36.15
N PRO A 397 -34.44 14.00 35.78
CA PRO A 397 -34.08 13.82 34.37
C PRO A 397 -35.23 13.17 33.60
N GLU A 398 -35.90 13.97 32.77
CA GLU A 398 -37.03 13.46 32.02
C GLU A 398 -36.59 12.34 31.08
N VAL A 399 -37.47 11.36 30.91
CA VAL A 399 -37.24 10.22 30.04
C VAL A 399 -38.13 10.38 28.81
N GLN A 400 -37.50 10.55 27.65
CA GLN A 400 -38.22 10.73 26.39
C GLN A 400 -37.92 9.53 25.48
N ASP A 401 -38.97 8.93 24.94
CA ASP A 401 -38.86 7.78 24.06
C ASP A 401 -39.54 8.08 22.74
N ILE A 402 -38.86 7.78 21.64
CA ILE A 402 -39.40 7.99 20.30
C ILE A 402 -39.09 6.74 19.48
N GLN A 403 -40.04 6.34 18.64
CA GLN A 403 -39.90 5.17 17.79
C GLN A 403 -40.01 5.59 16.33
N GLN A 404 -39.22 4.95 15.48
CA GLN A 404 -39.23 5.25 14.06
C GLN A 404 -38.79 4.02 13.28
N ASN A 405 -39.10 4.01 12.00
CA ASN A 405 -38.76 2.91 11.11
C ASN A 405 -37.76 3.38 10.06
N THR A 406 -36.92 2.46 9.60
CA THR A 406 -35.90 2.80 8.63
C THR A 406 -36.53 3.35 7.36
N ASP A 407 -35.90 4.38 6.80
CA ASP A 407 -36.46 5.03 5.62
C ASP A 407 -36.51 4.07 4.42
N GLY A 408 -35.46 3.26 4.26
CA GLY A 408 -35.38 2.36 3.12
C GLY A 408 -33.96 2.20 2.63
N SER A 409 -33.09 3.14 2.99
CA SER A 409 -31.67 3.07 2.68
C SER A 409 -30.85 2.60 3.87
N GLY A 410 -31.50 2.11 4.93
CA GLY A 410 -30.82 1.67 6.13
C GLY A 410 -30.62 2.73 7.18
N GLN A 411 -30.96 3.98 6.89
CA GLN A 411 -30.69 5.09 7.79
C GLN A 411 -31.99 5.64 8.36
N VAL A 412 -31.94 6.08 9.61
CA VAL A 412 -33.06 6.69 10.31
C VAL A 412 -32.61 8.02 10.88
N SER A 413 -33.34 9.09 10.59
CA SER A 413 -33.03 10.42 11.08
C SER A 413 -34.11 10.83 12.06
N ILE A 414 -33.88 10.56 13.34
CA ILE A 414 -34.89 10.75 14.38
C ILE A 414 -34.55 11.98 15.22
N PRO A 415 -35.31 13.06 15.12
CA PRO A 415 -35.02 14.24 15.95
C PRO A 415 -35.35 13.99 17.41
N ILE A 416 -34.74 14.78 18.27
CA ILE A 416 -34.96 14.70 19.71
C ILE A 416 -35.03 16.12 20.26
N ILE A 417 -36.19 16.48 20.82
CA ILE A 417 -36.33 17.78 21.45
C ILE A 417 -35.52 17.80 22.74
N ILE A 418 -34.74 18.86 22.94
CA ILE A 418 -33.89 18.97 24.12
C ILE A 418 -33.99 20.39 24.68
N PRO A 419 -34.31 20.56 25.96
CA PRO A 419 -34.35 21.91 26.53
C PRO A 419 -32.96 22.49 26.69
N GLN A 420 -32.92 23.82 26.82
CA GLN A 420 -31.65 24.54 26.86
C GLN A 420 -30.93 24.41 28.19
N THR A 421 -31.56 23.80 29.20
CA THR A 421 -30.96 23.69 30.52
C THR A 421 -30.22 22.36 30.73
N ILE A 422 -30.21 21.47 29.74
CA ILE A 422 -29.72 20.12 29.96
C ILE A 422 -28.21 20.15 30.19
N SER A 423 -27.76 19.44 31.23
CA SER A 423 -26.32 19.25 31.41
C SER A 423 -25.76 18.24 30.44
N GLU A 424 -26.46 17.12 30.25
CA GLU A 424 -26.01 16.09 29.33
C GLU A 424 -27.21 15.24 28.93
N LEU A 425 -27.05 14.49 27.84
CA LEU A 425 -28.10 13.66 27.29
C LEU A 425 -27.60 12.24 27.17
N GLN A 426 -28.34 11.29 27.75
CA GLN A 426 -28.04 9.87 27.66
C GLN A 426 -29.17 9.19 26.91
N LEU A 427 -28.81 8.46 25.85
CA LEU A 427 -29.81 7.79 25.03
C LEU A 427 -29.34 6.39 24.69
N SER A 428 -30.28 5.45 24.67
CA SER A 428 -30.02 4.08 24.26
C SER A 428 -30.93 3.75 23.08
N VAL A 429 -30.33 3.23 22.01
CA VAL A 429 -31.06 2.91 20.79
C VAL A 429 -31.08 1.39 20.63
N SER A 430 -32.24 0.85 20.29
CA SER A 430 -32.42 -0.58 20.04
C SER A 430 -33.14 -0.74 18.72
N ALA A 431 -32.64 -1.61 17.87
CA ALA A 431 -33.14 -1.78 16.51
C ALA A 431 -33.76 -3.15 16.34
N GLY A 432 -35.00 -3.17 15.86
CA GLY A 432 -35.65 -4.42 15.51
C GLY A 432 -36.11 -5.22 16.72
N SER A 433 -36.64 -6.40 16.43
CA SER A 433 -37.08 -7.35 17.46
C SER A 433 -37.46 -8.66 16.78
N PRO A 434 -37.37 -9.81 17.49
CA PRO A 434 -36.87 -9.95 18.87
C PRO A 434 -35.36 -9.86 18.96
N HIS A 435 -34.84 -9.78 20.19
CA HIS A 435 -33.41 -9.64 20.40
C HIS A 435 -32.89 -8.42 19.66
N PRO A 436 -33.35 -7.22 20.00
CA PRO A 436 -32.87 -6.03 19.30
C PRO A 436 -31.38 -5.80 19.52
N ALA A 437 -30.73 -5.22 18.51
CA ALA A 437 -29.35 -4.80 18.64
C ALA A 437 -29.32 -3.43 19.31
N ILE A 438 -28.66 -3.34 20.46
CA ILE A 438 -28.66 -2.14 21.28
C ILE A 438 -27.30 -1.47 21.19
N ALA A 439 -27.30 -0.16 21.04
CA ALA A 439 -26.10 0.67 21.11
C ALA A 439 -26.38 1.85 22.01
N ARG A 440 -25.46 2.14 22.93
CA ARG A 440 -25.65 3.20 23.91
C ARG A 440 -24.49 4.18 23.83
N LEU A 441 -24.80 5.46 23.76
CA LEU A 441 -23.80 6.52 23.84
C LEU A 441 -24.35 7.67 24.65
N THR A 442 -23.45 8.41 25.29
CA THR A 442 -23.79 9.56 26.11
C THR A 442 -23.12 10.80 25.53
N VAL A 443 -23.87 11.88 25.40
CA VAL A 443 -23.36 13.14 24.87
C VAL A 443 -23.59 14.21 25.93
N ALA A 444 -22.54 14.97 26.24
CA ALA A 444 -22.60 16.00 27.27
C ALA A 444 -22.72 17.37 26.61
N ALA A 445 -23.63 18.19 27.14
CA ALA A 445 -23.81 19.52 26.60
C ALA A 445 -22.57 20.37 26.84
N PRO A 446 -22.27 21.29 25.94
CA PRO A 446 -21.09 22.15 26.13
C PRO A 446 -21.22 22.94 27.42
N PRO A 447 -20.13 23.52 27.91
CA PRO A 447 -20.21 24.28 29.16
C PRO A 447 -21.13 25.49 28.99
N SER A 448 -21.94 25.73 30.02
CA SER A 448 -22.88 26.84 29.99
C SER A 448 -22.19 28.14 30.37
N GLY A 449 -22.90 29.25 30.15
CA GLY A 449 -22.38 30.56 30.46
C GLY A 449 -21.51 31.17 29.39
N GLY A 450 -21.21 30.44 28.32
CA GLY A 450 -20.42 30.97 27.23
C GLY A 450 -21.27 31.72 26.23
N PRO A 451 -20.69 32.09 25.10
CA PRO A 451 -21.45 32.81 24.07
C PRO A 451 -22.53 31.92 23.49
N GLY A 452 -23.27 32.49 22.54
CA GLY A 452 -24.37 31.76 21.93
C GLY A 452 -23.90 30.57 21.13
N PHE A 453 -24.86 29.71 20.79
CA PHE A 453 -24.61 28.51 20.02
C PHE A 453 -25.35 28.59 18.68
N LEU A 454 -24.75 28.01 17.65
CA LEU A 454 -25.33 27.98 16.32
C LEU A 454 -25.73 26.56 15.99
N SER A 455 -26.94 26.39 15.47
CA SER A 455 -27.50 25.08 15.17
C SER A 455 -27.79 24.97 13.68
N ILE A 456 -27.16 24.01 13.01
CA ILE A 456 -27.43 23.73 11.62
C ILE A 456 -28.52 22.67 11.55
N GLU A 457 -29.56 22.94 10.76
CA GLU A 457 -30.67 22.01 10.58
C GLU A 457 -30.86 21.73 9.11
N ARG A 458 -30.84 20.46 8.75
CA ARG A 458 -31.05 20.05 7.36
C ARG A 458 -32.43 19.42 7.23
N PRO A 459 -33.40 20.09 6.59
CA PRO A 459 -34.74 19.49 6.49
C PRO A 459 -34.77 18.18 5.72
N ASP A 460 -33.90 18.02 4.73
CA ASP A 460 -33.99 16.88 3.82
C ASP A 460 -33.59 15.58 4.52
N SER A 461 -32.34 15.49 4.96
CA SER A 461 -31.81 14.31 5.64
C SER A 461 -31.72 13.10 4.73
N ARG A 462 -31.49 13.33 3.44
CA ARG A 462 -31.28 12.26 2.47
C ARG A 462 -30.03 12.56 1.66
N PRO A 463 -29.35 11.53 1.15
CA PRO A 463 -28.07 11.75 0.49
C PRO A 463 -28.23 12.58 -0.77
N PRO A 464 -27.55 13.71 -0.88
CA PRO A 464 -27.72 14.57 -2.06
C PRO A 464 -26.92 14.08 -3.26
N ARG A 465 -27.60 13.90 -4.39
CA ARG A 465 -26.90 13.58 -5.62
C ARG A 465 -26.19 14.82 -6.15
N VAL A 466 -25.18 14.60 -6.99
CA VAL A 466 -24.50 15.73 -7.63
C VAL A 466 -25.50 16.49 -8.48
N GLY A 467 -25.40 17.82 -8.44
CA GLY A 467 -26.34 18.66 -9.14
C GLY A 467 -27.63 18.94 -8.40
N ASP A 468 -27.73 18.54 -7.13
CA ASP A 468 -28.92 18.74 -6.32
C ASP A 468 -28.58 19.75 -5.23
N THR A 469 -29.26 20.89 -5.27
CA THR A 469 -29.04 21.94 -4.27
C THR A 469 -29.75 21.57 -2.98
N LEU A 470 -28.99 21.38 -1.92
CA LEU A 470 -29.53 21.07 -0.61
C LEU A 470 -29.51 22.31 0.27
N ASN A 471 -30.55 22.46 1.08
CA ASN A 471 -30.73 23.65 1.92
C ASN A 471 -30.44 23.32 3.36
N LEU A 472 -29.72 24.21 4.04
CA LEU A 472 -29.44 24.10 5.46
C LEU A 472 -30.04 25.30 6.18
N ASN A 473 -30.67 25.06 7.32
CA ASN A 473 -31.26 26.11 8.13
C ASN A 473 -30.31 26.47 9.24
N LEU A 474 -29.87 27.73 9.28
CA LEU A 474 -28.97 28.23 10.30
C LEU A 474 -29.78 29.03 11.31
N ARG A 475 -29.52 28.79 12.59
CA ARG A 475 -30.24 29.49 13.65
C ARG A 475 -29.29 29.82 14.79
N ALA A 476 -29.32 31.07 15.25
CA ALA A 476 -28.58 31.47 16.43
C ALA A 476 -29.42 31.17 17.66
N VAL A 477 -28.95 30.23 18.49
CA VAL A 477 -29.73 29.76 19.62
C VAL A 477 -29.44 30.53 20.92
N GLY A 478 -28.32 31.23 20.99
CA GLY A 478 -27.97 31.94 22.21
C GLY A 478 -28.63 33.30 22.32
N SER A 479 -27.91 34.26 22.89
CA SER A 479 -28.44 35.61 23.03
C SER A 479 -28.63 36.26 21.66
N GLY A 480 -29.61 37.15 21.58
CA GLY A 480 -29.94 37.79 20.33
C GLY A 480 -29.01 38.94 19.98
N ALA A 481 -27.75 38.62 19.71
CA ALA A 481 -26.82 39.63 19.25
C ALA A 481 -27.22 40.10 17.85
N THR A 482 -26.73 41.30 17.49
CA THR A 482 -27.11 41.95 16.24
C THR A 482 -26.12 41.68 15.12
N PHE A 483 -25.50 40.50 15.10
CA PHE A 483 -24.61 40.16 14.01
C PHE A 483 -25.36 40.25 12.69
N SER A 484 -24.78 40.96 11.72
CA SER A 484 -25.51 41.27 10.50
C SER A 484 -25.65 40.06 9.60
N HIS A 485 -24.57 39.31 9.41
CA HIS A 485 -24.51 38.28 8.38
C HIS A 485 -24.14 36.93 8.99
N TYR A 486 -24.28 35.90 8.16
CA TYR A 486 -23.84 34.55 8.48
C TYR A 486 -22.73 34.19 7.50
N TYR A 487 -21.57 33.81 8.04
CA TYR A 487 -20.44 33.39 7.22
C TYR A 487 -20.36 31.88 7.22
N TYR A 488 -20.19 31.29 6.04
CA TYR A 488 -20.08 29.85 5.91
C TYR A 488 -19.09 29.51 4.80
N MET A 489 -18.52 28.32 4.89
CA MET A 489 -17.57 27.83 3.90
C MET A 489 -17.73 26.32 3.77
N ILE A 490 -17.27 25.80 2.64
CA ILE A 490 -17.41 24.38 2.32
C ILE A 490 -16.02 23.78 2.17
N LEU A 491 -15.74 22.74 2.95
CA LEU A 491 -14.47 22.03 2.91
C LEU A 491 -14.66 20.68 2.22
N SER A 492 -13.90 20.44 1.16
CA SER A 492 -13.96 19.17 0.45
C SER A 492 -12.54 18.69 0.19
N ARG A 493 -12.16 17.59 0.84
CA ARG A 493 -10.82 17.04 0.71
C ARG A 493 -9.78 17.98 1.31
N GLY A 494 -10.07 18.51 2.49
CA GLY A 494 -9.14 19.41 3.16
C GLY A 494 -8.82 20.65 2.37
N GLN A 495 -9.79 21.17 1.61
CA GLN A 495 -9.60 22.37 0.81
C GLN A 495 -10.85 23.23 0.96
N ILE A 496 -10.66 24.53 1.17
CA ILE A 496 -11.78 25.46 1.26
C ILE A 496 -12.17 25.84 -0.16
N VAL A 497 -13.08 25.07 -0.76
CA VAL A 497 -13.44 25.29 -2.16
C VAL A 497 -14.52 26.33 -2.36
N PHE A 498 -15.08 26.88 -1.29
CA PHE A 498 -16.11 27.90 -1.43
C PHE A 498 -16.33 28.58 -0.09
N MET A 499 -16.30 29.90 -0.09
CA MET A 499 -16.56 30.71 1.09
C MET A 499 -17.53 31.81 0.71
N ASN A 500 -18.46 32.12 1.60
CA ASN A 500 -19.49 33.10 1.28
C ASN A 500 -20.15 33.56 2.58
N ARG A 501 -20.99 34.59 2.45
CA ARG A 501 -21.78 35.10 3.57
C ARG A 501 -23.24 35.20 3.14
N GLU A 502 -24.13 34.95 4.10
CA GLU A 502 -25.56 35.06 3.87
C GLU A 502 -26.18 35.98 4.92
N PRO A 503 -26.96 36.97 4.51
CA PRO A 503 -27.49 37.92 5.50
C PRO A 503 -28.43 37.24 6.48
N LYS A 504 -28.44 37.74 7.71
CA LYS A 504 -29.35 37.23 8.72
C LYS A 504 -30.77 37.65 8.40
N ARG A 505 -31.73 36.77 8.72
CA ARG A 505 -33.14 37.04 8.49
C ARG A 505 -33.96 36.25 9.49
N THR A 506 -35.28 36.39 9.42
CA THR A 506 -36.16 35.59 10.26
C THR A 506 -35.96 34.11 9.96
N LEU A 507 -35.86 33.75 8.68
CA LEU A 507 -35.52 32.40 8.25
C LEU A 507 -34.22 32.49 7.48
N THR A 508 -33.28 31.60 7.79
CA THR A 508 -31.96 31.58 7.17
C THR A 508 -31.82 30.30 6.37
N SER A 509 -32.02 30.39 5.07
CA SER A 509 -31.89 29.25 4.16
C SER A 509 -30.71 29.50 3.24
N VAL A 510 -29.76 28.58 3.24
CA VAL A 510 -28.57 28.67 2.40
C VAL A 510 -28.59 27.52 1.41
N SER A 511 -28.46 27.86 0.12
CA SER A 511 -28.48 26.87 -0.94
C SER A 511 -27.05 26.52 -1.30
N VAL A 512 -26.69 25.25 -1.13
CA VAL A 512 -25.33 24.78 -1.42
C VAL A 512 -25.35 23.83 -2.60
N PHE A 513 -25.17 24.38 -3.79
CA PHE A 513 -25.11 23.54 -4.99
C PHE A 513 -23.94 22.57 -4.87
N VAL A 514 -24.24 21.28 -4.83
CA VAL A 514 -23.23 20.24 -4.67
C VAL A 514 -22.81 19.77 -6.06
N ASP A 515 -21.51 19.83 -6.32
CA ASP A 515 -20.95 19.44 -7.60
C ASP A 515 -19.83 18.43 -7.36
N HIS A 516 -19.21 17.98 -8.47
CA HIS A 516 -18.16 16.97 -8.35
C HIS A 516 -17.03 17.44 -7.46
N HIS A 517 -16.85 18.76 -7.34
CA HIS A 517 -15.85 19.28 -6.42
C HIS A 517 -16.13 18.85 -4.99
N LEU A 518 -17.39 18.56 -4.68
CA LEU A 518 -17.80 18.06 -3.38
C LEU A 518 -18.19 16.59 -3.57
N ALA A 519 -17.23 15.70 -3.32
CA ALA A 519 -17.46 14.27 -3.42
C ALA A 519 -16.25 13.54 -2.85
N PRO A 520 -16.45 12.43 -2.12
CA PRO A 520 -17.74 11.79 -1.82
C PRO A 520 -18.43 12.40 -0.61
N SER A 521 -17.77 13.36 0.04
CA SER A 521 -18.37 14.05 1.17
C SER A 521 -17.67 15.38 1.34
N PHE A 522 -18.31 16.27 2.10
CA PHE A 522 -17.76 17.59 2.36
C PHE A 522 -18.22 18.04 3.74
N TYR A 523 -17.67 19.16 4.19
CA TYR A 523 -18.04 19.77 5.46
C TYR A 523 -18.67 21.12 5.17
N PHE A 524 -19.57 21.54 6.06
CA PHE A 524 -20.23 22.83 5.97
C PHE A 524 -20.03 23.55 7.29
N VAL A 525 -19.03 24.42 7.35
CA VAL A 525 -18.71 25.18 8.55
C VAL A 525 -19.28 26.57 8.39
N ALA A 526 -20.13 26.98 9.33
CA ALA A 526 -20.72 28.30 9.33
C ALA A 526 -20.55 28.90 10.71
N PHE A 527 -20.35 30.22 10.76
CA PHE A 527 -20.05 30.86 12.03
C PHE A 527 -20.52 32.30 12.02
N TYR A 528 -20.65 32.85 13.22
CA TYR A 528 -21.01 34.24 13.44
C TYR A 528 -20.36 34.67 14.75
N TYR A 529 -20.24 35.99 14.94
CA TYR A 529 -19.56 36.54 16.10
C TYR A 529 -20.56 37.17 17.04
N HIS A 530 -20.60 36.67 18.28
CA HIS A 530 -21.41 37.28 19.33
C HIS A 530 -20.58 38.38 20.01
N GLY A 531 -20.43 39.48 19.28
CA GLY A 531 -19.64 40.60 19.75
C GLY A 531 -18.16 40.44 19.51
N ASP A 532 -17.51 39.61 20.33
CA ASP A 532 -16.08 39.35 20.19
C ASP A 532 -15.76 37.88 19.96
N HIS A 533 -16.37 36.97 20.73
CA HIS A 533 -16.07 35.57 20.58
C HIS A 533 -16.73 35.00 19.32
N PRO A 534 -16.16 33.94 18.74
CA PRO A 534 -16.81 33.29 17.60
C PRO A 534 -17.72 32.15 18.03
N VAL A 535 -18.67 31.85 17.15
CA VAL A 535 -19.60 30.74 17.34
C VAL A 535 -19.73 30.02 16.01
N ALA A 536 -19.62 28.69 16.03
CA ALA A 536 -19.64 27.93 14.79
C ALA A 536 -20.14 26.52 15.08
N ASN A 537 -20.57 25.85 14.01
CA ASN A 537 -21.05 24.47 14.12
C ASN A 537 -20.99 23.84 12.73
N SER A 538 -20.11 22.88 12.55
CA SER A 538 -19.96 22.23 11.26
C SER A 538 -21.02 21.15 11.09
N LEU A 539 -21.09 20.61 9.86
CA LEU A 539 -22.06 19.55 9.57
C LEU A 539 -21.52 18.76 8.38
N ARG A 540 -20.97 17.59 8.64
CA ARG A 540 -20.52 16.73 7.56
C ARG A 540 -21.70 16.28 6.73
N VAL A 541 -21.54 16.28 5.42
CA VAL A 541 -22.59 15.94 4.48
C VAL A 541 -22.07 14.84 3.57
N ASP A 542 -22.62 13.64 3.71
CA ASP A 542 -22.22 12.52 2.87
C ASP A 542 -22.90 12.64 1.52
N VAL A 543 -22.11 12.94 0.49
CA VAL A 543 -22.63 13.04 -0.88
C VAL A 543 -22.64 11.65 -1.50
N GLN A 544 -23.67 11.38 -2.29
CA GLN A 544 -23.79 10.07 -2.92
C GLN A 544 -22.67 9.86 -3.92
N ALA A 545 -22.27 8.60 -4.09
CA ALA A 545 -21.23 8.28 -5.05
C ALA A 545 -21.65 8.68 -6.47
N GLY A 546 -22.89 8.39 -6.83
CA GLY A 546 -23.35 8.70 -8.17
C GLY A 546 -22.55 7.95 -9.21
N ALA A 547 -21.70 8.68 -9.94
CA ALA A 547 -20.82 8.05 -10.92
C ALA A 547 -19.77 9.05 -11.33
N CYS A 548 -18.73 8.54 -11.98
CA CYS A 548 -17.70 9.40 -12.55
C CYS A 548 -18.23 10.12 -13.78
N GLU A 549 -17.79 11.36 -13.96
CA GLU A 549 -18.20 12.13 -15.13
C GLU A 549 -17.46 11.73 -16.40
N GLY A 550 -16.40 10.92 -16.29
CA GLY A 550 -15.72 10.46 -17.49
C GLY A 550 -16.64 9.67 -18.40
N LYS A 551 -17.49 8.83 -17.83
CA LYS A 551 -18.48 8.08 -18.58
C LYS A 551 -17.83 7.18 -19.62
N LEU A 552 -17.05 6.21 -19.14
CA LEU A 552 -16.49 5.17 -20.00
C LEU A 552 -17.45 3.98 -20.00
N GLU A 553 -17.83 3.55 -21.19
CA GLU A 553 -18.82 2.48 -21.36
C GLU A 553 -18.24 1.39 -22.26
N LEU A 554 -17.80 0.30 -21.65
CA LEU A 554 -17.47 -0.90 -22.40
C LEU A 554 -18.75 -1.64 -22.73
N SER A 555 -18.90 -2.06 -23.98
CA SER A 555 -20.13 -2.72 -24.38
C SER A 555 -19.87 -3.61 -25.60
N VAL A 556 -20.65 -4.67 -25.71
CA VAL A 556 -20.65 -5.56 -26.86
C VAL A 556 -22.08 -5.81 -27.27
N ASP A 557 -22.24 -6.53 -28.39
CA ASP A 557 -23.58 -6.79 -28.93
C ASP A 557 -24.22 -8.01 -28.26
N GLY A 558 -24.27 -8.00 -26.93
CA GLY A 558 -24.89 -9.07 -26.17
C GLY A 558 -24.48 -10.43 -26.67
N ALA A 559 -25.42 -11.39 -26.57
CA ALA A 559 -25.23 -12.74 -27.08
C ALA A 559 -23.97 -13.38 -26.49
N LYS A 560 -24.02 -13.57 -25.18
CA LYS A 560 -22.87 -14.11 -24.46
C LYS A 560 -22.79 -15.63 -24.61
N GLN A 561 -22.79 -16.09 -25.86
CA GLN A 561 -22.58 -17.49 -26.20
C GLN A 561 -21.39 -17.64 -27.15
N TYR A 562 -20.41 -16.75 -27.02
CA TYR A 562 -19.31 -16.70 -27.97
C TYR A 562 -18.53 -18.01 -27.95
N ARG A 563 -18.42 -18.63 -29.12
CA ARG A 563 -17.50 -19.75 -29.29
C ARG A 563 -16.10 -19.20 -29.54
N ASN A 564 -15.12 -19.75 -28.84
CA ASN A 564 -13.75 -19.28 -28.96
C ASN A 564 -13.35 -19.09 -30.42
N GLY A 565 -12.40 -18.20 -30.64
CA GLY A 565 -11.95 -17.91 -31.99
C GLY A 565 -12.86 -17.00 -32.77
N GLU A 566 -13.91 -16.50 -32.15
CA GLU A 566 -14.87 -15.60 -32.79
C GLU A 566 -14.46 -14.16 -32.54
N SER A 567 -14.78 -13.29 -33.49
CA SER A 567 -14.42 -11.89 -33.41
C SER A 567 -15.51 -11.13 -32.67
N VAL A 568 -15.18 -10.58 -31.51
CA VAL A 568 -16.11 -9.79 -30.71
C VAL A 568 -15.61 -8.35 -30.73
N LYS A 569 -16.46 -7.44 -31.22
CA LYS A 569 -16.11 -6.04 -31.33
C LYS A 569 -16.52 -5.32 -30.04
N LEU A 570 -15.56 -4.65 -29.42
CA LEU A 570 -15.78 -3.95 -28.17
C LEU A 570 -15.92 -2.46 -28.46
N HIS A 571 -17.01 -1.87 -28.02
CA HIS A 571 -17.31 -0.47 -28.29
C HIS A 571 -16.88 0.38 -27.10
N LEU A 572 -15.97 1.31 -27.35
CA LEU A 572 -15.45 2.21 -26.33
C LEU A 572 -16.06 3.59 -26.54
N GLU A 573 -16.75 4.09 -25.53
CA GLU A 573 -17.41 5.39 -25.61
C GLU A 573 -17.00 6.22 -24.40
N THR A 574 -16.60 7.46 -24.67
CA THR A 574 -16.25 8.41 -23.62
C THR A 574 -16.70 9.80 -24.05
N ASP A 575 -17.00 10.64 -23.05
CA ASP A 575 -17.52 11.96 -23.32
C ASP A 575 -16.44 12.95 -23.77
N SER A 576 -15.18 12.55 -23.73
CA SER A 576 -14.10 13.44 -24.17
C SER A 576 -12.89 12.59 -24.57
N LEU A 577 -11.97 13.21 -25.28
CA LEU A 577 -10.72 12.53 -25.59
C LEU A 577 -10.01 12.13 -24.31
N ALA A 578 -9.57 10.88 -24.24
CA ALA A 578 -9.03 10.36 -23.00
C ALA A 578 -8.14 9.17 -23.29
N LEU A 579 -7.33 8.80 -22.28
CA LEU A 579 -6.52 7.60 -22.34
C LEU A 579 -7.30 6.46 -21.69
N VAL A 580 -7.56 5.41 -22.47
CA VAL A 580 -8.35 4.27 -22.02
C VAL A 580 -7.41 3.10 -21.77
N ALA A 581 -7.50 2.51 -20.58
CA ALA A 581 -6.68 1.38 -20.18
C ALA A 581 -7.58 0.15 -20.04
N LEU A 582 -7.23 -0.93 -20.73
CA LEU A 582 -8.08 -2.10 -20.83
C LEU A 582 -7.39 -3.32 -20.24
N GLY A 583 -8.14 -4.10 -19.46
CA GLY A 583 -7.66 -5.34 -18.92
C GLY A 583 -8.69 -6.44 -19.03
N ALA A 584 -8.39 -7.51 -19.78
CA ALA A 584 -9.28 -8.65 -19.94
C ALA A 584 -8.70 -9.80 -19.13
N LEU A 585 -9.37 -10.17 -18.04
CA LEU A 585 -8.89 -11.14 -17.09
C LEU A 585 -9.74 -12.41 -17.16
N ASP A 586 -9.16 -13.51 -16.69
CA ASP A 586 -9.88 -14.77 -16.61
C ASP A 586 -10.54 -14.88 -15.24
N THR A 587 -11.86 -15.05 -15.24
CA THR A 587 -12.57 -15.13 -13.96
C THR A 587 -12.06 -16.28 -13.11
N ALA A 588 -11.48 -17.30 -13.73
CA ALA A 588 -10.94 -18.42 -12.96
C ALA A 588 -9.86 -17.95 -12.01
N LEU A 589 -9.05 -16.97 -12.44
CA LEU A 589 -7.98 -16.46 -11.59
C LEU A 589 -8.53 -15.96 -10.26
N TYR A 590 -9.75 -15.45 -10.27
CA TYR A 590 -10.40 -15.09 -9.01
C TYR A 590 -10.76 -16.32 -8.20
N ALA A 591 -10.98 -17.46 -8.88
CA ALA A 591 -11.28 -18.70 -8.17
C ALA A 591 -10.02 -19.33 -7.58
N ALA A 592 -8.87 -19.15 -8.24
CA ALA A 592 -7.64 -19.74 -7.74
C ALA A 592 -7.36 -19.23 -6.33
N GLY A 593 -6.97 -20.15 -5.46
CA GLY A 593 -6.82 -19.86 -4.04
C GLY A 593 -6.09 -18.56 -3.77
N SER A 594 -6.79 -17.61 -3.16
CA SER A 594 -6.22 -16.31 -2.83
C SER A 594 -7.23 -15.57 -1.97
N LYS A 595 -6.89 -14.33 -1.62
CA LYS A 595 -7.76 -13.50 -0.81
C LYS A 595 -8.87 -12.85 -1.62
N SER A 596 -8.88 -13.03 -2.94
CA SER A 596 -9.92 -12.48 -3.80
C SER A 596 -10.01 -10.97 -3.65
N HIS A 597 -8.86 -10.31 -3.56
CA HIS A 597 -8.85 -8.85 -3.47
C HIS A 597 -9.50 -8.24 -4.70
N LYS A 598 -10.34 -7.24 -4.47
CA LYS A 598 -11.14 -6.67 -5.54
C LYS A 598 -10.28 -5.78 -6.45
N PRO A 599 -10.71 -5.59 -7.69
CA PRO A 599 -9.99 -4.70 -8.60
C PRO A 599 -10.26 -3.23 -8.25
N LEU A 600 -9.76 -2.35 -9.11
CA LEU A 600 -9.96 -0.92 -8.92
C LEU A 600 -11.34 -0.53 -9.43
N ASN A 601 -12.16 0.05 -8.56
CA ASN A 601 -13.50 0.51 -8.92
C ASN A 601 -13.75 1.85 -8.26
N MET A 602 -14.81 2.53 -8.71
CA MET A 602 -15.06 3.90 -8.28
C MET A 602 -15.17 3.98 -6.76
N GLY A 603 -15.55 2.90 -6.10
CA GLY A 603 -15.54 2.90 -4.65
C GLY A 603 -14.16 3.12 -4.08
N LYS A 604 -13.15 2.52 -4.72
CA LYS A 604 -11.77 2.73 -4.28
C LYS A 604 -11.25 4.08 -4.73
N VAL A 605 -11.69 4.56 -5.89
CA VAL A 605 -11.24 5.87 -6.37
C VAL A 605 -11.71 6.96 -5.42
N PHE A 606 -12.98 6.97 -5.07
CA PHE A 606 -13.50 7.99 -4.16
C PHE A 606 -12.86 7.88 -2.80
N GLU A 607 -12.45 6.68 -2.40
CA GLU A 607 -11.69 6.55 -1.15
C GLU A 607 -10.37 7.29 -1.25
N ALA A 608 -9.71 7.22 -2.42
CA ALA A 608 -8.49 7.99 -2.62
C ALA A 608 -8.77 9.49 -2.55
N MET A 609 -9.84 9.94 -3.19
CA MET A 609 -10.19 11.36 -3.15
C MET A 609 -10.48 11.81 -1.73
N ASN A 610 -11.21 11.01 -0.98
CA ASN A 610 -11.51 11.31 0.41
C ASN A 610 -10.33 11.03 1.34
N SER A 611 -9.30 10.33 0.86
CA SER A 611 -8.16 10.02 1.72
C SER A 611 -7.45 11.27 2.20
N TYR A 612 -7.59 12.38 1.49
CA TYR A 612 -6.98 13.65 1.89
C TYR A 612 -7.83 14.42 2.90
N ASP A 613 -9.02 13.92 3.23
CA ASP A 613 -9.88 14.61 4.18
C ASP A 613 -9.18 14.71 5.54
N LEU A 614 -9.22 15.90 6.12
CA LEU A 614 -8.55 16.18 7.38
C LEU A 614 -9.49 16.13 8.57
N GLY A 615 -10.74 16.57 8.40
CA GLY A 615 -11.68 16.54 9.51
C GLY A 615 -12.06 15.12 9.88
N CYS A 616 -12.26 14.91 11.18
CA CYS A 616 -12.65 13.61 11.71
C CYS A 616 -13.91 13.76 12.53
N GLY A 617 -14.89 12.91 12.28
CA GLY A 617 -16.14 12.94 12.99
C GLY A 617 -17.25 13.57 12.18
N PRO A 618 -18.50 13.43 12.64
CA PRO A 618 -19.62 14.01 11.90
C PRO A 618 -19.67 15.54 11.96
N GLY A 619 -18.90 16.16 12.85
CA GLY A 619 -18.90 17.60 12.98
C GLY A 619 -19.20 18.04 14.40
N GLY A 620 -19.64 19.28 14.56
CA GLY A 620 -20.01 19.78 15.87
C GLY A 620 -18.82 19.94 16.79
N GLY A 621 -18.94 20.77 17.81
CA GLY A 621 -17.87 20.99 18.75
C GLY A 621 -18.29 21.79 19.95
N ASP A 622 -17.74 21.48 21.12
CA ASP A 622 -18.12 22.18 22.33
C ASP A 622 -17.75 23.65 22.25
N SER A 623 -16.57 23.96 21.72
CA SER A 623 -16.08 25.32 21.60
C SER A 623 -15.93 25.67 20.12
N ALA A 624 -15.83 26.98 19.86
CA ALA A 624 -15.66 27.43 18.48
C ALA A 624 -14.36 26.89 17.89
N LEU A 625 -13.28 26.88 18.69
CA LEU A 625 -12.02 26.35 18.20
C LEU A 625 -12.14 24.85 17.88
N GLN A 626 -12.79 24.11 18.78
CA GLN A 626 -12.84 22.66 18.62
C GLN A 626 -13.57 22.28 17.34
N VAL A 627 -14.69 22.95 17.04
CA VAL A 627 -15.41 22.65 15.81
C VAL A 627 -14.55 22.94 14.60
N PHE A 628 -13.73 23.98 14.67
CA PHE A 628 -12.80 24.27 13.58
C PHE A 628 -11.71 23.21 13.50
N GLN A 629 -11.21 22.75 14.65
CA GLN A 629 -10.22 21.67 14.64
C GLN A 629 -10.81 20.40 14.06
N ALA A 630 -11.96 19.97 14.58
CA ALA A 630 -12.56 18.74 14.10
C ALA A 630 -12.93 18.83 12.62
N ALA A 631 -13.27 20.03 12.15
CA ALA A 631 -13.59 20.20 10.74
C ALA A 631 -12.37 20.10 9.84
N GLY A 632 -11.16 20.04 10.42
CA GLY A 632 -9.97 20.05 9.61
C GLY A 632 -9.56 21.42 9.15
N LEU A 633 -9.81 22.45 9.96
CA LEU A 633 -9.52 23.83 9.61
C LEU A 633 -8.43 24.38 10.51
N ALA A 634 -7.66 25.32 9.99
CA ALA A 634 -6.73 26.11 10.77
C ALA A 634 -7.25 27.54 10.80
N PHE A 635 -7.46 28.07 11.99
CA PHE A 635 -8.17 29.32 12.17
C PHE A 635 -7.44 30.18 13.20
N SER A 636 -7.44 31.49 12.95
CA SER A 636 -6.90 32.44 13.92
C SER A 636 -7.56 33.79 13.70
N ASP A 637 -8.06 34.39 14.79
CA ASP A 637 -8.69 35.69 14.74
C ASP A 637 -7.85 36.76 15.42
N GLY A 638 -6.56 36.51 15.61
CA GLY A 638 -5.71 37.44 16.32
C GLY A 638 -5.71 37.16 17.80
N ASP A 639 -6.87 37.27 18.44
CA ASP A 639 -6.98 37.01 19.87
C ASP A 639 -7.24 35.55 20.18
N GLN A 640 -7.45 34.71 19.17
CA GLN A 640 -7.74 33.30 19.39
C GLN A 640 -7.24 32.51 18.19
N TRP A 641 -6.48 31.44 18.45
CA TRP A 641 -5.87 30.65 17.39
C TRP A 641 -6.20 29.18 17.62
N THR A 642 -5.86 28.36 16.63
CA THR A 642 -6.12 26.94 16.64
C THR A 642 -4.82 26.17 16.74
N LEU A 643 -4.71 25.29 17.73
CA LEU A 643 -3.50 24.50 17.91
C LEU A 643 -3.29 23.59 16.71
N SER A 644 -2.03 23.49 16.27
CA SER A 644 -1.71 22.66 15.12
C SER A 644 -2.03 21.20 15.40
N ARG A 645 -2.45 20.49 14.36
CA ARG A 645 -2.71 19.06 14.50
C ARG A 645 -1.45 18.35 14.97
N LYS A 646 -1.60 17.53 16.01
CA LYS A 646 -0.45 16.83 16.56
C LYS A 646 0.02 15.69 15.66
N ARG A 647 -0.77 15.29 14.66
CA ARG A 647 -0.41 14.19 13.79
C ARG A 647 -1.17 14.34 12.49
N LEU A 648 -0.71 13.63 11.47
CA LEU A 648 -1.37 13.65 10.16
C LEU A 648 -2.71 12.93 10.17
N SER A 649 -3.05 12.23 11.25
CA SER A 649 -4.32 11.51 11.35
C SER A 649 -5.00 11.85 12.67
N CYS A 650 -6.32 11.71 12.70
CA CYS A 650 -7.10 12.01 13.89
C CYS A 650 -7.18 10.79 14.81
N LEU B 87 -12.72 -41.66 -38.92
CA LEU B 87 -13.66 -40.72 -38.32
C LEU B 87 -13.32 -39.29 -38.77
N ILE B 88 -13.65 -38.30 -37.95
CA ILE B 88 -13.43 -36.92 -38.35
C ILE B 88 -11.94 -36.69 -38.59
N ASP B 89 -11.63 -36.00 -39.68
CA ASP B 89 -10.24 -35.75 -40.03
C ASP B 89 -9.58 -34.89 -38.97
N GLU B 90 -8.37 -35.30 -38.57
CA GLU B 90 -7.66 -34.59 -37.51
C GLU B 90 -7.37 -33.14 -37.91
N ASP B 91 -7.14 -32.90 -39.20
CA ASP B 91 -6.88 -31.54 -39.65
C ASP B 91 -8.17 -30.71 -39.65
N ASP B 92 -9.30 -31.35 -39.97
CA ASP B 92 -10.56 -30.60 -40.06
C ASP B 92 -10.92 -29.96 -38.74
N ILE B 93 -10.79 -30.69 -37.65
CA ILE B 93 -11.23 -30.17 -36.35
C ILE B 93 -10.30 -29.02 -35.92
N PRO B 94 -10.83 -27.87 -35.52
CA PRO B 94 -9.96 -26.81 -35.02
C PRO B 94 -9.22 -27.23 -33.77
N VAL B 95 -8.04 -26.65 -33.58
CA VAL B 95 -7.15 -26.97 -32.46
C VAL B 95 -7.11 -25.78 -31.52
N ARG B 96 -7.32 -26.04 -30.23
CA ARG B 96 -7.30 -25.02 -29.20
C ARG B 96 -5.95 -25.05 -28.50
N SER B 97 -5.17 -23.98 -28.62
CA SER B 97 -3.83 -23.96 -28.05
C SER B 97 -3.46 -22.67 -27.32
N PHE B 98 -4.20 -21.57 -27.49
CA PHE B 98 -3.86 -20.30 -26.83
C PHE B 98 -4.75 -20.15 -25.60
N PHE B 99 -4.17 -20.45 -24.44
CA PHE B 99 -4.88 -20.40 -23.17
C PHE B 99 -4.26 -19.34 -22.27
N PRO B 100 -4.34 -18.06 -22.61
CA PRO B 100 -3.72 -17.04 -21.77
C PRO B 100 -4.52 -16.83 -20.49
N GLU B 101 -3.82 -16.38 -19.46
CA GLU B 101 -4.47 -15.97 -18.22
C GLU B 101 -4.87 -14.50 -18.25
N ASN B 102 -4.44 -13.75 -19.27
CA ASN B 102 -4.77 -12.34 -19.41
C ASN B 102 -4.40 -11.92 -20.81
N TRP B 103 -5.32 -11.30 -21.55
CA TRP B 103 -5.15 -11.16 -22.99
C TRP B 103 -5.51 -9.79 -23.55
N LEU B 104 -5.72 -8.78 -22.71
CA LEU B 104 -6.03 -7.44 -23.20
C LEU B 104 -5.35 -6.42 -22.30
N TRP B 105 -4.12 -6.04 -22.64
CA TRP B 105 -3.33 -5.17 -21.79
C TRP B 105 -2.83 -3.97 -22.55
N ARG B 106 -3.72 -3.29 -23.27
CA ARG B 106 -3.36 -2.15 -24.08
C ARG B 106 -3.96 -0.88 -23.50
N VAL B 107 -3.24 0.22 -23.67
CA VAL B 107 -3.71 1.56 -23.34
C VAL B 107 -3.77 2.34 -24.64
N GLU B 108 -4.92 2.97 -24.90
CA GLU B 108 -5.13 3.63 -26.18
C GLU B 108 -5.92 4.90 -25.98
N THR B 109 -5.87 5.78 -26.99
CA THR B 109 -6.58 7.05 -26.99
C THR B 109 -7.86 6.91 -27.79
N VAL B 110 -8.97 7.39 -27.22
CA VAL B 110 -10.28 7.29 -27.83
C VAL B 110 -10.78 8.70 -28.11
N ASP B 111 -11.22 8.94 -29.35
CA ASP B 111 -11.84 10.21 -29.73
C ASP B 111 -13.34 10.18 -29.43
N ARG B 112 -13.67 9.82 -28.19
CA ARG B 112 -15.04 9.71 -27.71
C ARG B 112 -15.75 8.50 -28.32
N PHE B 113 -15.10 7.82 -29.27
CA PHE B 113 -15.68 6.62 -29.86
C PHE B 113 -14.61 5.84 -30.61
N GLN B 114 -14.33 4.61 -30.16
CA GLN B 114 -13.36 3.76 -30.84
C GLN B 114 -13.80 2.32 -30.72
N ILE B 115 -13.61 1.57 -31.80
CA ILE B 115 -14.01 0.16 -31.88
C ILE B 115 -12.77 -0.67 -32.12
N LEU B 116 -12.45 -1.55 -31.18
CA LEU B 116 -11.29 -2.42 -31.29
C LEU B 116 -11.76 -3.86 -31.36
N THR B 117 -11.33 -4.57 -32.41
CA THR B 117 -11.75 -5.94 -32.60
C THR B 117 -10.93 -6.88 -31.73
N LEU B 118 -11.60 -7.88 -31.16
CA LEU B 118 -10.97 -8.87 -30.29
C LEU B 118 -11.07 -10.24 -30.93
N TRP B 119 -9.96 -10.99 -30.89
CA TRP B 119 -9.94 -12.40 -31.28
C TRP B 119 -9.85 -13.20 -29.99
N LEU B 120 -10.97 -13.78 -29.58
CA LEU B 120 -11.05 -14.39 -28.27
C LEU B 120 -10.06 -15.55 -28.19
N PRO B 121 -9.28 -15.65 -27.11
CA PRO B 121 -8.34 -16.76 -26.99
C PRO B 121 -9.08 -18.07 -26.90
N ASP B 122 -8.40 -19.16 -27.26
CA ASP B 122 -9.03 -20.47 -27.35
C ASP B 122 -9.18 -21.09 -25.97
N SER B 123 -9.78 -20.36 -25.04
CA SER B 123 -10.00 -20.83 -23.67
C SER B 123 -11.48 -20.73 -23.35
N LEU B 124 -12.01 -21.73 -22.64
CA LEU B 124 -13.43 -21.74 -22.28
C LEU B 124 -13.57 -21.32 -20.82
N THR B 125 -13.65 -20.01 -20.62
CA THR B 125 -13.87 -19.43 -19.31
C THR B 125 -14.74 -18.19 -19.49
N THR B 126 -14.80 -17.35 -18.46
CA THR B 126 -15.50 -16.07 -18.56
C THR B 126 -14.46 -14.97 -18.44
N TRP B 127 -14.39 -14.11 -19.45
CA TRP B 127 -13.40 -13.05 -19.52
C TRP B 127 -14.01 -11.78 -18.93
N GLU B 128 -13.50 -11.36 -17.78
CA GLU B 128 -14.03 -10.18 -17.09
C GLU B 128 -13.27 -8.97 -17.60
N ILE B 129 -13.74 -8.41 -18.71
CA ILE B 129 -13.10 -7.24 -19.31
C ILE B 129 -13.42 -6.01 -18.46
N HIS B 130 -12.39 -5.27 -18.07
CA HIS B 130 -12.54 -4.06 -17.28
C HIS B 130 -11.71 -2.96 -17.90
N GLY B 131 -12.17 -1.72 -17.73
CA GLY B 131 -11.52 -0.58 -18.32
C GLY B 131 -11.18 0.47 -17.27
N LEU B 132 -10.48 1.51 -17.74
CA LEU B 132 -10.11 2.63 -16.87
C LEU B 132 -9.78 3.81 -17.76
N SER B 133 -10.63 4.84 -17.74
CA SER B 133 -10.48 6.00 -18.60
C SER B 133 -9.83 7.13 -17.84
N LEU B 134 -8.82 7.75 -18.45
CA LEU B 134 -8.14 8.90 -17.89
C LEU B 134 -8.14 10.02 -18.92
N SER B 135 -8.71 11.16 -18.55
CA SER B 135 -8.87 12.28 -19.47
C SER B 135 -8.37 13.56 -18.81
N LYS B 136 -7.83 14.46 -19.63
CA LYS B 136 -7.27 15.70 -19.11
C LYS B 136 -8.33 16.65 -18.59
N THR B 137 -9.58 16.50 -19.02
CA THR B 137 -10.66 17.40 -18.62
C THR B 137 -11.49 16.81 -17.49
N LYS B 138 -12.04 15.61 -17.69
CA LYS B 138 -12.90 15.01 -16.67
C LYS B 138 -12.07 14.35 -15.58
N GLY B 139 -11.27 13.36 -15.93
CA GLY B 139 -10.45 12.66 -14.96
C GLY B 139 -10.71 11.17 -14.91
N LEU B 140 -10.23 10.51 -13.85
CA LEU B 140 -10.37 9.07 -13.74
C LEU B 140 -11.84 8.68 -13.67
N CYS B 141 -12.20 7.63 -14.42
CA CYS B 141 -13.58 7.15 -14.45
C CYS B 141 -13.54 5.65 -14.79
N VAL B 142 -13.63 4.81 -13.77
CA VAL B 142 -13.61 3.37 -13.98
C VAL B 142 -14.88 2.96 -14.72
N ALA B 143 -14.78 1.86 -15.47
CA ALA B 143 -15.87 1.38 -16.29
C ALA B 143 -16.49 0.12 -15.68
N THR B 144 -17.71 -0.17 -16.11
CA THR B 144 -18.41 -1.36 -15.64
C THR B 144 -17.85 -2.60 -16.32
N PRO B 145 -17.37 -3.60 -15.57
CA PRO B 145 -16.81 -4.78 -16.22
C PRO B 145 -17.81 -5.44 -17.15
N VAL B 146 -17.31 -5.93 -18.29
CA VAL B 146 -18.12 -6.62 -19.28
C VAL B 146 -17.82 -8.11 -19.15
N GLN B 147 -18.71 -8.84 -18.48
CA GLN B 147 -18.51 -10.27 -18.27
C GLN B 147 -18.70 -11.02 -19.57
N LEU B 148 -17.62 -11.32 -20.26
CA LEU B 148 -17.68 -12.04 -21.52
C LEU B 148 -17.51 -13.53 -21.26
N ARG B 149 -18.55 -14.31 -21.57
CA ARG B 149 -18.53 -15.76 -21.40
C ARG B 149 -18.25 -16.41 -22.74
N VAL B 150 -17.19 -17.20 -22.82
CA VAL B 150 -16.86 -17.99 -23.99
C VAL B 150 -16.99 -19.46 -23.62
N PHE B 151 -17.77 -20.20 -24.41
CA PHE B 151 -18.10 -21.57 -24.07
C PHE B 151 -18.43 -22.33 -25.35
N ARG B 152 -18.15 -23.63 -25.34
CA ARG B 152 -18.41 -24.52 -26.46
C ARG B 152 -19.29 -25.66 -26.01
N GLU B 153 -20.14 -26.15 -26.91
CA GLU B 153 -21.06 -27.23 -26.57
C GLU B 153 -20.31 -28.49 -26.16
N PHE B 154 -19.57 -29.09 -27.10
CA PHE B 154 -18.82 -30.31 -26.87
C PHE B 154 -17.34 -29.95 -26.83
N HIS B 155 -16.82 -29.72 -25.63
CA HIS B 155 -15.46 -29.25 -25.44
C HIS B 155 -14.65 -30.27 -24.66
N LEU B 156 -13.37 -30.38 -24.99
CA LEU B 156 -12.45 -31.29 -24.34
C LEU B 156 -11.54 -30.50 -23.41
N HIS B 157 -11.43 -30.94 -22.17
CA HIS B 157 -10.67 -30.25 -21.15
C HIS B 157 -9.46 -31.09 -20.76
N LEU B 158 -8.28 -30.48 -20.81
CA LEU B 158 -7.03 -31.16 -20.50
C LEU B 158 -6.26 -30.29 -19.51
N ARG B 159 -6.05 -30.80 -18.31
CA ARG B 159 -5.46 -30.03 -17.21
C ARG B 159 -4.13 -30.68 -16.83
N LEU B 160 -3.06 -30.23 -17.47
CA LEU B 160 -1.75 -30.82 -17.23
C LEU B 160 -1.27 -30.50 -15.82
N PRO B 161 -0.57 -31.42 -15.15
CA PRO B 161 -0.05 -31.11 -13.82
C PRO B 161 1.03 -30.04 -13.88
N MET B 162 1.10 -29.24 -12.82
CA MET B 162 2.03 -28.13 -12.79
C MET B 162 3.47 -28.62 -12.87
N SER B 163 3.81 -29.67 -12.13
CA SER B 163 5.17 -30.18 -12.06
C SER B 163 5.20 -31.63 -12.51
N VAL B 164 6.03 -31.93 -13.50
CA VAL B 164 6.22 -33.27 -14.02
C VAL B 164 7.71 -33.55 -14.14
N ARG B 165 8.12 -34.73 -13.69
CA ARG B 165 9.50 -35.16 -13.80
C ARG B 165 9.67 -36.04 -15.03
N ARG B 166 10.92 -36.25 -15.42
CA ARG B 166 11.25 -37.06 -16.58
C ARG B 166 11.43 -38.52 -16.20
N PHE B 167 11.05 -39.41 -17.12
CA PHE B 167 11.18 -40.86 -16.93
C PHE B 167 10.40 -41.32 -15.70
N GLU B 168 9.23 -40.73 -15.47
CA GLU B 168 8.36 -41.12 -14.37
C GLU B 168 6.94 -41.30 -14.88
N GLN B 169 6.23 -42.25 -14.27
CA GLN B 169 4.88 -42.58 -14.71
C GLN B 169 3.97 -41.35 -14.59
N LEU B 170 3.35 -40.99 -15.70
CA LEU B 170 2.45 -39.84 -15.75
C LEU B 170 1.13 -40.28 -16.37
N GLU B 171 0.03 -39.78 -15.81
CA GLU B 171 -1.31 -40.12 -16.27
C GLU B 171 -2.02 -38.86 -16.75
N LEU B 172 -2.58 -38.93 -17.96
CA LEU B 172 -3.35 -37.84 -18.52
C LEU B 172 -4.83 -38.21 -18.46
N ARG B 173 -5.65 -37.29 -17.98
CA ARG B 173 -7.09 -37.52 -17.84
C ARG B 173 -7.85 -36.38 -18.50
N PRO B 174 -7.75 -36.27 -19.82
CA PRO B 174 -8.59 -35.30 -20.55
C PRO B 174 -10.04 -35.74 -20.52
N VAL B 175 -10.89 -34.89 -19.96
CA VAL B 175 -12.32 -35.19 -19.79
C VAL B 175 -13.07 -34.56 -20.95
N LEU B 176 -13.99 -35.31 -21.53
CA LEU B 176 -14.85 -34.82 -22.61
C LEU B 176 -16.20 -34.46 -22.03
N TYR B 177 -16.67 -33.25 -22.33
CA TYR B 177 -17.97 -32.78 -21.89
C TYR B 177 -18.94 -32.82 -23.07
N ASN B 178 -20.10 -33.41 -22.85
CA ASN B 178 -21.13 -33.57 -23.88
C ASN B 178 -22.37 -32.83 -23.39
N TYR B 179 -22.46 -31.55 -23.75
CA TYR B 179 -23.65 -30.75 -23.45
C TYR B 179 -24.67 -30.79 -24.57
N LEU B 180 -24.35 -31.43 -25.69
CA LEU B 180 -25.32 -31.61 -26.75
C LEU B 180 -26.40 -32.59 -26.32
N ASP B 181 -27.55 -32.52 -27.02
CA ASP B 181 -28.72 -33.30 -26.66
C ASP B 181 -28.75 -34.67 -27.33
N LYS B 182 -27.60 -35.22 -27.70
CA LYS B 182 -27.53 -36.53 -28.32
C LYS B 182 -26.37 -37.32 -27.74
N ASN B 183 -26.46 -38.65 -27.85
CA ASN B 183 -25.35 -39.52 -27.49
C ASN B 183 -24.18 -39.27 -28.44
N LEU B 184 -22.97 -39.55 -27.94
CA LEU B 184 -21.76 -39.36 -28.72
C LEU B 184 -20.82 -40.54 -28.53
N THR B 185 -20.27 -41.02 -29.63
CA THR B 185 -19.18 -41.99 -29.61
C THR B 185 -17.91 -41.31 -30.10
N VAL B 186 -16.99 -41.04 -29.18
CA VAL B 186 -15.83 -40.23 -29.45
C VAL B 186 -14.61 -41.14 -29.64
N SER B 187 -13.56 -40.57 -30.20
CA SER B 187 -12.30 -41.28 -30.47
C SER B 187 -11.16 -40.37 -30.01
N VAL B 188 -10.72 -40.55 -28.78
CA VAL B 188 -9.69 -39.71 -28.17
C VAL B 188 -8.33 -40.37 -28.37
N HIS B 189 -7.38 -39.62 -28.89
CA HIS B 189 -6.03 -40.14 -29.09
C HIS B 189 -5.03 -39.00 -29.07
N VAL B 190 -3.95 -39.18 -28.31
CA VAL B 190 -2.86 -38.23 -28.26
C VAL B 190 -1.93 -38.48 -29.44
N SER B 191 -1.63 -37.42 -30.19
CA SER B 191 -0.83 -37.59 -31.40
C SER B 191 0.57 -38.07 -31.05
N PRO B 192 1.23 -38.78 -31.97
CA PRO B 192 2.59 -39.32 -31.70
C PRO B 192 3.67 -38.25 -31.81
N VAL B 193 3.82 -37.48 -30.74
CA VAL B 193 4.79 -36.39 -30.69
C VAL B 193 6.09 -36.92 -30.11
N GLU B 194 7.21 -36.48 -30.69
CA GLU B 194 8.51 -36.95 -30.25
C GLU B 194 8.81 -36.44 -28.85
N GLY B 195 9.52 -37.24 -28.08
CA GLY B 195 9.82 -36.94 -26.70
C GLY B 195 8.76 -37.39 -25.72
N LEU B 196 7.64 -37.92 -26.20
CA LEU B 196 6.59 -38.46 -25.34
C LEU B 196 6.44 -39.95 -25.61
N CYS B 197 6.04 -40.68 -24.59
CA CYS B 197 5.98 -42.13 -24.62
C CYS B 197 4.56 -42.57 -24.30
N LEU B 198 3.72 -42.65 -25.33
CA LEU B 198 2.35 -43.07 -25.14
C LEU B 198 2.29 -44.55 -24.74
N ALA B 199 1.20 -44.92 -24.08
CA ALA B 199 1.04 -46.32 -23.70
C ALA B 199 0.99 -47.22 -24.91
N GLY B 200 0.26 -46.82 -25.96
CA GLY B 200 0.27 -47.55 -27.20
C GLY B 200 1.44 -47.25 -28.11
N GLY B 201 2.18 -46.18 -27.83
CA GLY B 201 3.33 -45.81 -28.62
C GLY B 201 3.03 -44.99 -29.86
N GLY B 202 1.76 -44.76 -30.16
CA GLY B 202 1.40 -44.02 -31.35
C GLY B 202 -0.03 -43.55 -31.30
N GLY B 203 -0.52 -43.09 -32.45
CA GLY B 203 -1.88 -42.61 -32.54
C GLY B 203 -2.91 -43.72 -32.59
N LEU B 204 -3.03 -44.47 -31.50
CA LEU B 204 -3.99 -45.55 -31.40
C LEU B 204 -5.31 -45.00 -30.87
N ALA B 205 -6.33 -44.99 -31.72
CA ALA B 205 -7.61 -44.41 -31.33
C ALA B 205 -8.21 -45.16 -30.15
N GLN B 206 -8.71 -44.40 -29.18
CA GLN B 206 -9.43 -44.94 -28.03
C GLN B 206 -10.86 -44.46 -28.10
N GLN B 207 -11.81 -45.39 -27.98
CA GLN B 207 -13.22 -45.10 -28.12
C GLN B 207 -13.88 -45.06 -26.75
N VAL B 208 -14.83 -44.15 -26.58
CA VAL B 208 -15.53 -43.96 -25.30
C VAL B 208 -16.95 -43.51 -25.60
N LEU B 209 -17.88 -43.89 -24.72
CA LEU B 209 -19.29 -43.52 -24.85
C LEU B 209 -19.61 -42.41 -23.86
N VAL B 210 -19.83 -41.20 -24.36
CA VAL B 210 -20.17 -40.04 -23.55
C VAL B 210 -21.61 -39.65 -23.88
N PRO B 211 -22.58 -39.87 -23.01
CA PRO B 211 -23.98 -39.57 -23.33
C PRO B 211 -24.27 -38.09 -23.19
N ALA B 212 -25.45 -37.71 -23.68
CA ALA B 212 -25.84 -36.31 -23.63
C ALA B 212 -25.86 -35.80 -22.20
N GLY B 213 -25.32 -34.61 -21.99
CA GLY B 213 -25.29 -34.01 -20.67
C GLY B 213 -24.46 -34.79 -19.67
N SER B 214 -23.29 -35.27 -20.08
CA SER B 214 -22.42 -36.04 -19.19
C SER B 214 -21.00 -35.98 -19.74
N ALA B 215 -20.06 -36.46 -18.95
CA ALA B 215 -18.65 -36.44 -19.31
C ALA B 215 -18.02 -37.78 -18.96
N ARG B 216 -17.02 -38.19 -19.74
CA ARG B 216 -16.27 -39.43 -19.49
C ARG B 216 -14.79 -39.12 -19.63
N PRO B 217 -13.99 -39.28 -18.58
CA PRO B 217 -12.54 -39.15 -18.76
C PRO B 217 -12.00 -40.29 -19.61
N VAL B 218 -10.89 -40.01 -20.29
CA VAL B 218 -10.20 -41.00 -21.10
C VAL B 218 -8.74 -40.99 -20.65
N ALA B 219 -8.41 -41.86 -19.70
CA ALA B 219 -7.05 -41.89 -19.17
C ALA B 219 -6.06 -42.20 -20.27
N PHE B 220 -4.92 -41.52 -20.24
CA PHE B 220 -3.84 -41.74 -21.20
C PHE B 220 -2.53 -41.71 -20.43
N SER B 221 -1.90 -42.88 -20.27
CA SER B 221 -0.68 -42.99 -19.48
C SER B 221 0.52 -42.70 -20.37
N VAL B 222 1.34 -41.74 -19.95
CA VAL B 222 2.56 -41.39 -20.67
C VAL B 222 3.69 -41.25 -19.66
N VAL B 223 4.93 -41.36 -20.17
CA VAL B 223 6.12 -41.06 -19.41
C VAL B 223 6.93 -40.07 -20.24
N PRO B 224 7.25 -38.89 -19.72
CA PRO B 224 7.94 -37.90 -20.56
C PRO B 224 9.42 -38.20 -20.72
N THR B 225 9.82 -38.55 -21.94
CA THR B 225 11.21 -38.87 -22.24
C THR B 225 12.02 -37.68 -22.70
N ALA B 226 11.39 -36.53 -22.94
CA ALA B 226 12.09 -35.37 -23.46
C ALA B 226 12.90 -34.71 -22.33
N ALA B 227 13.45 -33.53 -22.60
CA ALA B 227 14.28 -32.82 -21.65
C ALA B 227 13.76 -31.44 -21.29
N ALA B 228 13.17 -30.72 -22.25
CA ALA B 228 12.75 -29.34 -22.03
C ALA B 228 11.23 -29.20 -22.06
N ALA B 229 10.58 -29.61 -23.14
CA ALA B 229 9.14 -29.43 -23.26
C ALA B 229 8.65 -30.17 -24.50
N VAL B 230 7.40 -30.63 -24.44
CA VAL B 230 6.77 -31.36 -25.53
C VAL B 230 5.35 -30.83 -25.71
N SER B 231 4.96 -30.61 -26.96
CA SER B 231 3.63 -30.11 -27.30
C SER B 231 2.77 -31.30 -27.70
N LEU B 232 1.88 -31.72 -26.81
CA LEU B 232 1.02 -32.88 -27.03
C LEU B 232 -0.42 -32.40 -27.24
N LYS B 233 -1.04 -32.87 -28.31
CA LYS B 233 -2.40 -32.47 -28.66
C LYS B 233 -3.33 -33.66 -28.54
N VAL B 234 -4.59 -33.37 -28.22
CA VAL B 234 -5.64 -34.37 -28.08
C VAL B 234 -6.67 -34.13 -29.18
N VAL B 235 -7.11 -35.21 -29.81
CA VAL B 235 -8.06 -35.13 -30.91
C VAL B 235 -9.25 -36.03 -30.57
N ALA B 236 -10.44 -35.44 -30.48
CA ALA B 236 -11.67 -36.16 -30.20
C ALA B 236 -12.51 -36.15 -31.47
N ARG B 237 -12.62 -37.31 -32.11
CA ARG B 237 -13.35 -37.45 -33.36
C ARG B 237 -14.70 -38.11 -33.11
N GLY B 238 -15.77 -37.45 -33.56
CA GLY B 238 -17.10 -38.01 -33.46
C GLY B 238 -17.34 -39.07 -34.51
N SER B 239 -18.51 -39.70 -34.41
CA SER B 239 -18.85 -40.77 -35.33
C SER B 239 -19.17 -40.22 -36.71
N PHE B 240 -19.20 -41.11 -37.70
CA PHE B 240 -19.47 -40.72 -39.07
C PHE B 240 -20.84 -40.06 -39.20
N GLU B 241 -21.86 -40.68 -38.60
CA GLU B 241 -23.23 -40.19 -38.79
C GLU B 241 -23.45 -38.85 -38.11
N PHE B 242 -22.83 -38.65 -36.96
CA PHE B 242 -23.00 -37.41 -36.19
C PHE B 242 -21.63 -36.83 -35.86
N PRO B 243 -21.06 -36.00 -36.73
CA PRO B 243 -19.69 -35.52 -36.49
C PRO B 243 -19.62 -34.30 -35.59
N VAL B 244 -18.78 -34.36 -34.57
CA VAL B 244 -18.52 -33.22 -33.69
C VAL B 244 -17.05 -33.27 -33.30
N GLY B 245 -16.28 -32.28 -33.74
CA GLY B 245 -14.84 -32.27 -33.51
C GLY B 245 -14.43 -31.36 -32.37
N ASP B 246 -13.23 -31.62 -31.84
CA ASP B 246 -12.65 -30.83 -30.78
C ASP B 246 -11.22 -31.31 -30.55
N ALA B 247 -10.34 -30.40 -30.13
CA ALA B 247 -8.96 -30.73 -29.86
C ALA B 247 -8.38 -29.72 -28.88
N VAL B 248 -7.30 -30.10 -28.20
CA VAL B 248 -6.62 -29.22 -27.25
C VAL B 248 -5.13 -29.55 -27.27
N SER B 249 -4.30 -28.52 -27.37
CA SER B 249 -2.86 -28.68 -27.39
C SER B 249 -2.23 -27.86 -26.28
N LYS B 250 -1.24 -28.44 -25.62
CA LYS B 250 -0.57 -27.77 -24.52
C LYS B 250 0.90 -28.19 -24.51
N VAL B 251 1.72 -27.34 -23.91
CA VAL B 251 3.15 -27.61 -23.79
C VAL B 251 3.42 -28.09 -22.37
N LEU B 252 3.95 -29.29 -22.25
CA LEU B 252 4.27 -29.89 -20.97
C LEU B 252 5.76 -29.69 -20.71
N GLN B 253 6.09 -28.78 -19.79
CA GLN B 253 7.46 -28.53 -19.42
C GLN B 253 7.90 -29.56 -18.39
N ILE B 254 9.04 -30.18 -18.64
CA ILE B 254 9.56 -31.25 -17.78
C ILE B 254 10.68 -30.67 -16.93
N GLU B 255 10.53 -30.77 -15.61
CA GLU B 255 11.56 -30.30 -14.71
C GLU B 255 12.82 -31.14 -14.86
N LYS B 256 13.97 -30.50 -14.63
CA LYS B 256 15.24 -31.21 -14.76
C LYS B 256 15.38 -32.25 -13.65
N GLU B 257 16.25 -33.22 -13.90
CA GLU B 257 16.42 -34.33 -12.96
C GLU B 257 16.89 -33.81 -11.61
N GLY B 258 16.39 -34.43 -10.55
CA GLY B 258 16.78 -34.05 -9.20
C GLY B 258 15.86 -33.02 -8.61
N ALA B 259 15.80 -33.02 -7.28
CA ALA B 259 14.95 -32.08 -6.55
C ALA B 259 15.61 -30.71 -6.55
N ILE B 260 15.03 -29.77 -5.81
CA ILE B 260 15.54 -28.40 -5.70
C ILE B 260 16.22 -28.25 -4.35
N HIS B 261 17.46 -27.75 -4.36
CA HIS B 261 18.25 -27.59 -3.16
C HIS B 261 18.66 -26.12 -3.04
N ARG B 262 18.46 -25.55 -1.85
CA ARG B 262 18.78 -24.16 -1.58
C ARG B 262 19.76 -24.10 -0.41
N GLU B 263 20.82 -23.31 -0.57
CA GLU B 263 21.88 -23.20 0.42
C GLU B 263 21.83 -21.81 1.03
N GLU B 264 21.80 -21.76 2.36
CA GLU B 264 21.65 -20.54 3.12
C GLU B 264 22.95 -20.25 3.86
N LEU B 265 23.51 -19.06 3.63
CA LEU B 265 24.77 -18.64 4.24
C LEU B 265 24.53 -17.34 5.01
N VAL B 266 24.10 -17.45 6.26
CA VAL B 266 23.85 -16.27 7.08
C VAL B 266 25.18 -15.61 7.45
N TYR B 267 25.23 -14.29 7.29
CA TYR B 267 26.42 -13.53 7.63
C TYR B 267 26.02 -12.17 8.17
N GLU B 268 26.87 -11.60 9.01
CA GLU B 268 26.65 -10.30 9.62
C GLU B 268 27.47 -9.24 8.90
N LEU B 269 27.18 -7.98 9.22
CA LEU B 269 27.89 -6.85 8.66
C LEU B 269 28.19 -5.86 9.77
N ASN B 270 29.47 -5.59 9.99
CA ASN B 270 29.92 -4.67 11.03
C ASN B 270 30.89 -3.68 10.39
N PRO B 271 30.38 -2.67 9.70
CA PRO B 271 31.30 -1.72 9.05
C PRO B 271 32.25 -1.04 10.02
N LEU B 272 31.79 -0.74 11.23
CA LEU B 272 32.68 -0.15 12.23
C LEU B 272 33.83 -1.08 12.57
N ASP B 273 33.58 -2.40 12.55
CA ASP B 273 34.62 -3.36 12.90
C ASP B 273 35.81 -3.22 11.95
N HIS B 274 37.01 -3.29 12.51
CA HIS B 274 38.24 -3.26 11.73
C HIS B 274 38.65 -4.63 11.24
N ARG B 275 37.97 -5.69 11.67
CA ARG B 275 38.28 -7.06 11.29
C ARG B 275 37.07 -7.69 10.64
N GLY B 276 37.31 -8.45 9.56
CA GLY B 276 36.24 -9.10 8.84
C GLY B 276 35.48 -8.22 7.87
N ARG B 277 35.95 -7.00 7.64
CA ARG B 277 35.25 -6.11 6.72
C ARG B 277 35.12 -6.73 5.34
N THR B 278 36.23 -7.18 4.76
CA THR B 278 36.24 -7.76 3.42
C THR B 278 36.21 -9.28 3.51
N LEU B 279 35.08 -9.79 4.00
CA LEU B 279 34.90 -11.23 4.11
C LEU B 279 34.59 -11.85 2.75
N GLU B 280 34.67 -13.17 2.69
CA GLU B 280 34.45 -13.92 1.47
C GLU B 280 33.46 -15.05 1.72
N ILE B 281 32.73 -15.42 0.68
CA ILE B 281 31.76 -16.51 0.74
C ILE B 281 32.38 -17.74 0.10
N PRO B 282 32.51 -18.86 0.81
CA PRO B 282 33.07 -20.05 0.18
C PRO B 282 32.22 -20.52 -0.99
N GLY B 283 32.88 -21.01 -2.03
CA GLY B 283 32.17 -21.50 -3.19
C GLY B 283 31.45 -22.81 -2.91
N ASN B 284 30.50 -23.13 -3.79
CA ASN B 284 29.72 -24.35 -3.64
C ASN B 284 30.60 -25.57 -3.87
N SER B 285 30.50 -26.55 -2.96
CA SER B 285 31.28 -27.76 -3.08
C SER B 285 30.50 -29.02 -2.69
N ASP B 286 29.17 -28.95 -2.71
CA ASP B 286 28.37 -30.11 -2.32
C ASP B 286 28.51 -31.20 -3.37
N PRO B 287 28.95 -32.41 -3.01
CA PRO B 287 29.09 -33.46 -4.02
C PRO B 287 27.79 -33.82 -4.71
N ASN B 288 26.66 -33.76 -4.00
CA ASN B 288 25.37 -34.10 -4.59
C ASN B 288 24.92 -33.10 -5.65
N MET B 289 25.56 -31.94 -5.73
CA MET B 289 25.21 -30.97 -6.76
C MET B 289 25.34 -31.61 -8.14
N ILE B 290 24.29 -31.48 -8.95
CA ILE B 290 24.30 -32.05 -10.29
C ILE B 290 25.12 -31.15 -11.20
N PRO B 291 26.18 -31.65 -11.83
CA PRO B 291 27.01 -30.76 -12.67
C PRO B 291 26.24 -30.09 -13.80
N ASP B 292 25.26 -30.78 -14.38
CA ASP B 292 24.47 -30.26 -15.49
C ASP B 292 23.08 -29.91 -14.97
N GLY B 293 22.77 -28.62 -14.95
CA GLY B 293 21.47 -28.19 -14.48
C GLY B 293 21.39 -26.68 -14.45
N ASP B 294 20.25 -26.19 -13.97
CA ASP B 294 20.00 -24.76 -13.88
C ASP B 294 20.66 -24.20 -12.63
N PHE B 295 21.35 -23.07 -12.78
CA PHE B 295 22.03 -22.40 -11.69
C PHE B 295 21.35 -21.07 -11.44
N ASN B 296 20.94 -20.84 -10.18
CA ASN B 296 20.35 -19.57 -9.77
C ASN B 296 20.88 -19.21 -8.40
N SER B 297 21.31 -17.96 -8.24
CA SER B 297 21.87 -17.49 -6.99
C SER B 297 21.26 -16.13 -6.66
N TYR B 298 21.15 -15.84 -5.36
CA TYR B 298 20.55 -14.59 -4.92
C TYR B 298 21.20 -14.16 -3.61
N VAL B 299 21.18 -12.86 -3.37
CA VAL B 299 21.77 -12.26 -2.18
C VAL B 299 20.72 -11.35 -1.54
N ARG B 300 20.46 -11.55 -0.25
CA ARG B 300 19.53 -10.72 0.49
C ARG B 300 20.27 -9.97 1.59
N VAL B 301 20.14 -8.64 1.58
CA VAL B 301 20.79 -7.77 2.54
C VAL B 301 19.70 -6.98 3.27
N THR B 302 19.89 -6.79 4.59
CA THR B 302 18.95 -6.04 5.41
C THR B 302 19.71 -5.03 6.25
N ALA B 303 18.96 -4.29 7.06
CA ALA B 303 19.52 -3.29 7.97
C ALA B 303 18.50 -3.00 9.05
N SER B 304 18.86 -3.26 10.29
CA SER B 304 17.95 -3.11 11.43
C SER B 304 18.57 -2.15 12.43
N ASP B 305 18.00 -0.94 12.54
CA ASP B 305 18.46 0.02 13.51
C ASP B 305 17.95 -0.35 14.90
N PRO B 306 18.67 0.02 15.97
CA PRO B 306 18.17 -0.28 17.32
C PRO B 306 16.85 0.41 17.62
N ALA B 315 12.89 18.00 26.03
CA ALA B 315 13.03 19.42 25.74
C ALA B 315 12.47 20.27 26.88
N LEU B 316 12.96 21.49 27.01
CA LEU B 316 12.48 22.38 28.05
C LEU B 316 11.10 22.94 27.68
N SER B 317 10.37 23.38 28.69
CA SER B 317 9.00 23.81 28.49
C SER B 317 8.97 25.02 27.57
N PRO B 318 8.18 25.01 26.49
CA PRO B 318 8.09 26.21 25.64
C PRO B 318 7.55 27.41 26.37
N GLY B 319 6.70 27.21 27.38
CA GLY B 319 6.14 28.35 28.08
C GLY B 319 7.18 29.14 28.84
N GLY B 320 8.08 28.45 29.53
CA GLY B 320 9.08 29.14 30.33
C GLY B 320 10.03 29.98 29.49
N VAL B 321 10.54 29.40 28.40
CA VAL B 321 11.47 30.12 27.55
C VAL B 321 10.79 31.28 26.85
N ALA B 322 9.53 31.08 26.44
CA ALA B 322 8.82 32.16 25.75
C ALA B 322 8.65 33.37 26.64
N SER B 323 8.39 33.15 27.94
CA SER B 323 8.18 34.26 28.85
C SER B 323 9.42 35.10 29.06
N LEU B 324 10.59 34.61 28.63
CA LEU B 324 11.84 35.35 28.81
C LEU B 324 12.07 36.39 27.71
N LEU B 325 11.19 36.48 26.72
CA LEU B 325 11.34 37.45 25.64
C LEU B 325 10.94 38.85 26.13
N ARG B 326 11.68 39.32 27.13
CA ARG B 326 11.38 40.59 27.77
C ARG B 326 11.86 41.76 26.90
N LEU B 327 11.18 42.88 27.03
CA LEU B 327 11.50 44.06 26.22
C LEU B 327 12.73 44.77 26.78
N PRO B 328 13.79 44.93 25.99
CA PRO B 328 14.98 45.62 26.51
C PRO B 328 14.66 47.05 26.92
N ARG B 329 15.32 47.50 27.98
CA ARG B 329 15.16 48.86 28.50
C ARG B 329 16.29 49.11 29.49
N GLY B 330 16.23 50.25 30.16
CA GLY B 330 17.22 50.57 31.17
C GLY B 330 18.51 51.11 30.58
N CYS B 331 19.51 51.18 31.45
CA CYS B 331 20.81 51.72 31.06
C CYS B 331 21.53 50.76 30.12
N GLY B 332 22.76 51.12 29.75
CA GLY B 332 23.55 50.28 28.87
C GLY B 332 23.85 48.92 29.44
N GLU B 333 23.75 48.75 30.75
CA GLU B 333 23.96 47.46 31.38
C GLU B 333 22.64 46.69 31.54
N GLN B 334 21.61 47.35 32.06
CA GLN B 334 20.33 46.69 32.26
C GLN B 334 19.74 46.22 30.93
N THR B 335 20.06 46.93 29.83
CA THR B 335 19.55 46.52 28.53
C THR B 335 20.09 45.14 28.16
N MET B 336 21.34 44.86 28.49
CA MET B 336 21.92 43.56 28.15
C MET B 336 21.26 42.44 28.96
N ILE B 337 20.88 42.71 30.21
CA ILE B 337 20.22 41.70 31.02
C ILE B 337 18.92 41.27 30.35
N TYR B 338 18.21 42.20 29.74
CA TYR B 338 16.95 41.91 29.06
C TYR B 338 17.15 41.48 27.61
N LEU B 339 18.35 41.60 27.06
CA LEU B 339 18.59 41.29 25.66
C LEU B 339 19.17 39.89 25.47
N ALA B 340 20.21 39.55 26.25
CA ALA B 340 20.82 38.23 26.09
C ALA B 340 19.83 37.11 26.30
N PRO B 341 19.05 37.08 27.38
CA PRO B 341 17.99 36.05 27.48
C PRO B 341 17.03 36.10 26.31
N THR B 342 16.68 37.30 25.84
CA THR B 342 15.78 37.41 24.70
C THR B 342 16.38 36.75 23.46
N LEU B 343 17.68 36.94 23.24
CA LEU B 343 18.33 36.28 22.11
C LEU B 343 18.50 34.79 22.38
N ALA B 344 18.86 34.43 23.62
CA ALA B 344 19.05 33.03 23.96
C ALA B 344 17.76 32.25 23.76
N ALA B 345 16.65 32.72 24.36
CA ALA B 345 15.37 32.06 24.18
C ALA B 345 14.97 32.06 22.71
N SER B 346 15.22 33.17 22.01
CA SER B 346 14.92 33.21 20.58
C SER B 346 15.72 32.18 19.82
N ARG B 347 17.00 32.01 20.16
CA ARG B 347 17.82 31.02 19.48
C ARG B 347 17.52 29.61 19.97
N TYR B 348 17.24 29.45 21.26
CA TYR B 348 16.88 28.13 21.77
C TYR B 348 15.66 27.59 21.05
N LEU B 349 14.60 28.39 20.97
CA LEU B 349 13.41 27.96 20.25
C LEU B 349 13.70 27.77 18.77
N ASP B 350 14.61 28.58 18.22
CA ASP B 350 14.95 28.44 16.81
C ASP B 350 15.53 27.07 16.51
N LYS B 351 16.55 26.66 17.26
CA LYS B 351 17.19 25.37 17.00
C LYS B 351 16.29 24.21 17.40
N THR B 352 15.69 24.28 18.59
CA THR B 352 14.83 23.22 19.07
C THR B 352 13.56 23.07 18.24
N GLU B 353 13.22 24.07 17.42
CA GLU B 353 12.04 24.01 16.56
C GLU B 353 10.76 23.94 17.39
N GLN B 354 10.66 24.84 18.36
CA GLN B 354 9.51 24.91 19.26
C GLN B 354 8.62 26.10 18.98
N TRP B 355 8.86 26.83 17.89
CA TRP B 355 8.01 27.96 17.56
C TRP B 355 6.60 27.53 17.19
N SER B 356 6.39 26.26 16.86
CA SER B 356 5.05 25.78 16.53
C SER B 356 4.13 25.87 17.74
N THR B 357 4.64 25.53 18.92
CA THR B 357 3.80 25.57 20.11
C THR B 357 3.27 26.98 20.37
N LEU B 358 4.12 27.98 20.22
CA LEU B 358 3.72 29.36 20.45
C LEU B 358 3.03 29.93 19.20
N PRO B 359 2.17 30.94 19.37
CA PRO B 359 1.50 31.51 18.21
C PRO B 359 2.50 32.12 17.26
N PRO B 360 2.20 32.13 15.95
CA PRO B 360 3.15 32.71 14.99
C PRO B 360 3.42 34.18 15.22
N GLU B 361 2.52 34.91 15.88
CA GLU B 361 2.79 36.30 16.18
C GLU B 361 3.91 36.48 17.19
N THR B 362 4.21 35.44 17.98
CA THR B 362 5.30 35.54 18.95
C THR B 362 6.66 35.62 18.25
N LYS B 363 6.85 34.83 17.19
CA LYS B 363 8.14 34.82 16.52
C LYS B 363 8.52 36.21 16.05
N ASP B 364 7.62 36.86 15.30
CA ASP B 364 7.94 38.20 14.79
C ASP B 364 7.98 39.22 15.91
N HIS B 365 7.31 38.94 17.03
CA HIS B 365 7.49 39.77 18.21
C HIS B 365 8.92 39.66 18.72
N ALA B 366 9.48 38.45 18.70
CA ALA B 366 10.87 38.27 19.12
C ALA B 366 11.81 39.04 18.21
N VAL B 367 11.63 38.90 16.89
CA VAL B 367 12.52 39.58 15.95
C VAL B 367 12.48 41.08 16.18
N ASP B 368 11.30 41.63 16.47
CA ASP B 368 11.21 43.04 16.78
C ASP B 368 12.02 43.37 18.03
N LEU B 369 11.93 42.53 19.06
CA LEU B 369 12.70 42.78 20.28
C LEU B 369 14.20 42.73 20.01
N ILE B 370 14.64 41.78 19.17
CA ILE B 370 16.06 41.72 18.82
C ILE B 370 16.49 42.98 18.10
N GLN B 371 15.69 43.41 17.12
CA GLN B 371 16.01 44.64 16.40
C GLN B 371 16.02 45.82 17.33
N LYS B 372 15.00 45.93 18.18
CA LYS B 372 14.94 47.04 19.13
C LYS B 372 16.09 46.97 20.13
N GLY B 373 16.38 45.77 20.64
CA GLY B 373 17.53 45.62 21.51
C GLY B 373 18.84 45.88 20.80
N TYR B 374 18.92 45.51 19.52
CA TYR B 374 20.12 45.78 18.74
C TYR B 374 20.37 47.28 18.64
N MET B 375 19.32 48.05 18.36
CA MET B 375 19.47 49.50 18.29
C MET B 375 19.85 50.07 19.64
N ARG B 376 19.21 49.58 20.72
CA ARG B 376 19.45 50.14 22.04
C ARG B 376 20.91 50.02 22.46
N ILE B 377 21.51 48.85 22.21
CA ILE B 377 22.90 48.68 22.62
C ILE B 377 23.85 49.35 21.64
N GLN B 378 23.44 49.51 20.39
CA GLN B 378 24.30 50.16 19.41
C GLN B 378 24.58 51.62 19.80
N GLN B 379 23.56 52.33 20.26
CA GLN B 379 23.75 53.73 20.62
C GLN B 379 24.58 53.90 21.88
N PHE B 380 24.73 52.84 22.68
CA PHE B 380 25.64 52.87 23.82
C PHE B 380 27.08 52.56 23.42
N ARG B 381 27.31 52.25 22.16
CA ARG B 381 28.66 51.93 21.68
C ARG B 381 29.55 53.17 21.77
N LYS B 382 30.81 52.95 22.16
CA LYS B 382 31.79 54.03 22.21
C LYS B 382 32.47 54.15 20.85
N ALA B 383 33.49 55.00 20.76
CA ALA B 383 34.18 55.19 19.50
C ALA B 383 34.82 53.90 19.01
N ASP B 384 35.44 53.15 19.90
CA ASP B 384 36.16 51.92 19.56
C ASP B 384 35.41 50.67 20.00
N GLY B 385 34.08 50.73 20.00
CA GLY B 385 33.30 49.55 20.36
C GLY B 385 33.52 49.08 21.78
N SER B 386 33.59 50.01 22.74
CA SER B 386 33.83 49.64 24.12
C SER B 386 32.59 49.01 24.75
N TYR B 387 31.41 49.54 24.45
CA TYR B 387 30.15 49.05 24.99
C TYR B 387 30.15 49.10 26.52
N ALA B 388 30.28 50.31 27.04
CA ALA B 388 30.25 50.52 28.48
C ALA B 388 28.81 50.82 28.92
N ALA B 389 28.59 50.69 30.24
CA ALA B 389 27.26 50.95 30.79
C ALA B 389 26.82 52.40 30.53
N TRP B 390 27.72 53.35 30.74
CA TRP B 390 27.48 54.75 30.42
C TRP B 390 28.64 55.29 29.62
N LEU B 391 28.35 56.26 28.75
CA LEU B 391 29.41 56.86 27.96
C LEU B 391 30.46 57.51 28.85
N SER B 392 30.02 58.19 29.91
CA SER B 392 30.98 58.78 30.85
C SER B 392 31.83 57.71 31.51
N ARG B 393 31.22 56.60 31.92
CA ARG B 393 31.97 55.53 32.57
C ARG B 393 32.91 54.86 31.57
N ASP B 394 34.11 54.52 32.04
CA ASP B 394 35.10 53.92 31.18
C ASP B 394 34.71 52.49 30.81
N SER B 395 35.46 51.91 29.87
CA SER B 395 35.10 50.63 29.29
C SER B 395 35.31 49.50 30.30
N SER B 396 34.59 48.40 30.05
CA SER B 396 34.76 47.14 30.78
C SER B 396 34.75 46.03 29.76
N THR B 397 35.89 45.35 29.59
CA THR B 397 36.00 44.36 28.53
C THR B 397 35.02 43.21 28.71
N TRP B 398 34.64 42.91 29.95
CA TRP B 398 33.68 41.84 30.18
C TRP B 398 32.38 42.13 29.43
N LEU B 399 31.81 43.32 29.66
CA LEU B 399 30.58 43.68 28.96
C LEU B 399 30.83 43.80 27.46
N THR B 400 32.00 44.33 27.08
CA THR B 400 32.36 44.39 25.66
C THR B 400 32.45 42.99 25.07
N ALA B 401 33.09 42.06 25.79
CA ALA B 401 33.17 40.69 25.31
C ALA B 401 31.78 40.06 25.26
N PHE B 402 30.97 40.28 26.29
CA PHE B 402 29.60 39.74 26.28
C PHE B 402 28.80 40.31 25.12
N VAL B 403 28.91 41.62 24.90
CA VAL B 403 28.16 42.24 23.81
C VAL B 403 28.62 41.69 22.47
N LEU B 404 29.93 41.50 22.31
CA LEU B 404 30.41 40.91 21.06
C LEU B 404 29.83 39.52 20.85
N LYS B 405 29.75 38.72 21.92
CA LYS B 405 29.14 37.41 21.80
C LYS B 405 27.67 37.51 21.44
N VAL B 406 26.92 38.33 22.17
CA VAL B 406 25.49 38.45 21.91
C VAL B 406 25.24 39.00 20.52
N LEU B 407 25.89 40.12 20.19
CA LEU B 407 25.65 40.76 18.91
C LEU B 407 26.09 39.87 17.76
N SER B 408 27.22 39.18 17.91
CA SER B 408 27.69 38.30 16.84
C SER B 408 26.67 37.20 16.56
N LEU B 409 26.06 36.65 17.60
CA LEU B 409 25.03 35.65 17.40
C LEU B 409 23.83 36.22 16.65
N ALA B 410 23.39 37.42 17.03
CA ALA B 410 22.23 38.04 16.41
C ALA B 410 22.52 38.54 15.00
N GLN B 411 23.78 38.53 14.57
CA GLN B 411 24.12 39.10 13.27
C GLN B 411 23.38 38.43 12.13
N GLU B 412 22.96 37.18 12.31
CA GLU B 412 22.19 36.51 11.26
C GLU B 412 20.78 37.07 11.18
N GLN B 413 20.13 37.25 12.33
CA GLN B 413 18.77 37.78 12.34
C GLN B 413 18.73 39.19 11.78
N VAL B 414 19.67 40.03 12.21
CA VAL B 414 19.71 41.45 11.84
C VAL B 414 20.91 41.64 10.94
N GLY B 415 20.66 42.09 9.70
CA GLY B 415 21.75 42.38 8.78
C GLY B 415 22.45 43.67 9.14
N GLY B 416 22.97 43.75 10.36
CA GLY B 416 23.58 44.97 10.86
C GLY B 416 24.99 45.17 10.32
N SER B 417 25.59 46.25 10.76
CA SER B 417 26.94 46.61 10.33
C SER B 417 27.95 45.72 11.05
N PRO B 418 28.72 44.87 10.34
CA PRO B 418 29.66 43.99 11.03
C PRO B 418 30.97 44.68 11.39
N GLU B 419 31.38 45.67 10.60
CA GLU B 419 32.65 46.33 10.86
C GLU B 419 32.68 46.97 12.24
N LYS B 420 31.51 47.33 12.77
CA LYS B 420 31.47 47.85 14.14
C LYS B 420 31.97 46.81 15.12
N LEU B 421 31.54 45.55 14.97
CA LEU B 421 32.05 44.48 15.81
C LEU B 421 33.54 44.26 15.56
N GLN B 422 33.95 44.28 14.29
CA GLN B 422 35.37 44.12 13.98
C GLN B 422 36.21 45.11 14.77
N GLU B 423 35.75 46.37 14.86
CA GLU B 423 36.42 47.33 15.72
C GLU B 423 36.40 46.88 17.17
N THR B 424 35.26 46.37 17.63
CA THR B 424 35.16 45.91 19.01
C THR B 424 36.13 44.77 19.28
N SER B 425 36.20 43.80 18.36
CA SER B 425 37.17 42.72 18.52
C SER B 425 38.59 43.26 18.53
N ASN B 426 38.87 44.24 17.66
CA ASN B 426 40.19 44.87 17.68
C ASN B 426 40.47 45.51 19.03
N TRP B 427 39.48 46.18 19.61
CA TRP B 427 39.67 46.79 20.92
C TRP B 427 40.00 45.74 21.97
N LEU B 428 39.39 44.56 21.86
CA LEU B 428 39.67 43.50 22.83
C LEU B 428 41.14 43.10 22.79
N LEU B 429 41.71 43.00 21.60
CA LEU B 429 43.11 42.61 21.49
C LEU B 429 44.01 43.63 22.18
N SER B 430 43.73 44.92 22.01
CA SER B 430 44.51 45.95 22.67
C SER B 430 44.42 45.85 24.19
N GLN B 431 43.40 45.16 24.71
CA GLN B 431 43.23 44.98 26.15
C GLN B 431 43.83 43.67 26.64
N GLN B 432 44.56 42.95 25.79
CA GLN B 432 45.16 41.67 26.17
C GLN B 432 46.49 41.91 26.87
N GLN B 433 46.69 41.25 27.99
CA GLN B 433 47.92 41.37 28.74
C GLN B 433 49.03 40.57 28.05
N ALA B 434 50.27 40.82 28.48
CA ALA B 434 51.42 40.20 27.83
C ALA B 434 51.31 38.68 27.80
N ASP B 435 50.97 38.06 28.94
CA ASP B 435 50.92 36.61 29.02
C ASP B 435 49.73 36.00 28.31
N GLY B 436 48.73 36.80 27.98
CA GLY B 436 47.53 36.32 27.29
C GLY B 436 46.23 36.56 28.01
N SER B 437 46.24 37.15 29.21
CA SER B 437 45.02 37.39 29.95
C SER B 437 44.40 38.72 29.52
N PHE B 438 43.28 39.08 30.14
CA PHE B 438 42.60 40.34 29.89
C PHE B 438 42.33 41.02 31.22
N GLN B 439 42.55 42.35 31.27
CA GLN B 439 42.53 43.05 32.54
C GLN B 439 41.12 43.43 32.98
N ASP B 440 40.38 44.13 32.11
CA ASP B 440 39.10 44.70 32.50
C ASP B 440 39.31 45.68 33.65
N PRO B 441 39.92 46.83 33.41
CA PRO B 441 40.24 47.73 34.53
C PRO B 441 39.03 48.14 35.35
N CYS B 442 37.88 48.39 34.72
CA CYS B 442 36.71 48.84 35.43
C CYS B 442 35.73 47.69 35.59
N PRO B 443 35.48 47.19 36.81
CA PRO B 443 34.42 46.19 36.99
C PRO B 443 33.05 46.82 36.82
N VAL B 444 32.10 46.01 36.37
CA VAL B 444 30.74 46.49 36.18
C VAL B 444 30.13 46.82 37.54
N LEU B 445 29.22 47.80 37.55
CA LEU B 445 28.64 48.25 38.80
C LEU B 445 27.84 47.14 39.47
N ASP B 446 27.04 46.41 38.70
CA ASP B 446 26.20 45.34 39.22
C ASP B 446 26.86 44.01 38.88
N ARG B 447 27.56 43.42 39.86
CA ARG B 447 28.24 42.15 39.65
C ARG B 447 27.28 40.98 39.57
N SER B 448 26.00 41.19 39.87
CA SER B 448 25.04 40.08 39.83
C SER B 448 24.98 39.45 38.45
N MET B 449 25.00 40.26 37.39
CA MET B 449 24.95 39.74 36.03
C MET B 449 26.27 39.13 35.58
N GLN B 450 27.36 39.39 36.29
CA GLN B 450 28.65 38.81 35.92
C GLN B 450 28.61 37.29 35.90
N GLY B 451 27.73 36.68 36.69
CA GLY B 451 27.69 35.24 36.81
C GLY B 451 28.51 34.76 37.98
N GLY B 452 29.26 33.68 37.79
CA GLY B 452 30.13 33.15 38.82
C GLY B 452 31.56 33.65 38.77
N LEU B 453 31.85 34.67 37.96
CA LEU B 453 33.22 35.16 37.87
C LEU B 453 33.70 35.68 39.21
N VAL B 454 32.85 36.43 39.92
CA VAL B 454 33.25 36.96 41.23
C VAL B 454 33.69 35.82 42.12
N GLY B 455 34.81 36.01 42.81
CA GLY B 455 35.34 34.98 43.67
C GLY B 455 36.83 35.18 43.89
N ASN B 456 37.47 34.11 44.37
CA ASN B 456 38.91 34.18 44.63
C ASN B 456 39.69 34.42 43.35
N ASP B 457 39.31 33.75 42.26
CA ASP B 457 39.99 33.87 40.97
C ASP B 457 39.00 34.39 39.94
N GLU B 458 39.45 35.37 39.16
CA GLU B 458 38.61 35.94 38.09
C GLU B 458 39.37 36.00 36.78
N THR B 459 40.71 36.11 36.85
CA THR B 459 41.49 36.27 35.63
C THR B 459 41.35 35.07 34.71
N VAL B 460 41.39 33.86 35.27
CA VAL B 460 41.30 32.67 34.45
C VAL B 460 39.94 32.59 33.78
N ALA B 461 38.87 32.82 34.54
CA ALA B 461 37.53 32.79 33.96
C ALA B 461 37.35 33.89 32.93
N LEU B 462 37.82 35.10 33.25
CA LEU B 462 37.67 36.21 32.31
C LEU B 462 38.41 35.95 31.02
N THR B 463 39.63 35.41 31.10
CA THR B 463 40.38 35.09 29.91
C THR B 463 39.63 34.10 29.05
N ALA B 464 39.11 33.03 29.67
CA ALA B 464 38.35 32.03 28.92
C ALA B 464 37.08 32.65 28.36
N PHE B 465 36.39 33.47 29.15
CA PHE B 465 35.14 34.07 28.69
C PHE B 465 35.37 34.94 27.47
N VAL B 466 36.43 35.76 27.49
CA VAL B 466 36.74 36.59 26.34
C VAL B 466 37.08 35.74 25.13
N THR B 467 37.84 34.66 25.35
CA THR B 467 38.21 33.78 24.23
C THR B 467 36.96 33.19 23.58
N ILE B 468 35.99 32.79 24.40
CA ILE B 468 34.75 32.25 23.84
C ILE B 468 34.08 33.30 22.96
N ALA B 469 33.95 34.53 23.48
CA ALA B 469 33.32 35.59 22.71
C ALA B 469 34.11 35.89 21.44
N LEU B 470 35.45 35.94 21.54
CA LEU B 470 36.26 36.24 20.37
C LEU B 470 36.04 35.20 19.28
N HIS B 471 35.96 33.93 19.64
CA HIS B 471 35.70 32.90 18.64
C HIS B 471 34.34 33.10 17.99
N HIS B 472 33.32 33.46 18.78
CA HIS B 472 32.01 33.73 18.22
C HIS B 472 32.07 34.88 17.24
N GLY B 473 32.98 35.83 17.45
CA GLY B 473 33.13 36.95 16.55
C GLY B 473 33.87 36.64 15.27
N LEU B 474 34.42 35.44 15.14
CA LEU B 474 35.08 35.07 13.89
C LEU B 474 34.08 34.95 12.75
N ALA B 475 32.85 34.52 13.05
CA ALA B 475 31.86 34.36 11.99
C ALA B 475 31.51 35.70 11.35
N VAL B 476 31.38 36.75 12.16
CA VAL B 476 30.94 38.04 11.63
C VAL B 476 32.02 38.71 10.78
N PHE B 477 33.28 38.36 10.95
CA PHE B 477 34.34 38.95 10.15
C PHE B 477 34.08 38.69 8.67
N GLN B 478 34.15 39.75 7.87
CA GLN B 478 33.93 39.61 6.43
C GLN B 478 35.02 38.74 5.82
N ASP B 479 34.61 37.88 4.88
CA ASP B 479 35.57 37.03 4.20
C ASP B 479 36.60 37.84 3.41
N GLU B 480 36.26 39.07 3.04
CA GLU B 480 37.16 39.95 2.30
C GLU B 480 37.49 41.15 3.17
N GLY B 481 38.77 41.50 3.24
CA GLY B 481 39.22 42.61 4.05
C GLY B 481 39.42 42.23 5.50
N ALA B 482 40.05 43.13 6.24
CA ALA B 482 40.32 42.93 7.65
C ALA B 482 41.16 41.68 7.90
N GLU B 483 41.96 41.29 6.91
CA GLU B 483 42.81 40.11 7.06
C GLU B 483 43.80 40.26 8.20
N PRO B 484 44.60 41.33 8.28
CA PRO B 484 45.54 41.44 9.42
C PRO B 484 44.84 41.48 10.76
N LEU B 485 43.66 42.09 10.83
CA LEU B 485 42.91 42.08 12.09
C LEU B 485 42.53 40.66 12.48
N LYS B 486 42.08 39.85 11.51
CA LYS B 486 41.76 38.46 11.80
C LYS B 486 42.99 37.72 12.29
N GLN B 487 44.09 37.82 11.55
CA GLN B 487 45.30 37.11 11.92
C GLN B 487 45.75 37.48 13.34
N ARG B 488 45.57 38.75 13.71
CA ARG B 488 45.86 39.15 15.08
C ARG B 488 44.94 38.47 16.07
N VAL B 489 43.69 38.21 15.68
CA VAL B 489 42.76 37.54 16.58
C VAL B 489 43.20 36.11 16.83
N GLU B 490 43.56 35.37 15.77
CA GLU B 490 44.02 34.00 15.97
C GLU B 490 45.32 33.97 16.76
N ALA B 491 46.18 34.97 16.57
CA ALA B 491 47.40 35.04 17.36
C ALA B 491 47.09 35.33 18.82
N SER B 492 46.25 36.34 19.07
CA SER B 492 45.92 36.70 20.45
C SER B 492 45.16 35.58 21.15
N ILE B 493 44.17 34.98 20.48
CA ILE B 493 43.41 33.91 21.11
C ILE B 493 44.31 32.72 21.39
N SER B 494 45.20 32.38 20.44
CA SER B 494 46.11 31.28 20.67
C SER B 494 47.02 31.56 21.86
N LYS B 495 47.55 32.77 21.96
CA LYS B 495 48.39 33.12 23.10
C LYS B 495 47.61 33.00 24.39
N ALA B 496 46.40 33.54 24.42
CA ALA B 496 45.53 33.33 25.58
C ALA B 496 45.15 31.86 25.71
N ASN B 497 44.91 31.20 24.58
CA ASN B 497 44.59 29.78 24.61
C ASN B 497 45.74 28.98 25.21
N SER B 498 46.98 29.31 24.83
CA SER B 498 48.13 28.65 25.43
C SER B 498 48.21 28.93 26.92
N PHE B 499 47.87 30.16 27.33
CA PHE B 499 47.90 30.50 28.75
C PHE B 499 46.91 29.66 29.53
N LEU B 500 45.71 29.45 28.98
CA LEU B 500 44.69 28.72 29.73
C LEU B 500 45.14 27.30 30.04
N GLY B 501 45.71 26.61 29.06
CA GLY B 501 46.19 25.26 29.30
C GLY B 501 47.27 25.23 30.37
N GLU B 502 48.19 26.18 30.33
CA GLU B 502 49.23 26.24 31.37
C GLU B 502 48.62 26.48 32.74
N LYS B 503 47.62 27.37 32.82
CA LYS B 503 46.95 27.62 34.08
C LYS B 503 46.06 26.45 34.47
N ALA B 504 45.34 25.88 33.49
CA ALA B 504 44.45 24.76 33.78
C ALA B 504 45.24 23.55 34.28
N SER B 505 46.38 23.26 33.66
CA SER B 505 47.17 22.10 34.07
C SER B 505 47.62 22.22 35.53
N ALA B 506 47.79 23.45 36.01
CA ALA B 506 48.22 23.65 37.40
C ALA B 506 47.16 23.20 38.39
N GLY B 507 45.91 23.03 37.95
CA GLY B 507 44.86 22.62 38.88
C GLY B 507 44.57 23.71 39.89
N LEU B 508 44.23 23.27 41.11
CA LEU B 508 43.94 24.17 42.23
C LEU B 508 43.05 25.34 41.82
N LEU B 509 42.14 25.10 40.88
CA LEU B 509 41.22 26.12 40.40
C LEU B 509 39.78 25.72 40.74
N GLY B 510 38.94 26.73 40.92
CA GLY B 510 37.57 26.49 41.32
C GLY B 510 36.77 25.74 40.26
N ALA B 511 35.60 25.28 40.67
CA ALA B 511 34.74 24.53 39.76
C ALA B 511 34.34 25.38 38.56
N HIS B 512 33.97 26.64 38.82
CA HIS B 512 33.54 27.51 37.72
C HIS B 512 34.67 27.74 36.72
N ALA B 513 35.86 28.04 37.22
CA ALA B 513 36.98 28.31 36.31
C ALA B 513 37.30 27.09 35.46
N ALA B 514 37.31 25.90 36.06
CA ALA B 514 37.61 24.69 35.30
C ALA B 514 36.57 24.46 34.22
N ALA B 515 35.30 24.68 34.54
CA ALA B 515 34.25 24.46 33.55
C ALA B 515 34.40 25.39 32.36
N ILE B 516 34.62 26.68 32.62
CA ILE B 516 34.75 27.64 31.53
C ILE B 516 35.98 27.31 30.69
N THR B 517 37.11 27.06 31.34
CA THR B 517 38.33 26.73 30.61
C THR B 517 38.14 25.46 29.79
N ALA B 518 37.50 24.45 30.38
CA ALA B 518 37.25 23.21 29.65
C ALA B 518 36.51 23.50 28.35
N TYR B 519 35.48 24.34 28.42
CA TYR B 519 34.75 24.70 27.21
C TYR B 519 35.58 25.59 26.30
N ALA B 520 36.27 26.58 26.87
CA ALA B 520 37.07 27.49 26.05
C ALA B 520 38.14 26.75 25.29
N LEU B 521 38.82 25.80 25.95
CA LEU B 521 39.86 25.03 25.27
C LEU B 521 39.29 24.24 24.10
N SER B 522 38.13 23.59 24.31
CA SER B 522 37.54 22.80 23.24
C SER B 522 37.02 23.68 22.11
N LEU B 523 36.37 24.80 22.45
CA LEU B 523 35.79 25.64 21.42
C LEU B 523 36.86 26.23 20.51
N THR B 524 37.97 26.68 21.09
CA THR B 524 39.01 27.38 20.33
C THR B 524 39.95 26.43 19.61
N LYS B 525 39.70 25.12 19.64
CA LYS B 525 40.53 24.15 18.94
C LYS B 525 41.96 24.17 19.50
N ALA B 526 42.05 24.00 20.80
CA ALA B 526 43.34 23.98 21.47
C ALA B 526 44.09 22.70 21.14
N PRO B 527 45.42 22.69 21.30
CA PRO B 527 46.17 21.46 21.04
C PRO B 527 45.71 20.34 21.96
N VAL B 528 45.80 19.11 21.44
CA VAL B 528 45.20 17.97 22.11
C VAL B 528 45.76 17.81 23.53
N ASP B 529 47.07 17.98 23.69
CA ASP B 529 47.68 17.75 25.00
C ASP B 529 47.03 18.62 26.06
N LEU B 530 46.85 19.91 25.77
CA LEU B 530 46.21 20.79 26.73
C LEU B 530 44.73 20.48 26.87
N LEU B 531 44.09 20.05 25.77
CA LEU B 531 42.68 19.71 25.82
C LEU B 531 42.43 18.55 26.78
N GLY B 532 43.26 17.51 26.71
CA GLY B 532 43.04 16.34 27.54
C GLY B 532 43.16 16.63 29.02
N VAL B 533 44.22 17.35 29.41
CA VAL B 533 44.45 17.62 30.82
C VAL B 533 43.30 18.43 31.40
N ALA B 534 42.83 19.44 30.65
CA ALA B 534 41.69 20.23 31.12
C ALA B 534 40.45 19.36 31.25
N HIS B 535 40.19 18.50 30.26
CA HIS B 535 39.05 17.60 30.33
C HIS B 535 39.19 16.64 31.50
N ASN B 536 40.39 16.10 31.71
CA ASN B 536 40.61 15.19 32.83
C ASN B 536 40.34 15.88 34.16
N ASN B 537 40.79 17.14 34.30
CA ASN B 537 40.55 17.87 35.54
C ASN B 537 39.07 18.01 35.82
N LEU B 538 38.28 18.31 34.79
CA LEU B 538 36.84 18.44 34.96
C LEU B 538 36.21 17.13 35.40
N MET B 539 36.69 16.00 34.87
CA MET B 539 36.14 14.70 35.23
C MET B 539 36.23 14.48 36.74
N ALA B 540 37.41 14.71 37.32
CA ALA B 540 37.59 14.46 38.75
C ALA B 540 36.70 15.37 39.57
N MET B 541 36.61 16.65 39.20
CA MET B 541 35.81 17.61 39.94
C MET B 541 34.31 17.36 39.81
N ALA B 542 33.90 16.55 38.83
CA ALA B 542 32.48 16.29 38.65
C ALA B 542 31.88 15.66 39.90
N GLN B 543 30.72 16.15 40.30
CA GLN B 543 30.04 15.69 41.51
C GLN B 543 28.66 15.17 41.15
N GLU B 544 28.27 14.06 41.77
CA GLU B 544 26.97 13.45 41.54
C GLU B 544 26.36 13.05 42.88
N THR B 545 25.03 12.98 42.91
CA THR B 545 24.30 12.61 44.12
C THR B 545 23.14 11.66 43.84
N GLY B 546 23.04 11.13 42.63
CA GLY B 546 21.95 10.25 42.29
C GLY B 546 21.94 9.96 40.80
N ASP B 547 20.88 9.28 40.36
CA ASP B 547 20.76 8.94 38.96
C ASP B 547 20.78 10.21 38.11
N ASN B 548 21.68 10.24 37.13
CA ASN B 548 21.87 11.41 36.26
C ASN B 548 21.86 12.71 37.07
N LEU B 549 22.41 12.68 38.27
CA LEU B 549 22.60 13.88 39.09
C LEU B 549 24.02 14.38 38.89
N TYR B 550 24.17 15.66 38.61
CA TYR B 550 25.48 16.25 38.38
C TYR B 550 25.53 17.66 38.93
N TRP B 551 26.65 17.99 39.56
CA TRP B 551 26.87 19.32 40.11
C TRP B 551 25.68 19.78 40.94
N GLN B 577 15.84 24.34 43.98
CA GLN B 577 16.65 24.72 42.82
C GLN B 577 18.09 24.99 43.22
N ALA B 578 19.02 24.64 42.34
CA ALA B 578 20.43 24.82 42.63
C ALA B 578 20.79 26.30 42.63
N PRO B 579 21.89 26.66 43.30
CA PRO B 579 22.32 28.06 43.30
C PRO B 579 22.86 28.47 41.93
N ALA B 580 22.96 29.79 41.73
CA ALA B 580 23.36 30.30 40.43
C ALA B 580 24.71 29.76 39.99
N LEU B 581 25.62 29.53 40.93
CA LEU B 581 26.96 29.09 40.56
C LEU B 581 26.93 27.69 39.95
N TRP B 582 26.28 26.74 40.63
CA TRP B 582 26.28 25.36 40.14
C TRP B 582 25.58 25.26 38.79
N ILE B 583 24.44 25.94 38.64
CA ILE B 583 23.70 25.85 37.38
C ILE B 583 24.52 26.42 36.23
N GLU B 584 25.20 27.55 36.46
CA GLU B 584 26.06 28.10 35.42
C GLU B 584 27.19 27.14 35.08
N THR B 585 27.84 26.57 36.11
CA THR B 585 29.00 25.73 35.87
C THR B 585 28.65 24.48 35.06
N THR B 586 27.54 23.83 35.41
CA THR B 586 27.16 22.62 34.69
C THR B 586 26.88 22.92 33.23
N ALA B 587 26.26 24.07 32.95
CA ALA B 587 25.93 24.42 31.57
C ALA B 587 27.18 24.45 30.71
N TYR B 588 28.22 25.15 31.18
CA TYR B 588 29.48 25.18 30.43
C TYR B 588 30.04 23.79 30.23
N ALA B 589 29.98 22.96 31.27
CA ALA B 589 30.49 21.60 31.16
C ALA B 589 29.75 20.82 30.08
N LEU B 590 28.42 20.97 30.02
CA LEU B 590 27.67 20.22 29.03
C LEU B 590 28.12 20.52 27.61
N LEU B 591 28.42 21.78 27.32
CA LEU B 591 28.93 22.11 25.99
C LEU B 591 30.26 21.40 25.74
N HIS B 592 31.14 21.39 26.73
CA HIS B 592 32.43 20.73 26.56
C HIS B 592 32.25 19.25 26.27
N LEU B 593 31.41 18.57 27.05
CA LEU B 593 31.20 17.14 26.84
C LEU B 593 30.62 16.87 25.47
N LEU B 594 29.67 17.70 25.03
CA LEU B 594 29.10 17.52 23.70
C LEU B 594 30.15 17.69 22.62
N LEU B 595 31.02 18.69 22.77
CA LEU B 595 32.08 18.91 21.80
C LEU B 595 33.24 17.94 21.97
N HIS B 596 33.37 17.31 23.14
CA HIS B 596 34.49 16.41 23.42
C HIS B 596 34.07 14.99 23.08
N GLU B 597 34.38 14.57 21.86
CA GLU B 597 34.11 13.20 21.39
C GLU B 597 32.63 12.85 21.54
N GLY B 598 31.77 13.80 21.15
CA GLY B 598 30.35 13.51 21.15
C GLY B 598 29.81 13.31 22.55
N LYS B 599 28.62 12.71 22.60
CA LYS B 599 27.93 12.43 23.86
C LYS B 599 28.05 10.95 24.17
N ALA B 600 28.52 10.64 25.38
CA ALA B 600 28.84 9.28 25.79
C ALA B 600 28.10 8.95 27.08
N GLU B 601 26.80 9.24 27.11
CA GLU B 601 25.94 8.98 28.27
C GLU B 601 26.34 9.82 29.47
N MET B 602 27.14 10.87 29.25
CA MET B 602 27.44 11.87 30.27
C MET B 602 26.70 13.17 30.01
N ALA B 603 26.76 13.67 28.78
CA ALA B 603 25.94 14.81 28.41
C ALA B 603 24.46 14.47 28.53
N ASP B 604 24.08 13.26 28.10
CA ASP B 604 22.70 12.83 28.26
C ASP B 604 22.25 12.94 29.70
N GLN B 605 23.09 12.50 30.63
CA GLN B 605 22.75 12.58 32.04
C GLN B 605 22.84 14.01 32.55
N ALA B 606 23.91 14.73 32.19
CA ALA B 606 24.06 16.09 32.65
C ALA B 606 22.97 17.00 32.09
N SER B 607 22.66 16.85 30.80
CA SER B 607 21.61 17.68 30.21
C SER B 607 20.27 17.44 30.90
N ALA B 608 19.98 16.18 31.24
CA ALA B 608 18.76 15.88 31.97
C ALA B 608 18.70 16.68 33.27
N TRP B 609 19.83 16.85 33.93
CA TRP B 609 19.84 17.61 35.18
C TRP B 609 19.44 19.06 34.92
N LEU B 610 19.97 19.64 33.83
CA LEU B 610 19.60 21.01 33.49
C LEU B 610 18.12 21.14 33.17
N THR B 611 17.59 20.19 32.39
CA THR B 611 16.18 20.25 32.02
C THR B 611 15.30 20.31 33.25
N ARG B 612 15.57 19.47 34.25
CA ARG B 612 14.81 19.52 35.49
C ARG B 612 15.05 20.84 36.21
N GLN B 613 16.31 21.30 36.25
CA GLN B 613 16.60 22.55 36.94
C GLN B 613 15.93 23.74 36.25
N GLY B 614 15.92 23.73 34.91
CA GLY B 614 15.30 24.81 34.16
C GLY B 614 13.79 24.75 34.12
N SER B 615 13.18 23.63 34.49
CA SER B 615 11.74 23.49 34.50
C SER B 615 11.11 24.03 35.77
N PHE B 616 11.90 24.45 36.75
CA PHE B 616 11.36 25.00 37.98
C PHE B 616 10.65 26.32 37.70
N GLN B 617 9.74 26.68 38.61
CA GLN B 617 9.10 27.98 38.51
C GLN B 617 10.14 29.08 38.57
N GLY B 618 10.08 30.00 37.61
CA GLY B 618 11.07 31.06 37.56
C GLY B 618 12.49 30.54 37.48
N GLY B 619 12.73 29.53 36.65
CA GLY B 619 14.03 28.92 36.58
C GLY B 619 15.09 29.84 35.99
N PHE B 620 16.33 29.44 36.14
CA PHE B 620 17.47 30.23 35.67
C PHE B 620 17.48 31.61 36.31
N ARG B 621 17.69 31.61 37.63
CA ARG B 621 17.58 32.84 38.41
C ARG B 621 18.44 33.96 37.81
N SER B 622 19.71 33.67 37.57
CA SER B 622 20.64 34.68 37.09
C SER B 622 20.45 34.92 35.60
N THR B 623 21.31 35.76 35.03
CA THR B 623 21.29 36.07 33.61
C THR B 623 22.34 35.32 32.82
N GLN B 624 23.57 35.22 33.34
CA GLN B 624 24.61 34.49 32.65
C GLN B 624 24.26 33.01 32.53
N ASP B 625 23.69 32.42 33.59
CA ASP B 625 23.28 31.03 33.53
C ASP B 625 22.22 30.81 32.47
N THR B 626 21.27 31.75 32.35
CA THR B 626 20.19 31.60 31.39
C THR B 626 20.72 31.50 29.96
N VAL B 627 21.55 32.46 29.55
CA VAL B 627 22.07 32.45 28.19
C VAL B 627 22.91 31.21 27.95
N ILE B 628 23.77 30.86 28.91
CA ILE B 628 24.63 29.69 28.75
C ILE B 628 23.81 28.41 28.79
N ALA B 629 22.93 28.29 29.79
CA ALA B 629 22.15 27.06 29.93
C ALA B 629 21.26 26.83 28.72
N LEU B 630 20.60 27.89 28.24
CA LEU B 630 19.74 27.75 27.08
C LEU B 630 20.54 27.29 25.87
N ASP B 631 21.75 27.83 25.68
CA ASP B 631 22.61 27.35 24.62
C ASP B 631 23.02 25.90 24.85
N ALA B 632 23.26 25.54 26.10
CA ALA B 632 23.67 24.17 26.39
C ALA B 632 22.60 23.17 26.00
N LEU B 633 21.37 23.39 26.47
CA LEU B 633 20.29 22.46 26.15
C LEU B 633 20.02 22.43 24.65
N SER B 634 20.03 23.59 24.01
CA SER B 634 19.84 23.63 22.56
C SER B 634 20.92 22.84 21.84
N ALA B 635 22.17 23.00 22.26
CA ALA B 635 23.25 22.23 21.66
C ALA B 635 23.07 20.74 21.91
N TYR B 636 22.68 20.37 23.13
CA TYR B 636 22.42 18.96 23.42
C TYR B 636 21.23 18.45 22.63
N TRP B 637 20.15 19.23 22.57
CA TRP B 637 18.94 18.77 21.88
C TRP B 637 19.22 18.49 20.41
N ILE B 638 19.89 19.43 19.73
CA ILE B 638 20.20 19.23 18.32
C ILE B 638 21.14 18.06 18.14
N ALA B 639 21.94 17.75 19.17
CA ALA B 639 22.88 16.64 19.07
C ALA B 639 22.16 15.30 19.09
N SER B 640 21.21 15.13 20.00
CA SER B 640 20.54 13.84 20.14
C SER B 640 19.63 13.57 18.95
N HIS B 641 18.82 14.55 18.55
CA HIS B 641 17.91 14.37 17.42
C HIS B 641 18.64 14.60 16.11
N THR B 642 19.76 13.91 15.90
CA THR B 642 20.55 14.02 14.68
C THR B 642 20.57 12.67 14.00
N THR B 643 20.13 12.63 12.74
CA THR B 643 20.07 11.40 11.96
C THR B 643 21.15 11.43 10.90
N GLU B 644 21.91 10.35 10.79
CA GLU B 644 22.97 10.22 9.81
C GLU B 644 22.43 9.54 8.56
N GLU B 645 23.29 9.45 7.53
CA GLU B 645 22.87 8.80 6.29
C GLU B 645 22.53 7.33 6.53
N ARG B 646 23.29 6.66 7.40
CA ARG B 646 23.01 5.27 7.76
C ARG B 646 23.09 4.37 6.52
N GLY B 647 24.27 4.32 5.91
CA GLY B 647 24.45 3.50 4.73
C GLY B 647 25.16 2.20 5.03
N LEU B 648 24.82 1.18 4.25
CA LEU B 648 25.45 -0.13 4.38
C LEU B 648 25.75 -0.71 3.00
N ASN B 649 26.16 0.14 2.07
CA ASN B 649 26.37 -0.31 0.70
C ASN B 649 27.48 -1.34 0.64
N VAL B 650 27.24 -2.42 -0.11
CA VAL B 650 28.19 -3.51 -0.25
C VAL B 650 28.36 -3.79 -1.74
N THR B 651 29.48 -4.44 -2.07
CA THR B 651 29.78 -4.84 -3.43
C THR B 651 30.25 -6.29 -3.43
N LEU B 652 29.83 -7.03 -4.45
CA LEU B 652 30.20 -8.44 -4.59
C LEU B 652 31.16 -8.58 -5.77
N SER B 653 32.28 -9.24 -5.52
CA SER B 653 33.32 -9.44 -6.53
C SER B 653 33.63 -10.93 -6.63
N SER B 654 33.68 -11.44 -7.85
CA SER B 654 33.99 -12.84 -8.07
C SER B 654 34.48 -13.02 -9.51
N THR B 655 35.13 -14.15 -9.73
CA THR B 655 35.66 -14.52 -11.05
C THR B 655 34.90 -15.77 -11.50
N GLY B 656 33.76 -15.55 -12.17
CA GLY B 656 32.94 -16.63 -12.64
C GLY B 656 33.43 -17.21 -13.95
N ARG B 657 32.72 -18.25 -14.40
CA ARG B 657 33.08 -18.89 -15.67
C ARG B 657 32.97 -17.91 -16.83
N ASN B 658 31.91 -17.09 -16.83
CA ASN B 658 31.75 -16.07 -17.86
C ASN B 658 32.75 -14.93 -17.71
N GLY B 659 33.43 -14.82 -16.57
CA GLY B 659 34.40 -13.77 -16.36
C GLY B 659 34.32 -13.17 -14.97
N PHE B 660 34.73 -11.92 -14.84
CA PHE B 660 34.69 -11.20 -13.56
C PHE B 660 33.52 -10.22 -13.58
N LYS B 661 32.67 -10.31 -12.56
CA LYS B 661 31.48 -9.48 -12.47
C LYS B 661 31.44 -8.79 -11.12
N SER B 662 30.75 -7.65 -11.09
CA SER B 662 30.64 -6.83 -9.89
C SER B 662 29.18 -6.44 -9.67
N HIS B 663 28.89 -6.00 -8.45
CA HIS B 663 27.54 -5.57 -8.11
C HIS B 663 27.62 -4.52 -7.02
N ALA B 664 26.54 -3.73 -6.92
CA ALA B 664 26.43 -2.69 -5.90
C ALA B 664 25.04 -2.76 -5.28
N LEU B 665 24.97 -2.52 -3.97
CA LEU B 665 23.71 -2.56 -3.24
C LEU B 665 23.66 -1.37 -2.29
N GLN B 666 23.14 -0.24 -2.77
CA GLN B 666 22.96 0.92 -1.91
C GLN B 666 21.79 0.68 -0.97
N LEU B 667 22.04 0.86 0.33
CA LEU B 667 21.03 0.60 1.36
C LEU B 667 20.99 1.78 2.34
N ASN B 668 20.91 2.99 1.79
CA ASN B 668 20.84 4.17 2.65
C ASN B 668 19.60 4.12 3.54
N ASN B 669 18.45 3.79 2.96
CA ASN B 669 17.20 3.69 3.71
C ASN B 669 16.09 3.16 2.81
N LEU B 675 15.07 -0.50 5.57
CA LEU B 675 14.60 -1.32 4.46
C LEU B 675 15.59 -2.45 4.19
N GLU B 676 15.30 -3.23 3.16
CA GLU B 676 16.13 -4.37 2.75
C GLU B 676 16.20 -4.40 1.23
N GLU B 677 17.10 -5.24 0.70
CA GLU B 677 17.27 -5.30 -0.74
C GLU B 677 17.62 -6.72 -1.17
N GLU B 678 17.24 -7.05 -2.41
CA GLU B 678 17.57 -8.30 -3.06
C GLU B 678 18.08 -7.99 -4.45
N LEU B 679 18.94 -8.87 -4.97
CA LEU B 679 19.48 -8.65 -6.30
C LEU B 679 19.99 -9.97 -6.85
N GLN B 680 19.74 -10.20 -8.14
CA GLN B 680 20.19 -11.41 -8.83
C GLN B 680 21.56 -11.16 -9.44
N PHE B 681 22.52 -12.00 -9.10
CA PHE B 681 23.89 -11.87 -9.56
C PHE B 681 24.35 -13.15 -10.22
N SER B 682 25.11 -13.00 -11.30
CA SER B 682 25.54 -14.13 -12.14
C SER B 682 26.93 -14.59 -11.73
N LEU B 683 27.00 -15.19 -10.55
CA LEU B 683 28.23 -15.73 -10.00
C LEU B 683 28.01 -17.16 -9.55
N GLY B 684 28.98 -18.02 -9.81
CA GLY B 684 28.86 -19.44 -9.50
C GLY B 684 30.06 -20.02 -8.77
N SER B 685 31.02 -19.17 -8.42
CA SER B 685 32.21 -19.61 -7.70
C SER B 685 32.39 -18.78 -6.44
N LYS B 686 33.54 -18.93 -5.77
CA LYS B 686 33.80 -18.15 -4.58
C LYS B 686 33.70 -16.66 -4.89
N ILE B 687 33.00 -15.93 -4.04
CA ILE B 687 32.73 -14.51 -4.25
C ILE B 687 33.26 -13.73 -3.06
N ASN B 688 33.59 -12.46 -3.32
CA ASN B 688 34.18 -11.58 -2.33
C ASN B 688 33.19 -10.50 -1.92
N VAL B 689 33.25 -10.12 -0.65
CA VAL B 689 32.35 -9.14 -0.06
C VAL B 689 33.16 -7.92 0.37
N LYS B 690 32.61 -6.73 0.13
CA LYS B 690 33.23 -5.47 0.52
C LYS B 690 32.17 -4.62 1.23
N VAL B 691 32.09 -4.75 2.55
CA VAL B 691 31.13 -3.95 3.31
C VAL B 691 31.64 -2.52 3.42
N GLY B 692 30.71 -1.60 3.65
CA GLY B 692 31.04 -0.20 3.79
C GLY B 692 30.05 0.55 4.66
N GLY B 693 30.06 1.88 4.57
CA GLY B 693 29.12 2.66 5.34
C GLY B 693 29.39 2.55 6.84
N ASN B 694 28.32 2.75 7.61
CA ASN B 694 28.40 2.70 9.07
C ASN B 694 27.28 1.92 9.73
N SER B 695 26.26 1.49 8.98
CA SER B 695 25.13 0.78 9.56
C SER B 695 25.39 -0.72 9.59
N LYS B 696 25.04 -1.35 10.70
CA LYS B 696 25.18 -2.79 10.85
C LYS B 696 23.94 -3.49 10.35
N GLY B 697 24.13 -4.56 9.57
CA GLY B 697 23.04 -5.30 9.01
C GLY B 697 23.44 -6.74 8.77
N THR B 698 22.49 -7.51 8.23
CA THR B 698 22.67 -8.94 7.99
C THR B 698 22.69 -9.20 6.49
N LEU B 699 23.70 -9.95 6.05
CA LEU B 699 23.81 -10.38 4.66
C LEU B 699 23.79 -11.89 4.60
N LYS B 700 22.90 -12.44 3.76
CA LYS B 700 22.81 -13.87 3.54
C LYS B 700 22.51 -14.17 2.09
N VAL B 701 23.31 -15.05 1.50
CA VAL B 701 23.31 -15.31 0.06
C VAL B 701 22.70 -16.68 -0.18
N LEU B 702 21.79 -16.76 -1.15
CA LEU B 702 21.07 -17.99 -1.47
C LEU B 702 21.56 -18.53 -2.80
N ARG B 703 21.92 -19.81 -2.82
CA ARG B 703 22.30 -20.52 -4.03
C ARG B 703 21.38 -21.71 -4.22
N THR B 704 20.82 -21.86 -5.41
CA THR B 704 19.88 -22.93 -5.72
C THR B 704 20.47 -23.83 -6.80
N TYR B 705 20.50 -25.12 -6.52
CA TYR B 705 21.00 -26.11 -7.47
C TYR B 705 20.23 -27.40 -7.25
N ASN B 706 20.24 -28.25 -8.28
CA ASN B 706 19.53 -29.53 -8.24
C ASN B 706 20.47 -30.61 -7.74
N VAL B 707 19.96 -31.47 -6.86
CA VAL B 707 20.72 -32.54 -6.26
C VAL B 707 20.10 -33.88 -6.64
N LEU B 708 20.89 -34.94 -6.52
CA LEU B 708 20.46 -36.29 -6.87
C LEU B 708 19.74 -36.88 -5.67
N ASP B 709 18.41 -36.82 -5.70
CA ASP B 709 17.57 -37.33 -4.62
C ASP B 709 16.64 -38.40 -5.18
N MET B 710 16.52 -39.51 -4.44
CA MET B 710 15.66 -40.62 -4.85
C MET B 710 15.04 -41.23 -3.61
N LYS B 711 13.71 -41.27 -3.56
CA LYS B 711 12.96 -41.82 -2.45
C LYS B 711 12.02 -42.90 -2.95
N ASN B 712 11.33 -43.54 -2.01
CA ASN B 712 10.33 -44.55 -2.38
C ASN B 712 9.29 -43.95 -3.30
N THR B 713 8.96 -44.68 -4.37
CA THR B 713 7.88 -44.24 -5.25
C THR B 713 6.52 -44.49 -4.61
N THR B 714 6.42 -45.54 -3.79
CA THR B 714 5.14 -45.88 -3.17
C THR B 714 4.76 -44.85 -2.12
N CYS B 715 3.49 -44.87 -1.74
CA CYS B 715 2.98 -43.96 -0.73
C CYS B 715 3.59 -44.30 0.63
N GLN B 716 3.66 -43.29 1.50
CA GLN B 716 4.31 -43.46 2.80
C GLN B 716 3.30 -43.65 3.93
N ASP B 717 2.38 -42.69 4.12
CA ASP B 717 1.45 -42.75 5.23
C ASP B 717 0.22 -43.59 4.89
N LEU B 718 -0.53 -43.19 3.86
CA LEU B 718 -1.73 -43.88 3.44
C LEU B 718 -1.48 -44.55 2.11
N GLN B 719 -1.78 -45.84 2.02
CA GLN B 719 -1.50 -46.64 0.83
C GLN B 719 -2.78 -47.28 0.32
N ILE B 720 -2.97 -47.23 -1.00
CA ILE B 720 -4.11 -47.85 -1.66
C ILE B 720 -3.58 -48.79 -2.73
N GLU B 721 -4.03 -50.04 -2.68
CA GLU B 721 -3.67 -51.03 -3.69
C GLU B 721 -4.96 -51.63 -4.25
N VAL B 722 -5.06 -51.66 -5.57
CA VAL B 722 -6.23 -52.16 -6.27
C VAL B 722 -5.77 -53.17 -7.31
N THR B 723 -6.44 -54.30 -7.37
CA THR B 723 -6.15 -55.36 -8.33
C THR B 723 -7.42 -55.68 -9.10
N VAL B 724 -7.25 -56.18 -10.31
CA VAL B 724 -8.35 -56.48 -11.21
C VAL B 724 -8.24 -57.93 -11.65
N LYS B 725 -9.35 -58.66 -11.57
CA LYS B 725 -9.42 -60.05 -12.01
C LYS B 725 -10.60 -60.21 -12.95
N GLY B 726 -10.35 -60.81 -14.10
CA GLY B 726 -11.40 -61.03 -15.08
C GLY B 726 -10.81 -61.06 -16.48
N HIS B 727 -11.71 -61.08 -17.45
CA HIS B 727 -11.36 -61.09 -18.87
C HIS B 727 -11.83 -59.81 -19.53
N VAL B 728 -10.90 -59.13 -20.20
CA VAL B 728 -11.19 -57.86 -20.87
C VAL B 728 -10.91 -58.03 -22.36
N GLU B 729 -11.89 -57.67 -23.18
CA GLU B 729 -11.73 -57.78 -24.62
C GLU B 729 -10.78 -56.70 -25.13
N TYR B 730 -10.24 -56.94 -26.32
CA TYR B 730 -9.29 -56.02 -26.94
C TYR B 730 -9.60 -55.93 -28.43
N THR B 731 -9.08 -54.87 -29.06
CA THR B 731 -9.17 -54.71 -30.51
C THR B 731 -7.81 -54.87 -31.16
N MET B 732 -6.82 -54.07 -30.77
CA MET B 732 -5.44 -54.22 -31.20
C MET B 732 -4.62 -54.67 -30.00
N GLU B 733 -3.88 -55.75 -30.17
CA GLU B 733 -3.11 -56.35 -29.08
C GLU B 733 -1.67 -56.56 -29.52
N ALA B 734 -0.77 -56.57 -28.53
CA ALA B 734 0.66 -56.76 -28.79
C ALA B 734 0.99 -58.25 -28.83
N ARG C 12 -17.83 -58.49 -17.41
CA ARG C 12 -17.91 -58.74 -15.97
C ARG C 12 -16.52 -58.95 -15.38
N VAL C 13 -16.03 -57.93 -14.69
CA VAL C 13 -14.69 -57.95 -14.11
C VAL C 13 -14.79 -57.49 -12.66
N HIS C 14 -14.12 -58.20 -11.75
CA HIS C 14 -14.24 -57.99 -10.32
C HIS C 14 -13.05 -57.18 -9.81
N TYR C 15 -13.32 -56.03 -9.20
CA TYR C 15 -12.29 -55.23 -8.58
C TYR C 15 -12.03 -55.68 -7.15
N THR C 16 -10.83 -55.36 -6.67
CA THR C 16 -10.44 -55.61 -5.28
C THR C 16 -9.65 -54.40 -4.79
N VAL C 17 -10.37 -53.44 -4.22
CA VAL C 17 -9.72 -52.22 -3.70
C VAL C 17 -9.27 -52.48 -2.26
N CYS C 18 -8.01 -52.19 -1.99
CA CYS C 18 -7.43 -52.42 -0.67
C CYS C 18 -6.72 -51.15 -0.20
N ILE C 19 -6.91 -50.80 1.07
CA ILE C 19 -6.31 -49.62 1.66
C ILE C 19 -5.83 -49.96 3.06
N TRP C 20 -4.65 -49.45 3.43
CA TRP C 20 -4.16 -49.54 4.79
C TRP C 20 -3.51 -48.22 5.16
N ARG C 21 -2.92 -48.17 6.34
CA ARG C 21 -2.38 -46.92 6.88
C ARG C 21 -1.37 -47.25 7.97
N ASN C 22 -0.12 -46.82 7.79
CA ASN C 22 0.85 -46.96 8.87
C ASN C 22 0.42 -46.14 10.08
N GLY C 23 -0.10 -44.94 9.85
CA GLY C 23 -0.70 -44.18 10.93
C GLY C 23 0.34 -43.58 11.86
N LYS C 24 -0.16 -43.14 13.02
CA LYS C 24 0.60 -42.53 14.10
C LYS C 24 1.09 -41.13 13.78
N VAL C 25 0.88 -40.63 12.55
CA VAL C 25 1.28 -39.28 12.20
C VAL C 25 0.64 -38.87 10.88
N GLY C 26 0.27 -37.60 10.78
CA GLY C 26 -0.18 -37.04 9.52
C GLY C 26 -1.68 -37.08 9.30
N LEU C 27 -2.25 -38.27 9.18
CA LEU C 27 -3.63 -38.38 8.70
C LEU C 27 -4.62 -38.07 9.82
N SER C 28 -4.66 -38.91 10.85
CA SER C 28 -5.57 -38.71 11.97
C SER C 28 -7.00 -38.46 11.48
N GLY C 29 -7.40 -39.19 10.45
CA GLY C 29 -8.73 -38.98 9.88
C GLY C 29 -9.06 -40.05 8.87
N MET C 30 -10.21 -39.87 8.23
CA MET C 30 -10.71 -40.82 7.24
C MET C 30 -10.08 -40.52 5.89
N ALA C 31 -10.54 -41.22 4.85
CA ALA C 31 -9.97 -41.09 3.52
C ALA C 31 -11.07 -41.21 2.47
N ILE C 32 -10.78 -40.67 1.29
CA ILE C 32 -11.67 -40.73 0.13
C ILE C 32 -10.92 -41.43 -0.99
N ALA C 33 -11.53 -42.47 -1.56
CA ALA C 33 -10.94 -43.21 -2.66
C ALA C 33 -11.49 -42.71 -3.98
N ASP C 34 -10.60 -42.52 -4.94
CA ASP C 34 -10.94 -42.02 -6.27
C ASP C 34 -10.63 -43.07 -7.32
N VAL C 35 -10.94 -44.33 -7.02
CA VAL C 35 -10.57 -45.42 -7.90
C VAL C 35 -11.14 -45.16 -9.28
N THR C 36 -10.29 -45.16 -10.30
CA THR C 36 -10.67 -44.93 -11.67
C THR C 36 -10.62 -46.24 -12.43
N LEU C 37 -11.73 -46.61 -13.07
CA LEU C 37 -11.80 -47.87 -13.79
C LEU C 37 -11.00 -47.79 -15.09
N LEU C 38 -10.62 -48.96 -15.59
CA LEU C 38 -9.98 -49.03 -16.89
C LEU C 38 -10.91 -48.44 -17.94
N SER C 39 -10.37 -47.57 -18.78
CA SER C 39 -11.19 -46.88 -19.76
C SER C 39 -11.93 -47.87 -20.64
N GLY C 40 -13.20 -47.58 -20.90
CA GLY C 40 -14.03 -48.41 -21.75
C GLY C 40 -15.21 -49.05 -21.05
N PHE C 41 -15.26 -49.01 -19.72
CA PHE C 41 -16.37 -49.61 -19.00
C PHE C 41 -16.56 -48.95 -17.65
N HIS C 42 -17.72 -49.20 -17.05
CA HIS C 42 -18.14 -48.59 -15.80
C HIS C 42 -18.47 -49.67 -14.79
N ALA C 43 -18.39 -49.30 -13.51
CA ALA C 43 -18.70 -50.23 -12.44
C ALA C 43 -20.17 -50.62 -12.46
N LEU C 44 -20.45 -51.86 -12.07
CA LEU C 44 -21.82 -52.33 -12.00
C LEU C 44 -22.55 -51.65 -10.86
N ARG C 45 -23.85 -51.44 -11.05
CA ARG C 45 -24.64 -50.73 -10.05
C ARG C 45 -24.95 -51.60 -8.85
N ALA C 46 -25.67 -52.70 -9.06
CA ALA C 46 -26.23 -53.45 -7.95
C ALA C 46 -25.16 -53.95 -7.00
N ASP C 47 -24.06 -54.48 -7.54
CA ASP C 47 -23.01 -55.06 -6.68
C ASP C 47 -22.38 -54.01 -5.77
N LEU C 48 -22.58 -52.73 -6.06
CA LEU C 48 -21.91 -51.68 -5.31
C LEU C 48 -22.67 -51.32 -4.03
N GLU C 49 -24.00 -51.23 -4.09
CA GLU C 49 -24.77 -50.86 -2.91
C GLU C 49 -24.59 -51.90 -1.80
N LYS C 50 -24.59 -53.19 -2.16
CA LYS C 50 -24.42 -54.23 -1.15
C LYS C 50 -23.15 -54.05 -0.34
N LEU C 51 -22.15 -53.36 -0.90
CA LEU C 51 -21.01 -52.95 -0.09
C LEU C 51 -21.44 -52.01 1.01
N THR C 52 -22.45 -51.18 0.74
CA THR C 52 -22.97 -50.22 1.72
C THR C 52 -24.10 -50.78 2.57
N SER C 53 -24.91 -51.70 2.02
CA SER C 53 -26.07 -52.19 2.75
C SER C 53 -25.67 -52.87 4.06
N LEU C 54 -24.49 -53.50 4.09
CA LEU C 54 -24.09 -54.27 5.26
C LEU C 54 -23.98 -53.36 6.49
N SER C 55 -24.33 -53.92 7.64
CA SER C 55 -24.19 -53.16 8.89
C SER C 55 -22.74 -52.79 9.15
N ASP C 56 -21.82 -53.72 8.92
CA ASP C 56 -20.39 -53.42 8.98
C ASP C 56 -20.05 -52.66 7.70
N ARG C 57 -20.12 -51.33 7.78
CA ARG C 57 -20.16 -50.47 6.60
C ARG C 57 -18.78 -49.85 6.42
N TYR C 58 -17.86 -50.60 5.78
CA TYR C 58 -16.52 -50.07 5.56
C TYR C 58 -16.54 -48.89 4.59
N VAL C 59 -17.22 -49.02 3.46
CA VAL C 59 -17.15 -47.99 2.43
C VAL C 59 -17.87 -46.73 2.90
N SER C 60 -19.03 -46.88 3.55
CA SER C 60 -19.71 -45.80 4.26
C SER C 60 -20.35 -44.75 3.35
N HIS C 61 -20.06 -44.79 2.05
CA HIS C 61 -20.70 -43.90 1.08
C HIS C 61 -20.10 -44.25 -0.28
N PHE C 62 -20.77 -43.81 -1.34
CA PHE C 62 -20.24 -44.04 -2.67
C PHE C 62 -20.82 -43.01 -3.63
N GLU C 63 -20.17 -42.88 -4.77
CA GLU C 63 -20.78 -42.22 -5.93
C GLU C 63 -20.01 -42.67 -7.16
N THR C 64 -20.64 -43.50 -7.97
CA THR C 64 -20.03 -44.04 -9.18
C THR C 64 -20.75 -43.51 -10.40
N GLU C 65 -20.00 -43.17 -11.44
CA GLU C 65 -20.58 -42.63 -12.66
C GLU C 65 -19.54 -42.69 -13.75
N GLY C 66 -19.84 -43.39 -14.84
CA GLY C 66 -18.87 -43.64 -15.88
C GLY C 66 -17.74 -44.50 -15.36
N PRO C 67 -16.54 -44.34 -15.91
CA PRO C 67 -15.37 -45.08 -15.40
C PRO C 67 -14.81 -44.56 -14.09
N HIS C 68 -15.53 -43.70 -13.38
CA HIS C 68 -15.08 -43.07 -12.15
C HIS C 68 -15.92 -43.56 -10.99
N VAL C 69 -15.27 -44.02 -9.93
CA VAL C 69 -15.93 -44.47 -8.72
C VAL C 69 -15.34 -43.73 -7.53
N LEU C 70 -16.20 -43.14 -6.71
CA LEU C 70 -15.79 -42.40 -5.53
C LEU C 70 -16.29 -43.13 -4.29
N LEU C 71 -15.38 -43.41 -3.36
CA LEU C 71 -15.72 -44.05 -2.10
C LEU C 71 -15.21 -43.19 -0.97
N TYR C 72 -15.90 -43.22 0.16
CA TYR C 72 -15.54 -42.44 1.34
C TYR C 72 -15.35 -43.41 2.51
N PHE C 73 -14.15 -43.96 2.62
CA PHE C 73 -13.84 -44.93 3.68
C PHE C 73 -13.83 -44.20 5.01
N ASP C 74 -14.90 -44.35 5.78
CA ASP C 74 -15.04 -43.59 7.03
C ASP C 74 -13.94 -43.93 8.02
N SER C 75 -13.39 -45.14 7.96
CA SER C 75 -12.32 -45.55 8.85
C SER C 75 -11.24 -46.28 8.06
N VAL C 76 -9.99 -46.04 8.42
CA VAL C 76 -8.84 -46.68 7.78
C VAL C 76 -8.00 -47.35 8.87
N PRO C 77 -8.00 -48.68 8.95
CA PRO C 77 -7.25 -49.35 10.03
C PRO C 77 -5.78 -49.51 9.71
N THR C 78 -4.99 -49.92 10.70
CA THR C 78 -3.56 -50.12 10.47
C THR C 78 -3.31 -51.29 9.53
N SER C 79 -4.12 -52.35 9.64
CA SER C 79 -3.93 -53.53 8.81
C SER C 79 -4.41 -53.26 7.39
N ARG C 80 -4.43 -54.32 6.58
CA ARG C 80 -4.84 -54.23 5.18
C ARG C 80 -6.20 -54.90 5.03
N GLU C 81 -7.18 -54.13 4.55
CA GLU C 81 -8.50 -54.64 4.22
C GLU C 81 -8.71 -54.53 2.71
N CYS C 82 -9.74 -55.21 2.22
CA CYS C 82 -10.03 -55.25 0.79
C CYS C 82 -11.53 -55.30 0.59
N VAL C 83 -12.06 -54.38 -0.20
CA VAL C 83 -13.47 -54.35 -0.59
C VAL C 83 -13.53 -54.29 -2.11
N GLY C 84 -14.33 -55.17 -2.71
CA GLY C 84 -14.35 -55.32 -4.15
C GLY C 84 -15.76 -55.25 -4.71
N PHE C 85 -15.82 -55.13 -6.03
CA PHE C 85 -17.08 -55.08 -6.75
C PHE C 85 -16.84 -55.43 -8.21
N GLU C 86 -17.92 -55.70 -8.94
CA GLU C 86 -17.82 -56.07 -10.34
C GLU C 86 -18.11 -54.85 -11.22
N ALA C 87 -17.74 -54.97 -12.49
CA ALA C 87 -17.91 -53.90 -13.47
C ALA C 87 -18.53 -54.46 -14.74
N VAL C 88 -19.36 -53.64 -15.39
CA VAL C 88 -20.07 -54.00 -16.61
C VAL C 88 -19.40 -53.29 -17.78
N GLN C 89 -19.18 -54.01 -18.87
CA GLN C 89 -18.48 -53.50 -20.02
C GLN C 89 -19.43 -53.24 -21.17
N GLU C 90 -19.14 -52.20 -21.94
CA GLU C 90 -19.99 -51.77 -23.05
C GLU C 90 -19.23 -51.42 -24.32
N VAL C 91 -17.92 -51.25 -24.28
CA VAL C 91 -17.12 -50.95 -25.46
C VAL C 91 -15.75 -51.59 -25.30
N PRO C 92 -15.20 -52.24 -26.32
CA PRO C 92 -13.85 -52.80 -26.17
C PRO C 92 -12.84 -51.72 -25.83
N VAL C 93 -11.90 -52.05 -24.94
CA VAL C 93 -10.88 -51.10 -24.56
C VAL C 93 -9.98 -50.82 -25.76
N GLY C 94 -9.82 -49.54 -26.08
CA GLY C 94 -9.15 -49.17 -27.31
C GLY C 94 -7.70 -49.63 -27.37
N LEU C 95 -6.97 -49.47 -26.26
CA LEU C 95 -5.56 -49.81 -26.24
C LEU C 95 -5.17 -50.26 -24.85
N VAL C 96 -4.09 -51.02 -24.78
CA VAL C 96 -3.59 -51.55 -23.51
C VAL C 96 -2.79 -50.46 -22.81
N GLN C 97 -3.10 -50.20 -21.55
CA GLN C 97 -2.40 -49.20 -20.77
C GLN C 97 -2.73 -49.37 -19.29
N PRO C 98 -1.88 -48.88 -18.39
CA PRO C 98 -2.22 -48.94 -16.97
C PRO C 98 -3.17 -47.84 -16.56
N ALA C 99 -4.10 -48.17 -15.68
CA ALA C 99 -5.02 -47.19 -15.13
C ALA C 99 -4.40 -46.58 -13.88
N SER C 100 -5.19 -45.82 -13.12
CA SER C 100 -4.69 -45.17 -11.93
C SER C 100 -5.80 -45.04 -10.89
N ALA C 101 -5.40 -44.83 -9.65
CA ALA C 101 -6.33 -44.58 -8.56
C ALA C 101 -5.61 -43.76 -7.52
N THR C 102 -6.36 -42.96 -6.77
CA THR C 102 -5.80 -42.08 -5.76
C THR C 102 -6.64 -42.15 -4.49
N LEU C 103 -5.99 -41.84 -3.37
CA LEU C 103 -6.63 -41.80 -2.06
C LEU C 103 -6.33 -40.45 -1.43
N TYR C 104 -7.36 -39.79 -0.93
CA TYR C 104 -7.22 -38.45 -0.37
C TYR C 104 -7.51 -38.48 1.12
N ASP C 105 -6.92 -37.53 1.84
CA ASP C 105 -7.23 -37.30 3.24
C ASP C 105 -8.42 -36.35 3.35
N TYR C 106 -9.36 -36.69 4.22
CA TYR C 106 -10.59 -35.92 4.32
C TYR C 106 -10.33 -34.51 4.83
N TYR C 107 -9.49 -34.36 5.84
CA TYR C 107 -9.23 -33.07 6.46
C TYR C 107 -8.07 -32.33 5.83
N ASN C 108 -7.42 -32.92 4.83
CA ASN C 108 -6.33 -32.25 4.13
C ASN C 108 -6.10 -32.96 2.81
N PRO C 109 -6.97 -32.75 1.81
CA PRO C 109 -6.91 -33.56 0.59
C PRO C 109 -5.59 -33.45 -0.16
N GLU C 110 -4.71 -32.55 0.27
CA GLU C 110 -3.41 -32.45 -0.39
C GLU C 110 -2.58 -33.71 -0.19
N ARG C 111 -2.78 -34.41 0.93
CA ARG C 111 -2.02 -35.62 1.21
C ARG C 111 -2.54 -36.77 0.36
N ARG C 112 -2.39 -36.65 -0.96
CA ARG C 112 -2.88 -37.67 -1.86
C ARG C 112 -2.07 -38.96 -1.69
N CYS C 113 -2.50 -39.99 -2.40
CA CYS C 113 -1.72 -41.22 -2.53
C CYS C 113 -2.02 -41.81 -3.90
N SER C 114 -1.21 -41.45 -4.88
CA SER C 114 -1.42 -41.89 -6.25
C SER C 114 -0.78 -43.26 -6.44
N VAL C 115 -1.47 -44.13 -7.17
CA VAL C 115 -0.96 -45.45 -7.52
C VAL C 115 -1.45 -45.78 -8.92
N PHE C 116 -1.00 -46.93 -9.41
CA PHE C 116 -1.40 -47.42 -10.72
C PHE C 116 -1.73 -48.90 -10.63
N TYR C 117 -2.60 -49.34 -11.55
CA TYR C 117 -2.98 -50.74 -11.63
C TYR C 117 -3.29 -51.06 -13.09
N GLY C 118 -2.75 -52.16 -13.59
CA GLY C 118 -2.96 -52.55 -14.96
C GLY C 118 -4.09 -53.53 -15.11
N ALA C 119 -4.30 -53.97 -16.35
CA ALA C 119 -5.23 -55.03 -16.63
C ALA C 119 -4.71 -56.34 -16.03
N PRO C 120 -5.59 -57.33 -15.85
CA PRO C 120 -5.16 -58.54 -15.13
C PRO C 120 -3.91 -59.20 -15.72
N SER C 121 -3.76 -59.18 -17.04
CA SER C 121 -2.64 -59.82 -17.71
C SER C 121 -1.58 -58.81 -18.17
N LYS C 122 -1.58 -57.61 -17.62
CA LYS C 122 -0.61 -56.57 -17.96
C LYS C 122 0.19 -56.18 -16.71
N SER C 123 1.01 -55.15 -16.87
CA SER C 123 1.92 -54.70 -15.82
C SER C 123 1.54 -53.29 -15.36
N ARG C 124 1.94 -52.98 -14.13
CA ARG C 124 1.58 -51.68 -13.54
C ARG C 124 2.20 -50.52 -14.32
N LEU C 125 3.47 -50.63 -14.67
CA LEU C 125 4.21 -49.54 -15.29
C LEU C 125 4.52 -49.85 -16.74
N LEU C 126 4.70 -48.79 -17.52
CA LEU C 126 5.03 -48.95 -18.93
C LEU C 126 6.39 -49.61 -19.11
N ALA C 127 6.53 -50.37 -20.18
CA ALA C 127 7.80 -51.01 -20.52
C ALA C 127 8.78 -49.93 -20.95
N THR C 128 9.72 -49.59 -20.07
CA THR C 128 10.71 -48.55 -20.34
C THR C 128 12.04 -48.98 -19.74
N LEU C 129 13.00 -49.34 -20.59
CA LEU C 129 14.33 -49.67 -20.12
C LEU C 129 15.09 -48.38 -19.82
N CYS C 130 15.65 -48.28 -18.63
CA CYS C 130 16.33 -47.08 -18.16
C CYS C 130 17.76 -47.42 -17.76
N SER C 131 18.71 -46.62 -18.26
CA SER C 131 20.10 -46.75 -17.89
C SER C 131 20.38 -45.83 -16.70
N ALA C 132 21.67 -45.62 -16.39
CA ALA C 132 22.03 -44.75 -15.28
C ALA C 132 21.57 -43.32 -15.53
N GLU C 133 21.68 -42.84 -16.77
CA GLU C 133 21.39 -41.46 -17.12
C GLU C 133 20.29 -41.28 -18.15
N VAL C 134 20.13 -42.23 -19.07
CA VAL C 134 19.16 -42.11 -20.16
C VAL C 134 18.23 -43.31 -20.13
N CYS C 135 16.96 -43.07 -20.42
CA CYS C 135 15.94 -44.10 -20.47
C CYS C 135 15.11 -43.95 -21.74
N GLN C 136 14.76 -45.08 -22.35
CA GLN C 136 13.97 -45.11 -23.56
C GLN C 136 12.85 -46.13 -23.42
N CYS C 137 11.86 -46.03 -24.29
CA CYS C 137 10.69 -46.89 -24.26
C CYS C 137 10.80 -48.00 -25.28
N ALA C 138 10.15 -49.13 -24.99
CA ALA C 138 10.05 -50.27 -25.89
C ALA C 138 8.58 -50.61 -26.14
N GLU C 139 7.73 -49.59 -26.14
CA GLU C 139 6.29 -49.78 -26.28
C GLU C 139 5.96 -49.99 -27.75
N GLY C 140 5.65 -51.24 -28.10
CA GLY C 140 5.32 -51.55 -29.48
C GLY C 140 5.13 -53.05 -29.64
N LYS C 141 4.89 -53.45 -30.89
CA LYS C 141 4.67 -54.85 -31.20
C LYS C 141 6.01 -55.57 -31.42
N VAL D 2 5.79 5.91 -38.22
CA VAL D 2 5.55 4.48 -38.17
C VAL D 2 5.16 3.99 -39.56
N GLN D 3 6.00 4.32 -40.54
CA GLN D 3 5.72 3.93 -41.92
C GLN D 3 5.70 2.41 -42.05
N LEU D 4 4.72 1.91 -42.80
CA LEU D 4 4.57 0.48 -43.07
C LEU D 4 4.50 0.30 -44.58
N VAL D 5 5.66 0.17 -45.22
CA VAL D 5 5.72 -0.02 -46.66
C VAL D 5 5.50 -1.49 -46.98
N GLU D 6 4.57 -1.77 -47.89
CA GLU D 6 4.23 -3.13 -48.27
C GLU D 6 4.30 -3.27 -49.78
N SER D 7 4.65 -4.47 -50.24
CA SER D 7 4.81 -4.74 -51.66
C SER D 7 4.64 -6.23 -51.90
N GLY D 8 4.70 -6.63 -53.17
CA GLY D 8 4.62 -8.01 -53.54
C GLY D 8 3.26 -8.48 -54.03
N GLY D 9 2.35 -7.57 -54.34
CA GLY D 9 1.03 -7.95 -54.79
C GLY D 9 0.98 -8.40 -56.23
N GLY D 10 -0.07 -8.04 -56.94
CA GLY D 10 -0.22 -8.41 -58.34
C GLY D 10 -1.15 -9.58 -58.55
N LEU D 11 -1.91 -9.55 -59.63
CA LEU D 11 -2.83 -10.63 -59.94
C LEU D 11 -2.06 -11.92 -60.19
N VAL D 12 -2.60 -13.03 -59.72
CA VAL D 12 -1.96 -14.34 -59.87
C VAL D 12 -3.04 -15.40 -60.06
N GLN D 13 -2.75 -16.37 -60.92
CA GLN D 13 -3.66 -17.47 -61.14
C GLN D 13 -3.76 -18.28 -59.84
N PRO D 14 -4.94 -18.84 -59.49
CA PRO D 14 -5.00 -19.61 -58.23
C PRO D 14 -4.00 -20.75 -58.20
N GLY D 15 -3.39 -20.97 -57.04
CA GLY D 15 -2.29 -21.90 -56.91
C GLY D 15 -0.93 -21.29 -57.14
N GLY D 16 -0.86 -19.99 -57.42
CA GLY D 16 0.42 -19.36 -57.71
C GLY D 16 1.31 -19.16 -56.50
N SER D 17 0.75 -19.21 -55.30
CA SER D 17 1.52 -19.08 -54.07
C SER D 17 2.24 -17.73 -54.03
N LEU D 18 1.45 -16.67 -54.14
CA LEU D 18 2.02 -15.32 -54.10
C LEU D 18 2.48 -14.98 -52.68
N ARG D 19 3.49 -14.11 -52.62
CA ARG D 19 4.13 -13.74 -51.37
C ARG D 19 4.00 -12.24 -51.17
N LEU D 20 3.60 -11.83 -49.97
CA LEU D 20 3.46 -10.42 -49.60
C LEU D 20 4.41 -10.11 -48.45
N SER D 21 5.08 -8.97 -48.54
CA SER D 21 6.06 -8.55 -47.54
C SER D 21 5.91 -7.06 -47.29
N CYS D 22 6.01 -6.67 -46.02
CA CYS D 22 6.02 -5.26 -45.65
C CYS D 22 7.05 -5.04 -44.56
N ALA D 23 7.81 -3.95 -44.69
CA ALA D 23 8.84 -3.58 -43.73
C ALA D 23 8.41 -2.32 -43.00
N ALA D 24 8.70 -2.26 -41.72
CA ALA D 24 8.30 -1.15 -40.87
C ALA D 24 9.51 -0.42 -40.33
N SER D 25 9.29 0.82 -39.88
CA SER D 25 10.37 1.65 -39.37
C SER D 25 9.79 2.68 -38.42
N GLY D 26 10.69 3.34 -37.68
CA GLY D 26 10.30 4.35 -36.73
C GLY D 26 9.97 3.84 -35.35
N PHE D 27 10.16 2.55 -35.08
CA PHE D 27 9.82 1.98 -33.80
C PHE D 27 10.58 0.67 -33.61
N THR D 28 10.59 0.18 -32.37
CA THR D 28 11.24 -1.08 -32.08
C THR D 28 10.35 -2.23 -32.53
N PHE D 29 10.78 -2.94 -33.57
CA PHE D 29 9.98 -3.98 -34.19
C PHE D 29 9.82 -5.21 -33.29
N SER D 30 10.83 -5.53 -32.49
CA SER D 30 10.78 -6.73 -31.66
C SER D 30 9.90 -6.56 -30.43
N SER D 31 9.36 -5.37 -30.20
CA SER D 31 8.53 -5.10 -29.03
C SER D 31 7.05 -4.96 -29.36
N TYR D 32 6.68 -5.02 -30.64
CA TYR D 32 5.31 -4.76 -31.06
C TYR D 32 4.79 -5.95 -31.87
N HIS D 33 3.53 -6.30 -31.63
CA HIS D 33 2.90 -7.39 -32.36
C HIS D 33 2.46 -6.93 -33.75
N MET D 34 2.71 -7.78 -34.75
CA MET D 34 2.40 -7.47 -36.13
C MET D 34 1.34 -8.43 -36.63
N SER D 35 0.55 -7.97 -37.61
CA SER D 35 -0.57 -8.74 -38.12
C SER D 35 -0.78 -8.46 -39.60
N TRP D 36 -1.59 -9.30 -40.22
CA TRP D 36 -2.10 -9.06 -41.56
C TRP D 36 -3.61 -8.92 -41.48
N VAL D 37 -4.17 -8.08 -42.34
CA VAL D 37 -5.61 -7.86 -42.39
C VAL D 37 -6.06 -7.87 -43.85
N ARG D 38 -7.09 -8.65 -44.14
CA ARG D 38 -7.74 -8.62 -45.44
C ARG D 38 -8.91 -7.65 -45.40
N GLN D 39 -9.10 -6.92 -46.49
CA GLN D 39 -10.19 -5.96 -46.62
C GLN D 39 -10.93 -6.26 -47.92
N ALA D 40 -11.98 -7.06 -47.82
CA ALA D 40 -12.78 -7.36 -49.00
C ALA D 40 -13.45 -6.09 -49.51
N PRO D 41 -13.70 -6.00 -50.82
CA PRO D 41 -14.28 -4.74 -51.35
C PRO D 41 -15.59 -4.36 -50.70
N GLY D 42 -16.43 -5.34 -50.36
CA GLY D 42 -17.75 -5.03 -49.82
C GLY D 42 -17.93 -5.34 -48.35
N LYS D 43 -17.00 -6.08 -47.77
CA LYS D 43 -17.07 -6.49 -46.36
C LYS D 43 -16.17 -5.58 -45.52
N GLY D 44 -16.05 -5.93 -44.25
CA GLY D 44 -15.22 -5.19 -43.32
C GLY D 44 -13.83 -5.76 -43.20
N LEU D 45 -13.21 -5.51 -42.06
CA LEU D 45 -11.87 -5.98 -41.77
C LEU D 45 -11.94 -7.22 -40.90
N GLU D 46 -11.39 -8.33 -41.41
CA GLU D 46 -11.19 -9.54 -40.61
C GLU D 46 -9.71 -9.87 -40.71
N TRP D 47 -9.04 -9.91 -39.58
CA TRP D 47 -7.58 -9.91 -39.57
C TRP D 47 -7.02 -11.32 -39.47
N ILE D 48 -6.19 -11.68 -40.45
CA ILE D 48 -5.86 -13.08 -40.70
C ILE D 48 -5.02 -13.64 -39.58
N SER D 49 -3.80 -13.14 -39.43
CA SER D 49 -2.80 -13.76 -38.58
C SER D 49 -2.05 -12.68 -37.81
N VAL D 50 -1.54 -13.08 -36.65
CA VAL D 50 -0.73 -12.20 -35.83
C VAL D 50 0.49 -12.98 -35.33
N ILE D 51 1.65 -12.66 -35.87
CA ILE D 51 2.88 -13.30 -35.41
C ILE D 51 3.30 -12.68 -34.10
N ASN D 52 3.69 -13.55 -33.16
CA ASN D 52 3.97 -13.12 -31.80
C ASN D 52 5.08 -12.08 -31.77
N ASP D 53 5.21 -11.40 -30.64
CA ASP D 53 6.28 -10.43 -30.46
C ASP D 53 7.64 -11.05 -30.78
N SER D 54 7.92 -12.21 -30.18
CA SER D 54 9.20 -12.89 -30.41
C SER D 54 9.25 -13.55 -31.78
N GLY D 55 8.13 -14.03 -32.29
CA GLY D 55 8.07 -14.64 -33.60
C GLY D 55 7.73 -16.11 -33.63
N ASP D 56 7.41 -16.72 -32.48
CA ASP D 56 7.11 -18.14 -32.41
C ASP D 56 5.62 -18.44 -32.54
N LEU D 57 4.79 -17.83 -31.71
CA LEU D 57 3.37 -18.10 -31.72
C LEU D 57 2.69 -17.34 -32.85
N THR D 58 1.78 -18.01 -33.56
CA THR D 58 1.05 -17.39 -34.66
C THR D 58 -0.36 -17.95 -34.69
N ARG D 59 -1.28 -17.16 -35.23
CA ARG D 59 -2.67 -17.54 -35.36
C ARG D 59 -3.09 -17.40 -36.82
N TYR D 60 -4.13 -18.12 -37.19
CA TYR D 60 -4.68 -18.03 -38.53
C TYR D 60 -6.20 -18.13 -38.49
N ALA D 61 -6.85 -17.34 -39.32
CA ALA D 61 -8.30 -17.44 -39.44
C ALA D 61 -8.67 -18.80 -40.02
N ASP D 62 -9.81 -19.33 -39.59
CA ASP D 62 -10.21 -20.66 -40.03
C ASP D 62 -10.32 -20.73 -41.55
N SER D 63 -10.55 -19.60 -42.21
CA SER D 63 -10.67 -19.61 -43.67
C SER D 63 -9.32 -19.76 -44.36
N VAL D 64 -8.21 -19.66 -43.63
CA VAL D 64 -6.89 -19.72 -44.24
C VAL D 64 -5.98 -20.66 -43.46
N LYS D 65 -6.51 -21.28 -42.41
CA LYS D 65 -5.68 -22.12 -41.55
C LYS D 65 -4.86 -23.11 -42.37
N GLY D 66 -3.55 -22.98 -42.32
CA GLY D 66 -2.67 -23.83 -43.08
C GLY D 66 -2.42 -23.33 -44.49
N ARG D 67 -3.46 -22.78 -45.12
CA ARG D 67 -3.33 -22.31 -46.49
C ARG D 67 -2.30 -21.19 -46.58
N PHE D 68 -2.37 -20.22 -45.67
CA PHE D 68 -1.42 -19.13 -45.63
C PHE D 68 -0.39 -19.37 -44.53
N THR D 69 0.73 -18.66 -44.62
CA THR D 69 1.82 -18.83 -43.67
C THR D 69 2.49 -17.50 -43.43
N ILE D 70 2.54 -17.08 -42.16
CA ILE D 70 3.16 -15.83 -41.77
C ILE D 70 4.58 -16.11 -41.29
N SER D 71 5.41 -15.07 -41.30
CA SER D 71 6.77 -15.16 -40.80
C SER D 71 7.32 -13.75 -40.61
N ARG D 72 8.22 -13.61 -39.65
CA ARG D 72 8.87 -12.34 -39.38
C ARG D 72 10.34 -12.59 -39.06
N ASP D 73 11.13 -11.53 -39.18
CA ASP D 73 12.52 -11.54 -38.73
C ASP D 73 12.89 -10.15 -38.24
N ASN D 74 13.23 -10.06 -36.96
CA ASN D 74 13.49 -8.76 -36.34
C ASN D 74 14.72 -8.09 -36.94
N ALA D 75 15.72 -8.86 -37.37
CA ALA D 75 16.96 -8.27 -37.83
C ALA D 75 16.72 -7.31 -38.99
N LYS D 76 15.94 -7.74 -39.98
CA LYS D 76 15.67 -6.93 -41.16
C LYS D 76 14.43 -6.06 -41.01
N ASN D 77 13.70 -6.18 -39.89
CA ASN D 77 12.46 -5.44 -39.70
C ASN D 77 11.51 -5.66 -40.86
N THR D 78 11.45 -6.91 -41.31
CA THR D 78 10.60 -7.30 -42.43
C THR D 78 9.71 -8.47 -42.01
N LEU D 79 8.49 -8.47 -42.51
CA LEU D 79 7.49 -9.46 -42.16
C LEU D 79 6.82 -9.98 -43.42
N TYR D 80 6.59 -11.29 -43.48
CA TYR D 80 6.22 -11.96 -44.71
C TYR D 80 4.92 -12.74 -44.53
N LEU D 81 4.29 -13.04 -45.66
CA LEU D 81 3.08 -13.87 -45.68
C LEU D 81 3.05 -14.63 -46.99
N GLN D 82 2.93 -15.95 -46.92
CA GLN D 82 2.93 -16.81 -48.10
C GLN D 82 1.55 -17.45 -48.26
N MET D 83 0.93 -17.21 -49.41
CA MET D 83 -0.43 -17.68 -49.68
C MET D 83 -0.41 -18.93 -50.55
N ASN D 84 -0.08 -20.06 -49.91
CA ASN D 84 -0.08 -21.33 -50.63
C ASN D 84 -1.47 -21.66 -51.13
N SER D 85 -1.56 -22.11 -52.38
CA SER D 85 -2.82 -22.53 -52.99
C SER D 85 -3.86 -21.43 -52.88
N LEU D 86 -3.57 -20.29 -53.51
CA LEU D 86 -4.47 -19.14 -53.45
C LEU D 86 -5.84 -19.49 -54.01
N GLN D 87 -6.90 -19.18 -53.24
CA GLN D 87 -8.27 -19.45 -53.64
C GLN D 87 -8.88 -18.17 -54.21
N PRO D 88 -9.51 -18.21 -55.38
CA PRO D 88 -9.97 -16.97 -56.02
C PRO D 88 -10.91 -16.11 -55.17
N GLU D 89 -11.36 -16.58 -54.01
CA GLU D 89 -12.11 -15.73 -53.10
C GLU D 89 -11.20 -14.92 -52.18
N ASP D 90 -9.90 -15.21 -52.16
CA ASP D 90 -8.98 -14.44 -51.32
C ASP D 90 -8.70 -13.07 -51.91
N THR D 91 -9.11 -12.84 -53.16
CA THR D 91 -8.85 -11.56 -53.82
C THR D 91 -9.32 -10.41 -52.94
N ALA D 92 -8.39 -9.59 -52.48
CA ALA D 92 -8.69 -8.45 -51.63
C ALA D 92 -7.42 -7.64 -51.47
N VAL D 93 -7.49 -6.59 -50.65
CA VAL D 93 -6.35 -5.73 -50.36
C VAL D 93 -5.88 -6.07 -48.95
N TYR D 94 -4.65 -6.58 -48.85
CA TYR D 94 -4.07 -6.97 -47.58
C TYR D 94 -3.10 -5.88 -47.12
N SER D 95 -3.24 -5.45 -45.88
CA SER D 95 -2.41 -4.38 -45.33
C SER D 95 -1.95 -4.78 -43.94
N CYS D 96 -0.65 -5.06 -43.81
CA CYS D 96 -0.13 -5.48 -42.51
C CYS D 96 -0.41 -4.39 -41.47
N LEU D 97 -0.77 -4.84 -40.28
CA LEU D 97 -1.26 -3.96 -39.23
C LEU D 97 -0.34 -4.02 -38.03
N LYS D 98 -0.29 -2.92 -37.29
CA LYS D 98 0.46 -2.82 -36.04
C LYS D 98 -0.51 -2.75 -34.89
N SER D 99 -0.20 -3.48 -33.81
CA SER D 99 -1.08 -3.53 -32.66
C SER D 99 -0.25 -3.92 -31.44
N SER D 100 -0.94 -4.16 -30.33
CA SER D 100 -0.29 -4.59 -29.10
C SER D 100 -1.11 -5.70 -28.46
N ASP D 101 -0.40 -6.57 -27.74
CA ASP D 101 -0.96 -7.62 -26.89
C ASP D 101 -1.53 -8.78 -27.71
N PHE D 102 -1.31 -8.82 -29.02
CA PHE D 102 -1.36 -10.06 -29.79
C PHE D 102 -2.76 -10.61 -29.98
N TYR D 103 -3.78 -10.02 -29.33
CA TYR D 103 -5.13 -10.54 -29.41
C TYR D 103 -6.15 -9.54 -29.94
N SER D 104 -5.90 -8.24 -29.79
CA SER D 104 -6.86 -7.22 -30.18
C SER D 104 -6.15 -6.12 -30.95
N TYR D 105 -6.79 -5.65 -32.03
CA TYR D 105 -6.26 -4.55 -32.83
C TYR D 105 -7.26 -3.40 -32.82
N SER D 106 -6.80 -2.23 -32.41
CA SER D 106 -7.65 -1.06 -32.42
C SER D 106 -7.94 -0.63 -33.85
N ASN D 107 -9.03 0.12 -34.03
CA ASN D 107 -9.53 0.40 -35.36
C ASN D 107 -8.45 1.05 -36.23
N ALA D 108 -7.86 2.13 -35.74
CA ALA D 108 -6.91 2.93 -36.51
C ALA D 108 -5.70 3.29 -35.66
N ASP D 109 -5.18 2.32 -34.91
CA ASP D 109 -3.95 2.55 -34.15
C ASP D 109 -2.80 2.87 -35.09
N SER D 110 -2.45 1.92 -35.96
CA SER D 110 -1.39 2.14 -36.94
C SER D 110 -1.53 1.08 -38.03
N ARG D 111 -2.10 1.48 -39.16
CA ARG D 111 -2.37 0.58 -40.27
C ARG D 111 -1.57 0.99 -41.49
N GLY D 112 -1.16 0.01 -42.28
CA GLY D 112 -0.41 0.26 -43.50
C GLY D 112 -1.35 0.54 -44.67
N GLN D 113 -0.75 0.56 -45.86
CA GLN D 113 -1.50 0.80 -47.09
C GLN D 113 -2.01 -0.49 -47.71
N GLY D 114 -1.13 -1.47 -47.89
CA GLY D 114 -1.51 -2.75 -48.44
C GLY D 114 -1.58 -2.73 -49.96
N THR D 115 -1.68 -3.93 -50.52
CA THR D 115 -1.74 -4.13 -51.97
C THR D 115 -2.96 -4.96 -52.31
N GLN D 116 -3.63 -4.58 -53.41
CA GLN D 116 -4.86 -5.25 -53.83
C GLN D 116 -4.50 -6.48 -54.65
N VAL D 117 -4.46 -7.63 -53.98
CA VAL D 117 -4.24 -8.88 -54.68
C VAL D 117 -5.51 -9.25 -55.46
N THR D 118 -5.32 -9.83 -56.64
CA THR D 118 -6.43 -10.16 -57.52
C THR D 118 -6.20 -11.54 -58.10
N VAL D 119 -7.29 -12.16 -58.56
CA VAL D 119 -7.26 -13.50 -59.13
C VAL D 119 -8.09 -13.52 -60.41
N SER D 120 -7.58 -14.17 -61.44
CA SER D 120 -8.29 -14.28 -62.70
C SER D 120 -9.42 -15.30 -62.60
C1 NAG E . 4.21 4.39 2.20
C2 NAG E . 2.83 3.85 2.59
C3 NAG E . 2.70 3.82 4.10
C4 NAG E . 3.87 3.07 4.73
C5 NAG E . 5.20 3.58 4.21
C6 NAG E . 6.38 2.74 4.65
C7 NAG E . 0.64 4.16 1.49
C8 NAG E . 0.47 2.67 1.54
N2 NAG E . 1.77 4.66 2.00
O3 NAG E . 1.47 3.20 4.47
O4 NAG E . 3.84 3.26 6.14
O5 NAG E . 5.21 3.58 2.77
O6 NAG E . 6.64 2.92 6.04
O7 NAG E . -0.23 4.89 1.01
H2 NAG E . 2.79 2.93 2.26
H3 NAG E . 2.70 4.74 4.44
H4 NAG E . 3.77 2.12 4.52
H5 NAG E . 5.33 4.50 4.51
H61 NAG E . 7.17 3.01 4.14
H62 NAG E . 6.18 1.81 4.47
H81 NAG E . -0.41 2.44 1.21
H82 NAG E . 0.56 2.36 2.46
H83 NAG E . 1.15 2.26 0.98
HN2 NAG E . 1.89 5.56 1.98
HO3 NAG E . 1.03 3.71 5.04
HO6 NAG E . 6.68 3.78 6.23
C1 NAG E . 4.00 2.05 6.92
C2 NAG E . 2.60 1.59 7.33
C3 NAG E . 2.67 0.30 8.13
C4 NAG E . 3.46 -0.75 7.37
C5 NAG E . 4.83 -0.20 6.98
C6 NAG E . 5.65 -1.15 6.15
C7 NAG E . 2.46 3.20 9.19
C8 NAG E . 1.63 4.26 9.86
N2 NAG E . 1.92 2.63 8.10
O3 NAG E . 1.36 -0.18 8.40
O4 NAG E . 3.63 -1.91 8.18
O5 NAG E . 4.67 0.99 6.21
O6 NAG E . 7.04 -0.89 6.27
O7 NAG E . 3.57 2.88 9.60
H2 NAG E . 2.08 1.42 6.52
H3 NAG E . 3.12 0.47 8.99
H4 NAG E . 2.98 -1.00 6.56
H5 NAG E . 5.32 0.02 7.80
H61 NAG E . 5.38 -1.08 5.22
H62 NAG E . 5.48 -2.07 6.45
H81 NAG E . 2.08 4.55 10.67
H82 NAG E . 0.75 3.89 10.07
H83 NAG E . 1.53 5.02 9.25
HN2 NAG E . 1.10 2.91 7.83
HO3 NAG E . 1.17 -0.85 7.86
HO4 NAG E . 3.76 -2.62 7.66
HO6 NAG E . 7.50 -1.55 5.91
C1 NAG F . -28.06 -41.37 -24.52
C2 NAG F . -29.49 -41.33 -25.08
C3 NAG F . -30.51 -41.56 -23.97
C4 NAG F . -30.19 -42.85 -23.21
C5 NAG F . -28.75 -42.81 -22.71
C6 NAG F . -28.31 -44.09 -22.04
C7 NAG F . -30.84 -39.87 -26.54
C8 NAG F . -30.95 -38.52 -27.16
N2 NAG F . -29.76 -40.07 -25.76
O3 NAG F . -31.82 -41.66 -24.53
O4 NAG F . -31.07 -42.98 -22.10
O5 NAG F . -27.85 -42.60 -23.83
O6 NAG F . -29.09 -44.34 -20.88
O7 NAG F . -31.66 -40.76 -26.74
H2 NAG F . -29.60 -42.07 -25.72
H3 NAG F . -30.48 -40.81 -23.36
H4 NAG F . -30.30 -43.61 -23.81
H5 NAG F . -28.65 -42.07 -22.09
H61 NAG F . -27.38 -44.02 -21.80
H62 NAG F . -28.43 -44.83 -22.67
H81 NAG F . -31.75 -38.47 -27.71
H82 NAG F . -30.17 -38.34 -27.71
H83 NAG F . -31.00 -37.84 -26.45
HN2 NAG F . -29.17 -39.39 -25.65
HO3 NAG F . -31.81 -42.20 -25.23
HO4 NAG F . -30.60 -43.24 -21.38
HO6 NAG F . -29.09 -45.22 -20.71
C1 NAG G . 28.94 3.88 0.09
C2 NAG G . 29.20 4.89 -1.03
C3 NAG G . 30.19 5.95 -0.57
C4 NAG G . 29.71 6.60 0.73
C5 NAG G . 29.44 5.52 1.77
C6 NAG G . 28.86 6.07 3.05
C7 NAG G . 29.68 4.78 -3.44
C8 NAG G . 30.23 3.94 -4.55
N2 NAG G . 29.69 4.21 -2.22
O3 NAG G . 30.33 6.95 -1.58
O4 NAG G . 30.70 7.49 1.22
O5 NAG G . 28.49 4.57 1.26
O6 NAG G . 27.43 6.08 3.01
O7 NAG G . 29.24 5.91 -3.63
H2 NAG G . 28.35 5.33 -1.25
H3 NAG G . 31.06 5.53 -0.42
H4 NAG G . 28.89 7.09 0.55
H5 NAG G . 30.27 5.06 1.98
H61 NAG G . 29.17 6.99 3.17
H62 NAG G . 29.15 5.53 3.81
H81 NAG G . 30.17 4.43 -5.39
H82 NAG G . 29.72 3.11 -4.62
H83 NAG G . 31.16 3.73 -4.37
HN2 NAG G . 30.04 3.37 -2.14
HO3 NAG G . 29.56 7.04 -2.00
HO4 NAG G . 30.31 8.23 1.51
HO6 NAG G . 27.12 5.46 3.57
C1 NAG H . 11.09 -46.62 2.09
C2 NAG H . 12.31 -47.50 1.71
C3 NAG H . 13.54 -46.65 1.42
C4 NAG H . 13.27 -45.19 1.73
C5 NAG H . 12.70 -45.07 3.14
C6 NAG H . 12.45 -43.64 3.56
C7 NAG H . 11.71 -49.40 3.14
C8 NAG H . 12.17 -50.31 4.25
N2 NAG H . 12.58 -48.46 2.76
O3 NAG H . 13.89 -46.79 0.04
O4 NAG H . 14.48 -44.45 1.66
O5 NAG H . 11.43 -45.74 3.20
O6 NAG H . 12.04 -42.84 2.46
O7 NAG H . 10.61 -49.50 2.63
H2 NAG H . 12.09 -48.01 0.91
H3 NAG H . 14.28 -46.96 1.97
H4 NAG H . 12.65 -44.81 1.08
H5 NAG H . 13.31 -45.48 3.76
H61 NAG H . 13.28 -43.28 3.93
H62 NAG H . 11.75 -43.63 4.24
H81 NAG H . 11.48 -50.98 4.41
H82 NAG H . 12.32 -49.79 5.06
H83 NAG H . 12.99 -50.76 3.98
HN2 NAG H . 13.40 -48.43 3.18
HO3 NAG H . 14.76 -46.99 -0.02
HO4 NAG H . 14.31 -43.58 1.75
HO6 NAG H . 11.41 -43.26 2.00
#